data_6RAP
#
_entry.id   6RAP
#
_cell.length_a   1.000
_cell.length_b   1.000
_cell.length_c   1.000
_cell.angle_alpha   90.00
_cell.angle_beta   90.00
_cell.angle_gamma   90.00
#
_symmetry.space_group_name_H-M   'P 1'
#
loop_
_entity.id
_entity.type
_entity.pdbx_description
1 polymer Afp1
2 polymer Afp2
3 polymer Afp3
4 polymer Afp16
#
loop_
_entity_poly.entity_id
_entity_poly.type
_entity_poly.pdbx_seq_one_letter_code
_entity_poly.pdbx_strand_id
1 'polypeptide(L)'
;MAITADDIAVQYPIPTYRFIVTLGDEQVPFTSASGLDINFDTIEYRDGTGNWFKMPGQRQAPNITLSKGVFPGKNAMYEW
INAIQLNQVEKKDIMISLTNEAGTEVLVSWNVSNAFPTSLTSPSFDATSNEIAVQQITLMADRVTIQTA
;
B,A
2 'polypeptide(L)'
;MTVTTTYPGVYLSEDAVSSFSVNSAATAVPLFAYDSENTNTINKPIQVFRNWAEFTVEYPTPLEDAFYTSLSLWFMHGGG
KCYLVNEANIADAVAQYDDITLIVAAGTDTTTYTAFTTVVGQGYRIFGLFDGPKEKIAGTAKPDEVMEEYPTSPFGAVFY
PWGTLASGAAVPPSAIAAASITQTDRTRGVWKAPANQAVNGVTPAFAVSDDFQGKYNQGKALNMIRTFSGQGTVVWGART
LEDSDNWRYIPVRRLFNAVERDIQKSLNKLVFEPNSQPTWQRVKAAVDSYLHSLWQQGALAGNTPADAWFVQVGKDLTMT
QEEINQGKMIIKIGLAAVRPAEFIILQFSQDIAQ
;
C
3 'polypeptide(L)'
;MATVTSVPGVYIEEDASPAMSVSASATAVPLFVARFTPLKPELAGVITRIGSWLDYTILFDSNVPSSARVTVSSTAVEPS
PEFDALETASSKATTTYTYQIDDTEVVDPTASVALRLYFQNGGGPCYLYPLEKADDNGPLAALPDLIDEVGEITLLASPD
PDETYRTAVYGALAASLDQHKGYFLLADSVNGDAPSAVGGSAQVAVYYPNVEVPHTRKLDDAEVAIDGYLDDEGKAVTTL
AALRVVNTEFAGEIAQSLSGDLSAPLSLPPSALIAGVYGKTDGERGVWKAPANVVLNGVSDVSVRVTNEQQAELNPKGIN
VIRHFSDRGLVVWGSRTQKDDDDWRYIPVRRLFDAAERDIKKALQPMVFEPNSQLTWKRVQTAIDNYLYRLWQQGALAGN
KAEEAYFVRVGKGITMTQDEINQGKMIIQVGMAAVRPAEFIILKFTQDMSQ
;
D
4 'polypeptide(L)'
;MSMSNYQTLVDVNNAMNKMLRAYVNEAVAIRFDLPDVDATQADAAISVFLYDIHEDLQLRTAESRGFNAGAGRLLPGWVN
VKCNYLITYWESTGPATDADNPDSQPDNQAIQVMSQVLAALINNRQLADIPGAYTQVMPPKENLNSLGNFWQSLGNRPRL
SLNYCVTVPISLSDKGEEMTPVKSLSTTVEPKAPLSPLVITDALREQLRVALGGDYDACLAMTHVNLDSSPVANSDGSAA
EIRVSLRVYGMTPTEYLAPMNTVFNEWEKSEAAAVTPDGYRVYINAVDKTDLTGI
;
E
#
# COMPACT_ATOMS: atom_id res chain seq x y z
N ALA A 2 -23.94 25.87 -12.66
CA ALA A 2 -23.06 24.76 -12.94
C ALA A 2 -21.61 25.13 -12.67
N ILE A 3 -20.95 24.33 -11.85
CA ILE A 3 -19.57 24.62 -11.45
C ILE A 3 -18.60 23.54 -11.93
N THR A 4 -19.09 22.34 -12.33
CA THR A 4 -18.36 21.24 -12.97
C THR A 4 -17.02 20.89 -12.33
N ALA A 5 -17.07 20.15 -11.22
CA ALA A 5 -16.03 19.94 -10.20
C ALA A 5 -14.58 19.79 -10.64
N ASP A 6 -14.32 19.47 -11.91
CA ASP A 6 -12.97 19.64 -12.45
C ASP A 6 -12.53 21.09 -12.43
N ASP A 7 -13.45 22.05 -12.43
CA ASP A 7 -13.08 23.45 -12.22
C ASP A 7 -12.86 23.78 -10.75
N ILE A 8 -13.44 23.01 -9.83
CA ILE A 8 -13.15 23.18 -8.41
C ILE A 8 -11.71 22.78 -8.12
N ALA A 9 -11.19 21.79 -8.85
CA ALA A 9 -9.81 21.37 -8.69
C ALA A 9 -8.81 22.33 -9.32
N VAL A 10 -9.27 23.42 -9.94
CA VAL A 10 -8.38 24.40 -10.54
C VAL A 10 -8.42 25.72 -9.79
N GLN A 11 -9.61 26.21 -9.44
CA GLN A 11 -9.75 27.58 -8.96
C GLN A 11 -10.38 27.73 -7.59
N TYR A 12 -10.72 26.64 -6.91
CA TYR A 12 -11.13 26.78 -5.52
C TYR A 12 -9.94 26.53 -4.60
N PRO A 13 -9.94 27.13 -3.40
CA PRO A 13 -8.82 26.93 -2.48
C PRO A 13 -8.81 25.53 -1.89
N ILE A 14 -7.76 25.25 -1.12
CA ILE A 14 -7.45 23.92 -0.63
C ILE A 14 -7.65 23.91 0.88
N PRO A 15 -8.34 22.93 1.45
CA PRO A 15 -8.44 22.83 2.90
C PRO A 15 -7.20 22.19 3.51
N THR A 16 -7.18 22.14 4.85
CA THR A 16 -5.99 21.74 5.60
C THR A 16 -6.14 20.41 6.33
N TYR A 17 -7.16 19.62 6.03
CA TYR A 17 -7.35 18.38 6.76
C TYR A 17 -6.79 17.17 6.04
N ARG A 18 -6.31 17.31 4.81
CA ARG A 18 -5.82 16.19 4.03
C ARG A 18 -4.37 16.47 3.66
N PHE A 19 -3.44 15.79 4.33
CA PHE A 19 -2.03 16.04 4.10
C PHE A 19 -1.23 14.77 4.38
N ILE A 20 -0.17 14.58 3.59
CA ILE A 20 0.75 13.47 3.74
C ILE A 20 2.10 14.04 4.18
N VAL A 21 2.68 13.44 5.20
CA VAL A 21 3.97 13.86 5.73
C VAL A 21 5.00 12.81 5.36
N THR A 22 5.88 13.15 4.42
CA THR A 22 6.99 12.29 4.04
C THR A 22 8.20 12.67 4.90
N LEU A 23 8.64 11.74 5.74
CA LEU A 23 9.62 11.99 6.79
C LEU A 23 10.88 11.21 6.45
N GLY A 24 11.78 11.85 5.71
CA GLY A 24 12.96 11.17 5.22
C GLY A 24 12.65 10.40 3.97
N ASP A 25 12.50 9.08 4.11
CA ASP A 25 12.09 8.21 3.02
C ASP A 25 10.83 7.43 3.34
N GLU A 26 10.16 7.75 4.46
CA GLU A 26 8.99 7.02 4.89
C GLU A 26 7.84 7.99 5.08
N GLN A 27 6.62 7.46 5.01
CA GLN A 27 5.43 8.22 5.34
C GLN A 27 5.00 7.88 6.75
N VAL A 28 4.85 8.92 7.58
CA VAL A 28 4.42 8.74 8.96
C VAL A 28 3.12 9.53 9.14
N PRO A 29 2.06 8.93 9.67
CA PRO A 29 0.80 9.67 9.83
C PRO A 29 0.85 10.60 11.02
N PHE A 30 0.62 11.89 10.78
CA PHE A 30 0.59 12.89 11.83
C PHE A 30 -0.80 13.50 11.92
N THR A 31 -1.09 14.09 13.08
CA THR A 31 -2.35 14.77 13.31
C THR A 31 -2.25 16.25 13.01
N SER A 32 -1.21 16.92 13.49
CA SER A 32 -1.02 18.34 13.27
C SER A 32 0.37 18.61 12.73
N ALA A 33 0.52 19.79 12.14
CA ALA A 33 1.78 20.23 11.55
C ALA A 33 1.72 21.74 11.40
N SER A 34 2.62 22.45 12.07
CA SER A 34 2.65 23.90 11.96
C SER A 34 4.07 24.42 12.12
N GLY A 35 4.25 25.69 11.75
CA GLY A 35 5.52 26.35 11.95
C GLY A 35 6.46 26.34 10.77
N LEU A 36 5.96 26.18 9.56
CA LEU A 36 6.82 26.09 8.38
C LEU A 36 6.92 27.45 7.72
N ASP A 37 7.48 28.39 8.47
CA ASP A 37 7.48 29.80 8.10
C ASP A 37 8.76 30.16 7.35
N ILE A 38 8.72 31.30 6.68
CA ILE A 38 9.88 31.89 6.02
C ILE A 38 10.03 33.30 6.58
N ASN A 39 10.98 33.49 7.50
CA ASN A 39 11.14 34.74 8.20
C ASN A 39 12.50 35.35 7.90
N PHE A 40 12.53 36.65 7.64
CA PHE A 40 13.75 37.40 7.43
C PHE A 40 13.95 38.40 8.56
N ASP A 41 15.18 38.89 8.69
CA ASP A 41 15.48 40.01 9.56
C ASP A 41 15.47 41.31 8.75
N THR A 42 15.72 42.42 9.44
CA THR A 42 15.60 43.74 8.84
C THR A 42 16.87 44.54 9.11
N ILE A 43 17.46 45.06 8.04
CA ILE A 43 18.56 46.01 8.13
C ILE A 43 18.00 47.40 7.91
N GLU A 44 18.44 48.36 8.70
CA GLU A 44 18.01 49.74 8.57
C GLU A 44 19.21 50.67 8.60
N TYR A 45 19.08 51.78 7.89
CA TYR A 45 20.16 52.76 7.84
C TYR A 45 19.57 54.14 7.57
N ARG A 46 19.87 55.09 8.46
CA ARG A 46 19.39 56.45 8.31
C ARG A 46 20.57 57.40 8.32
N ASP A 47 20.52 58.41 7.45
CA ASP A 47 21.49 59.49 7.45
C ASP A 47 20.80 60.79 7.84
N GLY A 48 21.59 61.85 7.93
CA GLY A 48 21.03 63.11 8.37
C GLY A 48 20.22 63.84 7.33
N THR A 49 20.33 63.45 6.07
CA THR A 49 19.62 64.14 5.01
C THR A 49 18.18 63.68 4.87
N GLY A 50 17.84 62.50 5.36
CA GLY A 50 16.49 61.98 5.29
C GLY A 50 16.34 60.64 4.64
N ASN A 51 17.40 60.08 4.06
CA ASN A 51 17.30 58.80 3.37
C ASN A 51 17.21 57.68 4.39
N TRP A 52 16.09 56.98 4.42
CA TRP A 52 15.96 55.75 5.18
C TRP A 52 16.21 54.62 4.21
N PHE A 53 17.07 53.68 4.57
CA PHE A 53 17.36 52.53 3.73
C PHE A 53 16.90 51.27 4.44
N LYS A 54 15.88 50.60 3.88
CA LYS A 54 15.29 49.41 4.47
C LYS A 54 15.62 48.22 3.58
N MET A 55 16.12 47.16 4.21
CA MET A 55 16.69 46.01 3.50
C MET A 55 16.33 44.74 4.24
N PRO A 56 16.12 43.63 3.52
CA PRO A 56 15.98 42.34 4.19
C PRO A 56 17.31 41.87 4.72
N GLY A 57 17.30 41.34 5.94
CA GLY A 57 18.48 40.79 6.57
C GLY A 57 18.77 39.39 6.10
N GLN A 58 19.23 38.56 7.03
CA GLN A 58 19.43 37.15 6.75
C GLN A 58 18.31 36.34 7.41
N ARG A 59 17.83 35.34 6.67
CA ARG A 59 16.70 34.56 7.15
C ARG A 59 17.12 33.61 8.24
N GLN A 60 16.28 33.47 9.25
CA GLN A 60 16.62 32.61 10.37
C GLN A 60 15.95 31.25 10.24
N ALA A 61 16.28 30.38 11.19
CA ALA A 61 15.92 28.97 11.07
C ALA A 61 14.44 28.75 11.37
N PRO A 62 13.79 27.86 10.65
CA PRO A 62 12.41 27.49 10.99
C PRO A 62 12.36 26.51 12.13
N ASN A 63 11.28 26.59 12.90
CA ASN A 63 11.02 25.63 13.97
C ASN A 63 9.67 24.97 13.70
N ILE A 64 9.72 23.72 13.26
CA ILE A 64 8.54 22.98 12.82
C ILE A 64 8.13 22.05 13.95
N THR A 65 6.85 22.07 14.30
CA THR A 65 6.32 21.18 15.32
C THR A 65 5.29 20.24 14.70
N LEU A 66 5.43 18.95 14.99
CA LEU A 66 4.56 17.90 14.51
C LEU A 66 3.97 17.19 15.71
N SER A 67 2.79 16.60 15.54
CA SER A 67 2.19 15.83 16.63
C SER A 67 1.41 14.65 16.09
N LYS A 68 1.62 13.49 16.69
CA LYS A 68 0.90 12.27 16.30
C LYS A 68 0.55 11.50 17.57
N GLY A 69 -0.28 10.47 17.40
CA GLY A 69 -0.73 9.68 18.52
C GLY A 69 0.21 8.55 18.87
N VAL A 70 0.02 8.00 20.06
CA VAL A 70 0.83 6.90 20.56
C VAL A 70 0.15 5.59 20.20
N PHE A 71 0.86 4.74 19.48
CA PHE A 71 0.41 3.46 18.98
C PHE A 71 1.11 2.32 19.70
N PRO A 72 0.51 1.13 19.78
CA PRO A 72 1.10 0.07 20.61
C PRO A 72 2.38 -0.55 20.06
N GLY A 73 2.78 -0.24 18.84
CA GLY A 73 3.97 -0.86 18.29
C GLY A 73 5.26 -0.20 18.72
N LYS A 74 6.10 0.11 17.74
CA LYS A 74 7.41 0.70 17.93
C LYS A 74 7.35 2.20 17.71
N ASN A 75 7.99 2.94 18.60
CA ASN A 75 7.96 4.40 18.57
C ASN A 75 9.09 4.91 17.68
N ALA A 76 8.74 5.38 16.48
CA ALA A 76 9.75 5.80 15.54
C ALA A 76 10.31 7.18 15.86
N MET A 77 9.58 8.00 16.60
CA MET A 77 10.06 9.33 16.95
C MET A 77 10.93 9.34 18.20
N TYR A 78 10.77 8.34 19.07
CA TYR A 78 11.73 8.17 20.16
C TYR A 78 13.04 7.62 19.64
N GLU A 79 13.00 6.74 18.65
CA GLU A 79 14.21 6.15 18.10
C GLU A 79 15.05 7.12 17.29
N TRP A 80 14.51 8.29 16.95
CA TRP A 80 15.26 9.30 16.22
C TRP A 80 15.76 10.42 17.10
N ILE A 81 15.13 10.65 18.26
CA ILE A 81 15.64 11.59 19.24
C ILE A 81 16.52 10.92 20.28
N ASN A 82 16.52 9.58 20.35
CA ASN A 82 17.45 8.90 21.24
C ASN A 82 18.82 8.72 20.60
N ALA A 83 18.93 8.87 19.29
CA ALA A 83 20.19 8.68 18.59
C ALA A 83 20.94 10.02 18.44
N ILE A 84 21.08 10.71 19.55
CA ILE A 84 21.87 11.95 19.62
C ILE A 84 23.15 11.63 20.37
N GLN A 85 24.29 11.85 19.72
CA GLN A 85 25.59 11.74 20.39
C GLN A 85 26.34 13.04 20.15
N LEU A 86 25.98 14.08 20.91
CA LEU A 86 26.68 15.35 21.14
C LEU A 86 26.77 16.29 19.94
N ASN A 87 26.74 15.74 18.74
CA ASN A 87 26.55 16.47 17.49
C ASN A 87 25.72 15.70 16.50
N GLN A 88 25.65 14.39 16.65
CA GLN A 88 25.43 13.47 15.55
C GLN A 88 23.97 13.07 15.55
N VAL A 89 23.25 13.50 14.52
CA VAL A 89 21.85 13.19 14.35
C VAL A 89 21.63 12.92 12.86
N GLU A 90 20.82 11.92 12.56
CA GLU A 90 20.39 11.72 11.18
C GLU A 90 19.44 12.84 10.79
N LYS A 91 19.92 13.79 10.00
CA LYS A 91 19.03 14.78 9.42
C LYS A 91 18.12 14.12 8.41
N LYS A 92 16.89 14.63 8.30
CA LYS A 92 15.94 14.09 7.36
C LYS A 92 15.29 15.22 6.56
N ASP A 93 14.75 14.87 5.40
CA ASP A 93 14.00 15.77 4.55
C ASP A 93 12.53 15.64 4.90
N ILE A 94 11.89 16.75 5.26
CA ILE A 94 10.46 16.72 5.57
C ILE A 94 9.72 17.20 4.35
N MET A 95 8.65 16.49 3.99
CA MET A 95 7.74 16.93 2.94
C MET A 95 6.33 16.85 3.49
N ILE A 96 5.64 17.98 3.54
CA ILE A 96 4.25 18.02 3.99
C ILE A 96 3.42 18.52 2.82
N SER A 97 2.68 17.62 2.19
CA SER A 97 2.00 17.88 0.93
C SER A 97 0.49 17.84 1.15
N LEU A 98 -0.19 18.91 0.77
CA LEU A 98 -1.64 18.88 0.68
C LEU A 98 -2.05 18.02 -0.50
N THR A 99 -2.88 17.01 -0.23
CA THR A 99 -3.08 15.91 -1.16
C THR A 99 -4.57 15.88 -1.52
N ASN A 100 -4.91 15.10 -2.55
CA ASN A 100 -6.32 14.85 -2.82
C ASN A 100 -6.88 13.84 -1.82
N GLU A 101 -8.17 13.57 -1.94
CA GLU A 101 -8.86 12.73 -0.96
C GLU A 101 -8.45 11.26 -1.11
N ALA A 102 -8.03 10.86 -2.31
CA ALA A 102 -7.50 9.52 -2.50
C ALA A 102 -6.11 9.36 -1.92
N GLY A 103 -5.32 10.42 -1.88
CA GLY A 103 -3.99 10.38 -1.33
C GLY A 103 -2.87 10.12 -2.32
N THR A 104 -3.11 10.34 -3.62
CA THR A 104 -2.17 9.89 -4.64
C THR A 104 -1.55 11.01 -5.46
N GLU A 105 -1.97 12.27 -5.26
CA GLU A 105 -1.36 13.34 -6.03
C GLU A 105 -1.31 14.63 -5.21
N VAL A 106 -0.21 15.36 -5.36
CA VAL A 106 0.10 16.54 -4.56
C VAL A 106 -0.56 17.76 -5.18
N LEU A 107 -1.23 18.56 -4.35
CA LEU A 107 -1.77 19.84 -4.79
C LEU A 107 -0.73 20.95 -4.60
N VAL A 108 -0.19 21.07 -3.39
CA VAL A 108 0.87 22.00 -3.07
C VAL A 108 1.65 21.43 -1.88
N SER A 109 2.95 21.62 -1.86
CA SER A 109 3.81 20.99 -0.86
C SER A 109 4.71 22.02 -0.19
N TRP A 110 5.03 21.76 1.07
CA TRP A 110 5.99 22.53 1.85
C TRP A 110 7.16 21.64 2.20
N ASN A 111 8.32 21.93 1.64
CA ASN A 111 9.51 21.11 1.81
C ASN A 111 10.44 21.73 2.84
N VAL A 112 11.15 20.88 3.57
CA VAL A 112 12.00 21.27 4.69
C VAL A 112 13.30 20.49 4.59
N SER A 113 14.43 21.21 4.63
CA SER A 113 15.67 20.65 4.08
C SER A 113 16.39 19.72 5.04
N ASN A 114 16.91 20.23 6.16
CA ASN A 114 17.73 19.40 7.05
C ASN A 114 17.18 19.52 8.46
N ALA A 115 16.20 18.69 8.78
CA ALA A 115 15.52 18.77 10.06
C ALA A 115 16.06 17.73 11.02
N PHE A 116 16.16 18.11 12.29
CA PHE A 116 16.58 17.19 13.34
C PHE A 116 15.76 17.52 14.59
N PRO A 117 15.46 16.54 15.43
CA PRO A 117 14.57 16.81 16.57
C PRO A 117 15.28 17.52 17.71
N THR A 118 14.57 18.48 18.29
CA THR A 118 15.06 19.18 19.47
C THR A 118 14.21 18.93 20.70
N SER A 119 12.97 18.46 20.56
CA SER A 119 12.15 18.15 21.71
C SER A 119 11.15 17.05 21.36
N LEU A 120 10.63 16.40 22.39
CA LEU A 120 9.62 15.35 22.26
C LEU A 120 8.85 15.31 23.57
N THR A 121 7.59 15.74 23.55
CA THR A 121 6.80 15.85 24.77
C THR A 121 5.98 14.58 24.98
N SER A 122 5.88 14.16 26.23
CA SER A 122 5.03 13.04 26.58
C SER A 122 3.57 13.48 26.59
N PRO A 123 2.62 12.55 26.45
CA PRO A 123 1.22 12.92 26.63
C PRO A 123 0.91 13.24 28.09
N SER A 124 -0.16 14.00 28.28
CA SER A 124 -0.60 14.37 29.62
C SER A 124 -1.54 13.30 30.15
N PHE A 125 -1.10 12.59 31.17
CA PHE A 125 -1.84 11.48 31.75
C PHE A 125 -2.86 12.04 32.72
N ASP A 126 -4.13 11.74 32.51
CA ASP A 126 -5.20 12.21 33.38
C ASP A 126 -6.24 11.11 33.48
N ALA A 127 -6.61 10.75 34.71
CA ALA A 127 -7.55 9.65 34.92
C ALA A 127 -8.99 10.04 34.64
N THR A 128 -9.28 11.32 34.42
CA THR A 128 -10.63 11.80 34.19
C THR A 128 -10.77 12.41 32.81
N SER A 129 -10.11 11.83 31.80
CA SER A 129 -10.10 12.42 30.47
C SER A 129 -10.24 11.32 29.43
N ASN A 130 -11.11 11.56 28.45
CA ASN A 130 -11.28 10.67 27.31
C ASN A 130 -10.56 11.24 26.09
N GLU A 131 -9.24 11.07 26.08
CA GLU A 131 -8.39 11.61 25.03
C GLU A 131 -7.39 10.55 24.58
N ILE A 132 -6.71 10.86 23.47
CA ILE A 132 -5.70 10.00 22.89
C ILE A 132 -4.33 10.54 23.27
N ALA A 133 -3.42 9.62 23.61
CA ALA A 133 -2.04 9.96 23.96
C ALA A 133 -1.32 10.52 22.74
N VAL A 134 -0.97 11.80 22.79
CA VAL A 134 -0.38 12.51 21.66
C VAL A 134 1.01 12.99 22.05
N GLN A 135 2.02 12.48 21.36
CA GLN A 135 3.36 13.03 21.44
C GLN A 135 3.49 14.20 20.48
N GLN A 136 4.31 15.17 20.85
CA GLN A 136 4.53 16.35 20.03
C GLN A 136 6.03 16.60 19.90
N ILE A 137 6.54 16.41 18.68
CA ILE A 137 7.96 16.59 18.39
C ILE A 137 8.16 17.92 17.69
N THR A 138 9.21 18.63 18.08
CA THR A 138 9.59 19.88 17.41
C THR A 138 10.92 19.69 16.70
N LEU A 139 11.00 20.25 15.51
CA LEU A 139 12.14 20.05 14.63
C LEU A 139 12.80 21.39 14.37
N MET A 140 14.07 21.35 14.00
CA MET A 140 14.79 22.54 13.59
C MET A 140 15.51 22.28 12.29
N ALA A 141 15.31 23.17 11.32
CA ALA A 141 15.91 23.03 10.00
C ALA A 141 16.56 24.32 9.52
N ASP A 142 16.89 24.37 8.24
CA ASP A 142 17.57 25.53 7.69
C ASP A 142 16.81 26.21 6.56
N ARG A 143 15.96 25.47 5.84
CA ARG A 143 15.28 26.07 4.70
C ARG A 143 13.88 25.49 4.59
N VAL A 144 12.93 26.33 4.21
CA VAL A 144 11.57 25.92 3.88
C VAL A 144 11.31 26.28 2.42
N THR A 145 10.92 25.29 1.63
CA THR A 145 10.67 25.44 0.21
C THR A 145 9.22 25.05 -0.08
N ILE A 146 8.56 25.84 -0.93
CA ILE A 146 7.19 25.57 -1.35
C ILE A 146 7.22 25.19 -2.82
N GLN A 147 6.95 23.93 -3.13
CA GLN A 147 6.73 23.50 -4.51
C GLN A 147 5.25 23.37 -4.76
N THR A 148 4.81 23.87 -5.91
CA THR A 148 3.40 23.84 -6.30
C THR A 148 3.28 23.10 -7.63
N ALA A 149 2.40 22.12 -7.67
CA ALA A 149 2.21 21.30 -8.87
C ALA A 149 0.82 20.69 -8.88
N MET B 1 -39.42 18.57 -17.29
CA MET B 1 -40.77 18.22 -17.72
C MET B 1 -40.87 16.72 -17.67
N ALA B 2 -42.09 16.22 -17.56
CA ALA B 2 -42.28 14.78 -17.57
C ALA B 2 -42.30 14.38 -19.03
N ILE B 3 -41.15 14.55 -19.69
CA ILE B 3 -41.03 14.23 -21.11
C ILE B 3 -40.65 12.78 -21.39
N THR B 4 -41.52 11.85 -21.05
CA THR B 4 -41.23 10.46 -21.33
C THR B 4 -41.78 10.04 -22.69
N ALA B 5 -42.58 10.93 -23.28
CA ALA B 5 -43.25 10.84 -24.60
C ALA B 5 -44.48 9.93 -24.66
N ASP B 6 -44.83 9.35 -23.52
CA ASP B 6 -45.99 8.48 -23.38
C ASP B 6 -46.36 8.44 -21.88
N ASP B 7 -47.57 8.01 -21.57
CA ASP B 7 -48.04 8.03 -20.19
C ASP B 7 -47.25 7.06 -19.31
N ILE B 8 -46.74 7.59 -18.20
CA ILE B 8 -45.99 6.80 -17.24
C ILE B 8 -46.83 6.57 -16.00
N ALA B 9 -46.84 5.32 -15.53
CA ALA B 9 -47.56 4.90 -14.33
C ALA B 9 -47.04 5.63 -13.11
N VAL B 10 -47.94 5.90 -12.16
CA VAL B 10 -47.57 6.65 -10.97
C VAL B 10 -47.01 5.71 -9.92
N GLN B 11 -46.15 6.25 -9.07
CA GLN B 11 -45.47 5.49 -8.04
C GLN B 11 -45.78 6.12 -6.69
N TYR B 12 -46.12 5.31 -5.74
CA TYR B 12 -46.18 5.91 -4.43
C TYR B 12 -44.97 5.50 -3.61
N PRO B 13 -44.51 6.35 -2.70
CA PRO B 13 -43.36 5.99 -1.86
C PRO B 13 -43.68 4.84 -0.92
N ILE B 14 -42.67 4.03 -0.67
CA ILE B 14 -42.88 2.78 0.06
C ILE B 14 -42.88 3.05 1.56
N PRO B 15 -43.72 2.36 2.34
CA PRO B 15 -43.94 2.75 3.74
C PRO B 15 -42.75 2.47 4.64
N THR B 16 -42.79 3.11 5.81
CA THR B 16 -41.68 2.98 6.75
C THR B 16 -41.67 1.61 7.42
N TYR B 17 -42.83 0.97 7.56
CA TYR B 17 -42.89 -0.20 8.43
C TYR B 17 -42.26 -1.42 7.79
N ARG B 18 -42.32 -1.54 6.47
CA ARG B 18 -41.79 -2.73 5.81
C ARG B 18 -40.29 -2.54 5.57
N PHE B 19 -39.51 -2.81 6.61
CA PHE B 19 -38.06 -2.77 6.49
C PHE B 19 -37.50 -4.00 7.20
N ILE B 20 -36.18 -4.12 7.18
CA ILE B 20 -35.47 -5.31 7.61
C ILE B 20 -34.05 -4.93 7.97
N VAL B 21 -33.60 -5.31 9.17
CA VAL B 21 -32.27 -4.93 9.63
C VAL B 21 -31.39 -6.09 10.09
N THR B 22 -30.17 -6.15 9.55
CA THR B 22 -29.21 -7.17 9.93
C THR B 22 -27.98 -6.46 10.50
N LEU B 23 -27.60 -6.79 11.73
CA LEU B 23 -26.44 -6.16 12.35
C LEU B 23 -25.17 -6.50 11.58
N GLY B 24 -25.07 -7.75 11.18
CA GLY B 24 -23.95 -8.28 10.44
C GLY B 24 -23.82 -9.71 10.89
N ASP B 25 -23.96 -10.61 9.92
CA ASP B 25 -23.91 -12.09 10.06
C ASP B 25 -25.15 -12.73 10.72
N GLU B 26 -26.17 -11.92 10.98
CA GLU B 26 -27.42 -12.36 11.58
C GLU B 26 -28.49 -11.31 11.30
N GLN B 27 -29.76 -11.68 11.39
CA GLN B 27 -30.85 -10.74 11.16
C GLN B 27 -31.57 -10.52 12.48
N VAL B 28 -31.80 -9.27 12.84
CA VAL B 28 -32.41 -8.99 14.13
C VAL B 28 -33.72 -8.24 13.88
N PRO B 29 -34.83 -8.63 14.51
CA PRO B 29 -36.06 -7.83 14.38
C PRO B 29 -36.07 -6.66 15.36
N PHE B 30 -36.01 -5.45 14.83
CA PHE B 30 -36.09 -4.24 15.64
C PHE B 30 -37.47 -3.61 15.50
N THR B 31 -37.68 -2.53 16.24
CA THR B 31 -38.89 -1.73 16.16
C THR B 31 -38.65 -0.39 15.48
N SER B 32 -37.53 0.25 15.74
CA SER B 32 -37.24 1.54 15.13
C SER B 32 -35.77 1.60 14.77
N ALA B 33 -35.44 2.54 13.87
CA ALA B 33 -34.10 2.66 13.31
C ALA B 33 -33.96 4.04 12.72
N SER B 34 -33.05 4.85 13.24
CA SER B 34 -33.00 6.25 12.85
C SER B 34 -31.55 6.71 12.73
N GLY B 35 -31.39 7.88 12.12
CA GLY B 35 -30.11 8.55 12.13
C GLY B 35 -29.07 8.02 11.17
N LEU B 36 -29.48 7.50 10.02
CA LEU B 36 -28.53 6.98 9.03
C LEU B 36 -28.33 8.06 7.99
N ASP B 37 -27.60 9.11 8.35
CA ASP B 37 -27.54 10.31 7.53
C ASP B 37 -26.14 10.48 6.95
N ILE B 38 -26.09 10.96 5.72
CA ILE B 38 -24.87 11.49 5.13
C ILE B 38 -24.84 12.97 5.48
N ASN B 39 -23.85 13.40 6.25
CA ASN B 39 -23.74 14.80 6.65
C ASN B 39 -22.33 15.31 6.35
N PHE B 40 -22.24 16.40 5.59
CA PHE B 40 -21.01 17.14 5.40
C PHE B 40 -21.10 18.42 6.19
N ASP B 41 -19.97 19.06 6.45
CA ASP B 41 -19.96 20.38 7.06
C ASP B 41 -19.07 21.31 6.23
N THR B 42 -19.62 22.47 5.87
CA THR B 42 -19.06 23.26 4.79
C THR B 42 -17.80 24.00 5.20
N ILE B 43 -17.03 24.41 4.20
CA ILE B 43 -15.85 25.25 4.38
C ILE B 43 -16.05 26.46 3.48
N GLU B 44 -15.81 27.64 4.02
CA GLU B 44 -16.05 28.86 3.28
C GLU B 44 -14.81 29.73 3.26
N TYR B 45 -14.77 30.61 2.26
CA TYR B 45 -13.64 31.53 2.09
C TYR B 45 -14.17 32.75 1.38
N ARG B 46 -14.49 33.78 2.13
CA ARG B 46 -14.86 35.07 1.59
C ARG B 46 -13.63 35.89 1.29
N ASP B 47 -13.76 36.78 0.32
CA ASP B 47 -12.67 37.44 -0.34
C ASP B 47 -13.00 38.92 -0.48
N GLY B 48 -11.96 39.75 -0.56
CA GLY B 48 -12.15 41.18 -0.58
C GLY B 48 -12.79 41.70 -1.85
N THR B 49 -12.44 41.13 -3.00
CA THR B 49 -13.07 41.51 -4.25
C THR B 49 -14.53 41.08 -4.31
N GLY B 50 -14.90 40.05 -3.56
CA GLY B 50 -16.29 39.74 -3.32
C GLY B 50 -16.74 38.35 -3.69
N ASN B 51 -15.89 37.48 -4.20
CA ASN B 51 -16.33 36.14 -4.58
C ASN B 51 -16.30 35.22 -3.37
N TRP B 52 -17.46 34.67 -3.04
CA TRP B 52 -17.59 33.73 -1.95
C TRP B 52 -17.25 32.35 -2.50
N PHE B 53 -16.49 31.57 -1.77
CA PHE B 53 -16.19 30.20 -2.17
C PHE B 53 -16.80 29.27 -1.16
N LYS B 54 -17.72 28.42 -1.61
CA LYS B 54 -18.39 27.46 -0.74
C LYS B 54 -18.08 26.06 -1.20
N MET B 55 -17.73 25.20 -0.25
CA MET B 55 -17.20 23.88 -0.51
C MET B 55 -17.75 22.92 0.54
N PRO B 56 -17.81 21.63 0.25
CA PRO B 56 -18.01 20.65 1.30
C PRO B 56 -16.72 20.44 2.10
N GLY B 57 -16.89 19.84 3.27
CA GLY B 57 -15.72 19.51 4.05
C GLY B 57 -15.63 18.03 4.33
N GLN B 58 -15.36 17.69 5.58
CA GLN B 58 -15.36 16.29 5.96
C GLN B 58 -16.79 15.78 6.04
N ARG B 59 -16.96 14.47 5.99
CA ARG B 59 -18.28 13.89 6.19
C ARG B 59 -18.39 13.38 7.61
N GLN B 60 -19.45 13.80 8.29
CA GLN B 60 -19.55 13.64 9.72
C GLN B 60 -19.88 12.20 10.08
N ALA B 61 -19.53 11.82 11.29
CA ALA B 61 -19.75 10.47 11.77
C ALA B 61 -21.22 10.28 12.14
N PRO B 62 -21.88 9.24 11.67
CA PRO B 62 -23.29 9.06 11.98
C PRO B 62 -23.51 8.57 13.38
N ASN B 63 -24.69 8.84 13.91
CA ASN B 63 -25.08 8.42 15.26
C ASN B 63 -26.43 7.73 15.16
N ILE B 64 -26.37 6.44 14.93
CA ILE B 64 -27.53 5.61 14.61
C ILE B 64 -28.21 5.20 15.90
N THR B 65 -29.53 5.14 15.89
CA THR B 65 -30.33 4.74 17.04
C THR B 65 -31.20 3.57 16.62
N LEU B 66 -31.28 2.56 17.48
CA LEU B 66 -32.05 1.35 17.22
C LEU B 66 -32.78 0.98 18.50
N SER B 67 -34.08 0.70 18.41
CA SER B 67 -34.84 0.31 19.58
C SER B 67 -35.55 -1.01 19.33
N LYS B 68 -35.84 -1.70 20.42
CA LYS B 68 -36.35 -3.06 20.37
C LYS B 68 -36.98 -3.38 21.72
N GLY B 69 -38.03 -4.19 21.71
CA GLY B 69 -38.62 -4.63 22.96
C GLY B 69 -37.73 -5.60 23.71
N VAL B 70 -38.01 -5.73 25.00
CA VAL B 70 -37.25 -6.63 25.87
C VAL B 70 -38.00 -7.95 25.96
N PHE B 71 -37.34 -9.02 25.55
CA PHE B 71 -37.89 -10.35 25.42
C PHE B 71 -37.32 -11.29 26.47
N PRO B 72 -38.03 -12.35 26.83
CA PRO B 72 -37.44 -13.40 27.64
C PRO B 72 -36.42 -14.18 26.83
N GLY B 73 -35.20 -14.24 27.35
CA GLY B 73 -34.14 -14.97 26.69
C GLY B 73 -32.86 -14.17 26.67
N LYS B 74 -31.99 -14.52 25.73
CA LYS B 74 -30.66 -13.91 25.67
C LYS B 74 -30.73 -12.52 25.07
N ASN B 75 -30.12 -11.56 25.75
CA ASN B 75 -30.02 -10.18 25.26
C ASN B 75 -28.82 -10.12 24.33
N ALA B 76 -29.06 -10.09 23.02
CA ALA B 76 -27.96 -10.05 22.07
C ALA B 76 -27.34 -8.68 21.95
N MET B 77 -28.05 -7.63 22.35
CA MET B 77 -27.48 -6.29 22.32
C MET B 77 -26.64 -6.00 23.55
N TYR B 78 -26.83 -6.74 24.63
CA TYR B 78 -25.99 -6.57 25.80
C TYR B 78 -24.70 -7.36 25.71
N GLU B 79 -24.71 -8.53 25.08
CA GLU B 79 -23.50 -9.34 24.92
C GLU B 79 -22.49 -8.71 23.97
N TRP B 80 -22.88 -7.66 23.25
CA TRP B 80 -22.02 -6.90 22.36
C TRP B 80 -21.56 -5.59 22.97
N ILE B 81 -22.28 -5.06 23.95
CA ILE B 81 -21.80 -3.91 24.70
C ILE B 81 -21.10 -4.33 26.00
N ASN B 82 -21.28 -5.57 26.43
CA ASN B 82 -20.53 -6.08 27.58
C ASN B 82 -19.06 -6.24 27.24
N ALA B 83 -18.77 -6.70 26.03
CA ALA B 83 -17.43 -7.18 25.70
C ALA B 83 -16.57 -6.02 25.20
N ILE B 84 -16.34 -5.07 26.09
CA ILE B 84 -15.48 -3.92 25.81
C ILE B 84 -14.42 -3.86 26.91
N GLN B 85 -13.14 -3.89 26.52
CA GLN B 85 -12.06 -3.55 27.43
C GLN B 85 -11.20 -2.44 26.80
N LEU B 86 -11.61 -1.20 27.11
CA LEU B 86 -10.90 0.08 27.00
C LEU B 86 -10.72 0.67 25.62
N ASN B 87 -10.60 -0.14 24.58
CA ASN B 87 -10.85 0.31 23.22
C ASN B 87 -11.33 -0.86 22.39
N GLN B 88 -11.12 -2.07 22.91
CA GLN B 88 -11.54 -3.28 22.21
C GLN B 88 -13.05 -3.34 22.13
N VAL B 89 -13.59 -3.35 20.91
CA VAL B 89 -14.99 -3.64 20.68
C VAL B 89 -15.11 -4.21 19.27
N GLU B 90 -16.00 -5.18 19.10
CA GLU B 90 -16.13 -5.88 17.82
C GLU B 90 -17.08 -5.08 16.94
N LYS B 91 -16.52 -4.39 15.95
CA LYS B 91 -17.33 -3.62 15.00
C LYS B 91 -18.13 -4.57 14.11
N LYS B 92 -19.19 -4.05 13.51
CA LYS B 92 -20.11 -4.85 12.71
C LYS B 92 -20.67 -4.02 11.56
N ASP B 93 -21.09 -4.70 10.50
CA ASP B 93 -21.87 -4.06 9.44
C ASP B 93 -23.32 -3.96 9.86
N ILE B 94 -24.00 -2.91 9.39
CA ILE B 94 -25.44 -2.77 9.55
C ILE B 94 -26.02 -2.56 8.17
N MET B 95 -27.08 -3.30 7.84
CA MET B 95 -27.87 -3.05 6.63
C MET B 95 -29.33 -2.93 7.04
N ILE B 96 -29.95 -1.82 6.68
CA ILE B 96 -31.38 -1.61 6.91
C ILE B 96 -32.03 -1.50 5.54
N SER B 97 -32.50 -2.64 5.03
CA SER B 97 -33.12 -2.68 3.72
C SER B 97 -34.60 -2.34 3.84
N LEU B 98 -35.24 -2.18 2.69
CA LEU B 98 -36.61 -1.65 2.64
C LEU B 98 -37.35 -2.42 1.55
N THR B 99 -38.04 -3.48 1.94
CA THR B 99 -38.56 -4.49 1.03
C THR B 99 -39.89 -4.07 0.41
N ASN B 100 -40.44 -4.96 -0.43
CA ASN B 100 -41.77 -4.80 -0.98
C ASN B 100 -42.80 -5.41 -0.01
N GLU B 101 -44.02 -5.64 -0.50
CA GLU B 101 -45.10 -6.11 0.36
C GLU B 101 -44.84 -7.53 0.85
N ALA B 102 -44.45 -8.44 -0.04
CA ALA B 102 -44.17 -9.80 0.37
C ALA B 102 -42.86 -9.91 1.13
N GLY B 103 -41.96 -8.97 0.96
CA GLY B 103 -40.68 -9.01 1.63
C GLY B 103 -39.62 -9.81 0.93
N THR B 104 -39.87 -10.24 -0.30
CA THR B 104 -38.94 -11.09 -1.05
C THR B 104 -38.09 -10.31 -2.04
N GLU B 105 -38.20 -8.98 -2.06
CA GLU B 105 -37.41 -8.14 -2.95
C GLU B 105 -36.93 -6.94 -2.15
N VAL B 106 -35.62 -6.81 -1.98
CA VAL B 106 -35.06 -5.58 -1.46
C VAL B 106 -35.16 -4.49 -2.52
N LEU B 107 -35.56 -3.28 -2.12
CA LEU B 107 -35.75 -2.19 -3.05
C LEU B 107 -34.69 -1.11 -2.90
N VAL B 108 -34.54 -0.55 -1.70
CA VAL B 108 -33.50 0.41 -1.35
C VAL B 108 -32.93 -0.05 -0.02
N SER B 109 -31.61 0.01 0.14
CA SER B 109 -31.00 -0.32 1.42
C SER B 109 -29.94 0.71 1.80
N TRP B 110 -29.70 0.79 3.11
CA TRP B 110 -28.74 1.71 3.72
C TRP B 110 -27.66 0.90 4.42
N ASN B 111 -26.41 1.10 4.03
CA ASN B 111 -25.30 0.27 4.46
C ASN B 111 -24.39 1.05 5.40
N VAL B 112 -24.00 0.41 6.51
CA VAL B 112 -23.24 1.04 7.57
C VAL B 112 -22.04 0.16 7.86
N SER B 113 -20.85 0.75 8.00
CA SER B 113 -19.62 -0.04 7.89
C SER B 113 -19.07 -0.54 9.22
N ASN B 114 -18.68 0.33 10.13
CA ASN B 114 -18.10 -0.16 11.38
C ASN B 114 -18.86 0.47 12.55
N ALA B 115 -19.98 -0.13 12.90
CA ALA B 115 -20.83 0.40 13.94
C ALA B 115 -20.52 -0.32 15.25
N PHE B 116 -20.20 0.43 16.29
CA PHE B 116 -20.02 -0.11 17.62
C PHE B 116 -20.96 0.60 18.58
N PRO B 117 -21.39 -0.05 19.66
CA PRO B 117 -22.36 0.59 20.55
C PRO B 117 -21.71 1.60 21.49
N THR B 118 -22.46 2.64 21.82
CA THR B 118 -22.03 3.58 22.83
C THR B 118 -22.96 3.63 24.03
N SER B 119 -24.21 3.22 23.87
CA SER B 119 -25.15 3.29 24.97
C SER B 119 -26.19 2.20 24.82
N LEU B 120 -26.89 1.91 25.91
CA LEU B 120 -27.95 0.91 25.92
C LEU B 120 -28.86 1.24 27.09
N THR B 121 -30.05 1.75 26.81
CA THR B 121 -30.90 2.21 27.89
C THR B 121 -31.69 1.05 28.49
N SER B 122 -32.20 1.28 29.67
CA SER B 122 -33.14 0.41 30.33
C SER B 122 -34.55 0.79 29.92
N PRO B 123 -35.54 -0.07 30.12
CA PRO B 123 -36.92 0.37 29.92
C PRO B 123 -37.34 1.34 31.00
N SER B 124 -38.45 2.01 30.74
CA SER B 124 -39.06 2.87 31.74
C SER B 124 -39.91 1.97 32.62
N PHE B 125 -39.37 1.58 33.79
CA PHE B 125 -40.07 0.62 34.65
C PHE B 125 -41.21 1.33 35.37
N ASP B 126 -42.26 1.63 34.63
CA ASP B 126 -43.39 2.36 35.18
C ASP B 126 -44.49 1.36 35.48
N ALA B 127 -44.88 1.28 36.75
CA ALA B 127 -45.91 0.34 37.15
C ALA B 127 -47.30 0.78 36.73
N THR B 128 -47.50 2.03 36.34
CA THR B 128 -48.81 2.57 36.05
C THR B 128 -49.10 2.63 34.55
N SER B 129 -48.52 1.73 33.76
CA SER B 129 -48.68 1.81 32.31
C SER B 129 -48.67 0.41 31.71
N ASN B 130 -49.76 0.04 31.07
CA ASN B 130 -49.85 -1.23 30.36
C ASN B 130 -49.11 -1.11 29.04
N GLU B 131 -47.79 -1.26 29.09
CA GLU B 131 -47.04 -0.99 27.86
C GLU B 131 -45.76 -1.82 27.80
N ILE B 132 -45.45 -2.22 26.57
CA ILE B 132 -44.21 -2.88 26.16
C ILE B 132 -42.97 -2.21 26.77
N ALA B 133 -42.04 -3.04 27.25
CA ALA B 133 -40.74 -2.56 27.72
C ALA B 133 -39.75 -2.56 26.57
N VAL B 134 -39.41 -1.36 26.08
CA VAL B 134 -38.46 -1.21 25.00
C VAL B 134 -37.10 -0.83 25.58
N GLN B 135 -36.06 -0.91 24.75
CA GLN B 135 -34.75 -0.39 25.09
C GLN B 135 -34.05 0.06 23.82
N GLN B 136 -33.44 1.23 23.88
CA GLN B 136 -32.73 1.78 22.73
C GLN B 136 -31.25 1.47 22.86
N ILE B 137 -30.60 1.26 21.72
CA ILE B 137 -29.16 1.18 21.64
C ILE B 137 -28.71 2.22 20.62
N THR B 138 -27.66 2.96 20.96
CA THR B 138 -27.13 3.97 20.06
C THR B 138 -25.76 3.53 19.58
N LEU B 139 -25.57 3.54 18.28
CA LEU B 139 -24.33 3.12 17.64
C LEU B 139 -23.59 4.34 17.13
N MET B 140 -22.29 4.19 16.92
CA MET B 140 -21.52 5.18 16.19
C MET B 140 -20.76 4.43 15.11
N ALA B 141 -20.70 5.01 13.92
CA ALA B 141 -20.06 4.36 12.79
C ALA B 141 -19.21 5.39 12.07
N ASP B 142 -18.76 5.05 10.87
CA ASP B 142 -17.90 5.95 10.11
C ASP B 142 -18.42 6.33 8.74
N ARG B 143 -19.14 5.47 8.03
CA ARG B 143 -19.75 5.90 6.78
C ARG B 143 -21.08 5.21 6.58
N VAL B 144 -21.95 5.87 5.82
CA VAL B 144 -23.25 5.35 5.42
C VAL B 144 -23.35 5.45 3.90
N THR B 145 -23.67 4.35 3.23
CA THR B 145 -23.93 4.34 1.81
C THR B 145 -25.32 3.80 1.53
N ILE B 146 -25.81 4.09 0.34
CA ILE B 146 -27.11 3.64 -0.14
C ILE B 146 -26.89 2.85 -1.40
N GLN B 147 -27.44 1.64 -1.47
CA GLN B 147 -27.47 0.92 -2.73
C GLN B 147 -28.91 0.62 -3.10
N THR B 148 -29.21 0.79 -4.39
CA THR B 148 -30.56 0.67 -4.90
C THR B 148 -30.62 -0.48 -5.90
N ALA B 149 -31.59 -1.37 -5.71
CA ALA B 149 -31.79 -2.50 -6.61
C ALA B 149 -33.21 -3.00 -6.52
N THR C 4 17.81 -26.24 36.82
CA THR C 4 17.10 -26.73 37.99
C THR C 4 17.01 -25.67 39.06
N THR C 5 15.78 -25.38 39.49
CA THR C 5 15.48 -24.35 40.47
C THR C 5 15.07 -25.00 41.78
N THR C 6 15.75 -24.64 42.86
CA THR C 6 15.50 -25.27 44.15
C THR C 6 14.99 -24.29 45.20
N TYR C 7 15.73 -23.23 45.50
CA TYR C 7 15.42 -22.29 46.56
C TYR C 7 14.77 -21.03 45.99
N PRO C 8 14.01 -20.26 46.80
CA PRO C 8 13.25 -19.13 46.24
C PRO C 8 14.01 -17.87 45.86
N GLY C 9 15.32 -17.90 45.75
CA GLY C 9 16.09 -16.70 45.47
C GLY C 9 16.17 -16.33 44.01
N VAL C 10 17.26 -15.69 43.64
CA VAL C 10 17.54 -15.26 42.27
C VAL C 10 18.68 -16.10 41.74
N TYR C 11 18.50 -16.66 40.55
CA TYR C 11 19.45 -17.63 40.00
C TYR C 11 20.31 -16.98 38.94
N LEU C 12 21.51 -17.54 38.77
CA LEU C 12 22.46 -17.04 37.79
C LEU C 12 22.93 -18.21 36.95
N SER C 13 23.08 -17.98 35.66
CA SER C 13 23.68 -18.98 34.79
C SER C 13 24.32 -18.27 33.62
N GLU C 14 25.16 -19.00 32.90
CA GLU C 14 25.85 -18.45 31.74
C GLU C 14 25.83 -19.45 30.60
N ASP C 15 24.70 -20.12 30.41
CA ASP C 15 24.51 -20.95 29.24
C ASP C 15 24.04 -20.05 28.10
N ALA C 16 24.79 -20.05 27.00
CA ALA C 16 24.58 -19.09 25.92
C ALA C 16 23.35 -19.47 25.12
N VAL C 17 22.31 -18.64 25.20
CA VAL C 17 21.05 -18.85 24.51
C VAL C 17 20.68 -17.59 23.75
N SER C 18 19.74 -17.76 22.81
CA SER C 18 19.21 -16.65 22.03
C SER C 18 17.70 -16.79 21.97
N SER C 19 17.03 -15.68 21.66
CA SER C 19 15.57 -15.64 21.62
C SER C 19 15.14 -14.44 20.80
N PHE C 20 14.24 -14.68 19.83
CA PHE C 20 13.76 -13.66 18.92
C PHE C 20 12.29 -13.39 19.18
N SER C 21 11.88 -12.13 19.06
CA SER C 21 10.49 -11.79 19.30
C SER C 21 9.66 -12.05 18.05
N VAL C 22 8.35 -11.86 18.18
CA VAL C 22 7.39 -12.21 17.14
C VAL C 22 6.66 -10.95 16.74
N ASN C 23 6.75 -10.60 15.45
CA ASN C 23 6.13 -9.40 14.90
C ASN C 23 5.45 -9.74 13.58
N SER C 24 4.59 -10.76 13.60
CA SER C 24 4.12 -11.42 12.41
C SER C 24 3.07 -10.60 11.65
N ALA C 25 2.74 -11.09 10.47
CA ALA C 25 1.59 -10.65 9.70
C ALA C 25 0.79 -11.88 9.28
N ALA C 26 -0.53 -11.73 9.21
CA ALA C 26 -1.40 -12.86 8.99
C ALA C 26 -1.38 -13.36 7.55
N THR C 27 -0.87 -12.57 6.61
CA THR C 27 -0.87 -12.93 5.20
C THR C 27 0.43 -13.58 4.76
N ALA C 28 1.28 -14.00 5.69
CA ALA C 28 2.53 -14.68 5.39
C ALA C 28 2.65 -15.88 6.30
N VAL C 29 2.06 -16.99 5.90
CA VAL C 29 2.21 -18.26 6.60
C VAL C 29 2.83 -19.26 5.65
N PRO C 30 4.13 -19.48 5.73
CA PRO C 30 4.83 -20.22 4.68
C PRO C 30 4.75 -21.73 4.84
N LEU C 31 5.48 -22.45 3.99
CA LEU C 31 5.54 -23.91 4.03
C LEU C 31 6.98 -24.30 3.73
N PHE C 32 7.81 -24.42 4.76
CA PHE C 32 9.22 -24.71 4.56
C PHE C 32 9.39 -26.18 4.21
N ALA C 33 9.26 -26.49 2.93
CA ALA C 33 9.40 -27.85 2.45
C ALA C 33 10.87 -28.25 2.45
N TYR C 34 11.15 -29.43 2.99
CA TYR C 34 12.51 -29.94 3.05
C TYR C 34 12.55 -31.32 2.39
N ASP C 35 13.76 -31.76 2.10
CA ASP C 35 13.96 -32.98 1.33
C ASP C 35 13.65 -34.22 2.16
N SER C 36 13.19 -35.26 1.47
CA SER C 36 12.91 -36.53 2.11
C SER C 36 14.18 -37.29 2.45
N GLU C 37 15.30 -36.93 1.84
CA GLU C 37 16.60 -37.58 2.01
C GLU C 37 17.37 -36.98 3.19
N ASN C 38 16.73 -36.91 4.34
CA ASN C 38 17.28 -36.16 5.47
C ASN C 38 16.92 -36.86 6.76
N THR C 39 17.93 -37.22 7.53
CA THR C 39 17.76 -37.90 8.80
C THR C 39 17.93 -36.98 10.00
N ASN C 40 18.32 -35.72 9.77
CA ASN C 40 18.50 -34.79 10.88
C ASN C 40 17.17 -34.30 11.43
N THR C 41 16.13 -34.28 10.60
CA THR C 41 14.84 -33.76 10.98
C THR C 41 14.08 -34.78 11.83
N ILE C 42 13.17 -34.26 12.64
CA ILE C 42 12.26 -35.12 13.39
C ILE C 42 11.30 -35.79 12.41
N ASN C 43 11.05 -37.08 12.61
CA ASN C 43 10.32 -37.89 11.64
C ASN C 43 8.82 -37.58 11.59
N LYS C 44 8.34 -36.60 12.36
CA LYS C 44 7.00 -36.06 12.15
C LYS C 44 6.93 -35.45 10.75
N PRO C 45 6.01 -35.89 9.90
CA PRO C 45 5.99 -35.37 8.53
C PRO C 45 5.51 -33.94 8.41
N ILE C 46 4.61 -33.48 9.28
CA ILE C 46 4.12 -32.11 9.30
C ILE C 46 4.18 -31.62 10.74
N GLN C 47 4.74 -30.43 10.96
CA GLN C 47 4.77 -29.88 12.32
C GLN C 47 4.75 -28.36 12.29
N VAL C 48 4.12 -27.79 13.32
CA VAL C 48 3.82 -26.36 13.41
C VAL C 48 4.74 -25.72 14.45
N PHE C 49 5.26 -24.55 14.11
CA PHE C 49 6.25 -23.82 14.89
C PHE C 49 5.71 -22.40 15.10
N ARG C 50 5.11 -22.14 16.25
CA ARG C 50 4.43 -20.86 16.42
C ARG C 50 5.41 -19.72 16.74
N ASN C 51 6.57 -20.02 17.34
CA ASN C 51 7.58 -19.01 17.60
C ASN C 51 8.94 -19.70 17.77
N TRP C 52 9.97 -18.90 18.05
CA TRP C 52 11.32 -19.42 18.16
C TRP C 52 11.52 -20.26 19.42
N ALA C 53 10.90 -19.86 20.52
CA ALA C 53 11.08 -20.52 21.81
C ALA C 53 10.46 -21.91 21.85
N GLU C 54 9.66 -22.26 20.84
CA GLU C 54 9.18 -23.61 20.64
C GLU C 54 10.01 -24.36 19.62
N PHE C 55 10.69 -23.66 18.71
CA PHE C 55 11.48 -24.33 17.70
C PHE C 55 12.80 -24.87 18.25
N THR C 56 13.38 -24.21 19.25
CA THR C 56 14.56 -24.75 19.90
C THR C 56 14.25 -25.66 21.07
N VAL C 57 13.01 -26.09 21.21
CA VAL C 57 12.70 -27.22 22.09
C VAL C 57 12.74 -28.52 21.31
N GLU C 58 12.22 -28.51 20.09
CA GLU C 58 12.29 -29.69 19.24
C GLU C 58 13.71 -29.90 18.72
N TYR C 59 14.41 -28.80 18.40
CA TYR C 59 15.76 -28.82 17.85
C TYR C 59 16.66 -27.97 18.74
N PRO C 60 17.11 -28.50 19.88
CA PRO C 60 17.83 -27.65 20.84
C PRO C 60 19.24 -27.30 20.45
N THR C 61 19.83 -27.97 19.44
CA THR C 61 21.20 -27.65 19.06
C THR C 61 21.25 -27.04 17.67
N PRO C 62 22.10 -26.04 17.44
CA PRO C 62 22.16 -25.38 16.13
C PRO C 62 22.72 -26.28 15.05
N LEU C 63 21.89 -26.60 14.06
CA LEU C 63 22.33 -27.35 12.90
C LEU C 63 22.90 -26.39 11.86
N GLU C 64 23.11 -26.90 10.66
CA GLU C 64 23.52 -26.09 9.53
C GLU C 64 22.72 -26.39 8.28
N ASP C 65 21.80 -27.35 8.35
CA ASP C 65 21.11 -27.87 7.17
C ASP C 65 20.08 -26.84 6.68
N ALA C 66 19.64 -27.04 5.44
CA ALA C 66 18.88 -26.02 4.71
C ALA C 66 17.49 -25.78 5.29
N PHE C 67 16.97 -26.67 6.13
CA PHE C 67 15.71 -26.38 6.80
C PHE C 67 15.92 -25.56 8.06
N TYR C 68 17.15 -25.47 8.55
CA TYR C 68 17.40 -24.82 9.83
C TYR C 68 17.89 -23.39 9.66
N THR C 69 18.64 -23.11 8.60
CA THR C 69 18.97 -21.73 8.28
C THR C 69 17.83 -21.02 7.58
N SER C 70 16.79 -21.75 7.19
CA SER C 70 15.59 -21.15 6.61
C SER C 70 14.61 -20.70 7.69
N LEU C 71 14.42 -21.52 8.71
CA LEU C 71 13.55 -21.15 9.81
C LEU C 71 14.20 -20.12 10.72
N SER C 72 15.51 -20.19 10.91
CA SER C 72 16.17 -19.26 11.81
C SER C 72 16.23 -17.87 11.21
N LEU C 73 16.23 -17.76 9.89
CA LEU C 73 16.18 -16.48 9.22
C LEU C 73 14.75 -16.00 9.05
N TRP C 74 13.77 -16.89 9.26
CA TRP C 74 12.37 -16.52 9.33
C TRP C 74 12.02 -15.87 10.67
N PHE C 75 12.36 -16.51 11.78
CA PHE C 75 11.90 -16.04 13.09
C PHE C 75 12.59 -14.76 13.54
N MET C 76 13.74 -14.42 12.98
CA MET C 76 14.44 -13.22 13.42
C MET C 76 13.98 -11.98 12.68
N HIS C 77 12.93 -12.09 11.88
CA HIS C 77 12.31 -10.97 11.19
C HIS C 77 10.84 -10.91 11.54
N GLY C 78 10.50 -11.25 12.76
CA GLY C 78 9.11 -11.48 13.12
C GLY C 78 8.74 -12.91 12.85
N GLY C 79 7.66 -13.10 12.11
CA GLY C 79 7.32 -14.44 11.65
C GLY C 79 6.52 -15.21 12.70
N GLY C 80 5.31 -15.59 12.35
CA GLY C 80 4.44 -16.22 13.32
C GLY C 80 4.54 -17.72 13.28
N LYS C 81 3.46 -18.37 12.90
CA LYS C 81 3.50 -19.80 12.70
C LYS C 81 3.87 -20.11 11.25
N CYS C 82 4.46 -21.28 11.07
CA CYS C 82 5.08 -21.70 9.83
C CYS C 82 5.34 -23.19 9.94
N TYR C 83 5.48 -23.85 8.80
CA TYR C 83 5.41 -25.31 8.75
C TYR C 83 6.66 -25.91 8.15
N LEU C 84 7.05 -27.09 8.65
CA LEU C 84 7.99 -27.99 7.99
C LEU C 84 7.22 -29.21 7.50
N VAL C 85 7.27 -29.46 6.20
CA VAL C 85 6.63 -30.60 5.58
C VAL C 85 7.66 -31.28 4.69
N ASN C 86 7.62 -32.61 4.59
CA ASN C 86 8.41 -33.33 3.60
C ASN C 86 8.04 -32.90 2.20
N GLU C 87 9.01 -33.00 1.28
CA GLU C 87 8.81 -32.59 -0.11
C GLU C 87 7.80 -33.47 -0.85
N ALA C 88 7.48 -34.65 -0.32
CA ALA C 88 6.48 -35.53 -0.91
C ALA C 88 5.14 -35.46 -0.18
N ASN C 89 4.94 -34.44 0.64
CA ASN C 89 3.69 -34.31 1.40
C ASN C 89 3.12 -32.91 1.39
N ILE C 90 3.58 -32.01 0.52
CA ILE C 90 3.13 -30.63 0.61
C ILE C 90 1.73 -30.45 0.05
N ALA C 91 1.29 -31.34 -0.86
CA ALA C 91 -0.09 -31.31 -1.33
C ALA C 91 -1.07 -31.75 -0.26
N ASP C 92 -0.61 -32.57 0.69
CA ASP C 92 -1.44 -33.03 1.78
C ASP C 92 -1.62 -31.96 2.85
N ALA C 93 -0.63 -31.09 3.02
CA ALA C 93 -0.67 -30.10 4.09
C ALA C 93 -1.29 -28.78 3.67
N VAL C 94 -1.19 -28.42 2.39
CA VAL C 94 -1.89 -27.24 1.88
C VAL C 94 -3.39 -27.43 1.99
N ALA C 95 -3.86 -28.65 1.73
CA ALA C 95 -5.28 -28.96 1.71
C ALA C 95 -5.86 -29.19 3.10
N GLN C 96 -5.12 -28.93 4.17
CA GLN C 96 -5.57 -29.43 5.46
C GLN C 96 -5.51 -28.37 6.56
N TYR C 97 -4.69 -27.32 6.38
CA TYR C 97 -4.54 -26.30 7.41
C TYR C 97 -5.11 -24.95 7.06
N ASP C 98 -5.38 -24.67 5.78
CA ASP C 98 -6.33 -23.66 5.32
C ASP C 98 -5.85 -22.22 5.52
N ASP C 99 -4.70 -22.01 6.15
CA ASP C 99 -4.17 -20.65 6.28
C ASP C 99 -2.78 -20.48 5.66
N ILE C 100 -2.27 -21.49 4.95
CA ILE C 100 -0.96 -21.40 4.32
C ILE C 100 -1.06 -20.47 3.11
N THR C 101 -0.24 -19.43 3.09
CA THR C 101 -0.24 -18.46 2.01
C THR C 101 1.02 -18.50 1.17
N LEU C 102 1.99 -19.34 1.51
CA LEU C 102 3.26 -19.42 0.81
C LEU C 102 3.79 -20.84 0.82
N ILE C 103 4.47 -21.22 -0.25
CA ILE C 103 5.26 -22.45 -0.29
C ILE C 103 6.68 -22.05 -0.59
N VAL C 104 7.58 -22.28 0.37
CA VAL C 104 8.98 -21.94 0.23
C VAL C 104 9.78 -23.23 0.11
N ALA C 105 10.51 -23.37 -0.98
CA ALA C 105 11.37 -24.52 -1.20
C ALA C 105 12.71 -24.24 -0.54
N ALA C 106 12.89 -24.76 0.66
CA ALA C 106 14.11 -24.51 1.44
C ALA C 106 15.18 -25.51 1.00
N GLY C 107 15.82 -25.20 -0.14
CA GLY C 107 16.85 -26.04 -0.70
C GLY C 107 16.29 -27.32 -1.28
N THR C 108 15.26 -27.19 -2.11
CA THR C 108 14.43 -28.33 -2.48
C THR C 108 13.92 -28.11 -3.90
N ASP C 109 13.99 -29.15 -4.72
CA ASP C 109 13.45 -29.10 -6.07
C ASP C 109 13.05 -30.50 -6.52
N THR C 110 12.60 -30.59 -7.77
CA THR C 110 12.38 -31.77 -8.60
C THR C 110 11.14 -32.56 -8.16
N THR C 111 10.61 -32.26 -6.98
CA THR C 111 9.29 -32.73 -6.61
C THR C 111 8.44 -31.68 -5.90
N THR C 112 9.05 -30.68 -5.27
CA THR C 112 8.28 -29.54 -4.82
C THR C 112 7.77 -28.74 -6.00
N TYR C 113 8.56 -28.65 -7.07
CA TYR C 113 8.11 -28.04 -8.32
C TYR C 113 6.93 -28.80 -8.92
N THR C 114 6.94 -30.13 -8.75
CA THR C 114 5.83 -30.95 -9.23
C THR C 114 4.58 -30.74 -8.39
N ALA C 115 4.70 -30.92 -7.08
CA ALA C 115 3.56 -30.86 -6.19
C ALA C 115 3.08 -29.44 -5.93
N PHE C 116 3.84 -28.42 -6.31
CA PHE C 116 3.30 -27.07 -6.36
C PHE C 116 2.33 -26.91 -7.52
N THR C 117 2.63 -27.52 -8.65
CA THR C 117 1.73 -27.47 -9.80
C THR C 117 0.47 -28.30 -9.55
N THR C 118 0.53 -29.24 -8.61
CA THR C 118 -0.67 -29.97 -8.19
C THR C 118 -1.68 -29.04 -7.55
N VAL C 119 -1.25 -28.27 -6.54
CA VAL C 119 -2.18 -27.47 -5.74
C VAL C 119 -2.63 -26.21 -6.45
N VAL C 120 -1.92 -25.77 -7.49
CA VAL C 120 -2.36 -24.58 -8.22
C VAL C 120 -3.53 -24.92 -9.14
N GLY C 121 -3.49 -26.09 -9.77
CA GLY C 121 -4.63 -26.53 -10.57
C GLY C 121 -5.86 -26.82 -9.74
N GLN C 122 -5.67 -27.23 -8.50
CA GLN C 122 -6.76 -27.35 -7.55
C GLN C 122 -7.17 -26.02 -6.96
N GLY C 123 -6.38 -24.97 -7.18
CA GLY C 123 -6.79 -23.61 -6.90
C GLY C 123 -6.85 -23.22 -5.44
N TYR C 124 -5.80 -23.51 -4.68
CA TYR C 124 -5.79 -23.18 -3.26
C TYR C 124 -5.31 -21.78 -2.95
N ARG C 125 -4.99 -20.99 -3.98
CA ARG C 125 -4.47 -19.61 -3.87
C ARG C 125 -3.21 -19.57 -3.01
N ILE C 126 -2.17 -20.20 -3.54
CA ILE C 126 -0.89 -20.30 -2.88
C ILE C 126 0.12 -19.54 -3.73
N PHE C 127 1.20 -19.09 -3.11
CA PHE C 127 2.28 -18.44 -3.85
C PHE C 127 3.60 -19.12 -3.51
N GLY C 128 4.24 -19.72 -4.51
CA GLY C 128 5.46 -20.45 -4.29
C GLY C 128 6.70 -19.58 -4.34
N LEU C 129 7.71 -19.97 -3.57
CA LEU C 129 9.01 -19.30 -3.58
C LEU C 129 10.09 -20.34 -3.77
N PHE C 130 10.77 -20.30 -4.91
CA PHE C 130 11.69 -21.34 -5.29
C PHE C 130 13.12 -20.87 -5.10
N ASP C 131 14.09 -21.66 -5.57
CA ASP C 131 15.50 -21.36 -5.46
C ASP C 131 16.12 -21.23 -6.84
N GLY C 132 17.41 -20.94 -6.87
CA GLY C 132 18.16 -20.87 -8.10
C GLY C 132 19.33 -21.83 -8.08
N PRO C 133 20.28 -21.65 -8.99
CA PRO C 133 21.51 -22.45 -8.95
C PRO C 133 22.34 -22.16 -7.69
N LYS C 134 22.96 -23.23 -7.17
CA LYS C 134 23.74 -23.11 -5.95
C LYS C 134 25.19 -22.74 -6.23
N GLU C 135 25.76 -23.22 -7.32
CA GLU C 135 27.06 -22.76 -7.79
C GLU C 135 26.89 -21.71 -8.87
N LYS C 136 27.97 -20.97 -9.12
CA LYS C 136 27.90 -19.66 -9.76
C LYS C 136 27.54 -19.78 -11.23
N ILE C 137 26.53 -19.02 -11.65
CA ILE C 137 26.21 -18.88 -13.06
C ILE C 137 27.34 -18.15 -13.76
N ALA C 138 27.72 -18.64 -14.94
CA ALA C 138 28.96 -18.19 -15.60
C ALA C 138 28.84 -16.78 -16.15
N GLY C 139 27.93 -16.58 -17.10
CA GLY C 139 27.89 -15.35 -17.86
C GLY C 139 27.80 -15.65 -19.33
N THR C 140 28.19 -16.88 -19.69
CA THR C 140 27.98 -17.44 -21.02
C THR C 140 26.83 -18.43 -20.94
N ALA C 141 25.82 -18.09 -20.14
CA ALA C 141 24.89 -19.07 -19.59
C ALA C 141 23.73 -19.40 -20.51
N LYS C 142 23.35 -18.48 -21.42
CA LYS C 142 22.19 -18.58 -22.30
C LYS C 142 20.93 -18.84 -21.49
N PRO C 143 20.30 -17.80 -20.92
CA PRO C 143 19.32 -17.98 -19.83
C PRO C 143 18.12 -18.88 -20.12
N ASP C 144 17.79 -19.14 -21.39
CA ASP C 144 16.70 -20.06 -21.69
C ASP C 144 17.06 -21.51 -21.38
N GLU C 145 18.34 -21.81 -21.18
CA GLU C 145 18.78 -23.12 -20.73
C GLU C 145 18.79 -23.28 -19.21
N VAL C 146 18.83 -22.19 -18.46
CA VAL C 146 18.82 -22.27 -17.00
C VAL C 146 17.41 -22.34 -16.46
N MET C 147 16.49 -21.52 -16.97
CA MET C 147 15.11 -21.56 -16.50
C MET C 147 14.20 -22.44 -17.34
N GLU C 148 14.71 -23.57 -17.84
CA GLU C 148 13.85 -24.58 -18.42
C GLU C 148 13.25 -25.48 -17.33
N GLU C 149 13.92 -25.55 -16.18
CA GLU C 149 13.48 -26.42 -15.09
C GLU C 149 12.20 -25.94 -14.44
N TYR C 150 12.05 -24.71 -14.28
CA TYR C 150 11.07 -24.03 -13.44
C TYR C 150 9.68 -24.03 -14.09
N PRO C 151 8.62 -24.07 -13.27
CA PRO C 151 7.26 -24.06 -13.81
C PRO C 151 6.92 -22.73 -14.44
N THR C 152 5.97 -22.78 -15.38
CA THR C 152 5.55 -21.56 -16.07
C THR C 152 4.20 -21.09 -15.52
N SER C 153 4.05 -21.18 -14.26
CA SER C 153 2.86 -20.72 -13.59
C SER C 153 3.10 -19.33 -12.99
N PRO C 154 2.08 -18.48 -12.94
CA PRO C 154 2.25 -17.16 -12.31
C PRO C 154 2.28 -17.18 -10.80
N PHE C 155 2.40 -18.32 -10.13
CA PHE C 155 2.30 -18.32 -8.67
C PHE C 155 3.66 -18.58 -8.02
N GLY C 156 4.75 -18.36 -8.73
CA GLY C 156 6.06 -18.71 -8.22
C GLY C 156 7.13 -17.72 -8.62
N ALA C 157 8.18 -17.66 -7.81
CA ALA C 157 9.37 -16.88 -8.13
C ALA C 157 10.58 -17.58 -7.56
N VAL C 158 11.78 -17.20 -8.03
CA VAL C 158 12.93 -18.11 -8.10
C VAL C 158 14.12 -17.64 -7.26
N PHE C 159 14.51 -16.36 -7.36
CA PHE C 159 15.47 -15.75 -6.43
C PHE C 159 16.88 -16.37 -6.35
N TYR C 160 17.77 -16.18 -7.34
CA TYR C 160 19.03 -16.92 -7.44
C TYR C 160 20.04 -16.92 -6.27
N PRO C 161 20.65 -15.80 -5.83
CA PRO C 161 21.92 -15.91 -5.08
C PRO C 161 21.73 -16.44 -3.67
N TRP C 162 22.45 -17.51 -3.34
CA TRP C 162 22.30 -18.20 -2.07
C TRP C 162 22.93 -17.41 -0.93
N GLY C 163 22.50 -17.71 0.29
CA GLY C 163 22.88 -16.95 1.45
C GLY C 163 24.00 -17.61 2.22
N THR C 164 24.74 -16.78 2.97
CA THR C 164 25.88 -17.21 3.78
C THR C 164 25.86 -16.51 5.14
N LEU C 165 24.78 -16.71 5.92
CA LEU C 165 24.56 -16.05 7.20
C LEU C 165 25.72 -16.27 8.17
N ALA C 166 25.73 -15.45 9.24
CA ALA C 166 26.94 -15.09 9.98
C ALA C 166 27.68 -16.28 10.58
N SER C 167 26.99 -17.38 10.84
CA SER C 167 27.65 -18.58 11.33
C SER C 167 28.42 -19.32 10.24
N GLY C 168 28.33 -18.87 8.99
CA GLY C 168 29.01 -19.48 7.88
C GLY C 168 28.16 -20.44 7.07
N ALA C 169 26.99 -20.82 7.60
CA ALA C 169 26.15 -21.82 6.95
C ALA C 169 25.42 -21.22 5.76
N ALA C 170 24.83 -22.09 4.95
CA ALA C 170 24.15 -21.67 3.75
C ALA C 170 22.67 -21.45 4.03
N VAL C 171 22.13 -20.35 3.51
CA VAL C 171 20.70 -20.07 3.58
C VAL C 171 20.12 -20.26 2.18
N PRO C 172 19.08 -21.08 2.02
CA PRO C 172 18.43 -21.16 0.74
C PRO C 172 17.70 -19.87 0.45
N PRO C 173 17.82 -19.34 -0.77
CA PRO C 173 17.26 -18.02 -1.07
C PRO C 173 15.75 -17.97 -1.22
N SER C 174 15.03 -19.04 -0.89
CA SER C 174 13.59 -18.97 -0.68
C SER C 174 13.25 -18.47 0.70
N ALA C 175 14.23 -18.47 1.59
CA ALA C 175 14.02 -17.99 2.95
C ALA C 175 14.39 -16.53 3.10
N ILE C 176 15.34 -16.05 2.31
CA ILE C 176 15.63 -14.62 2.28
C ILE C 176 14.46 -13.89 1.63
N ALA C 177 13.91 -14.44 0.56
CA ALA C 177 12.79 -13.82 -0.13
C ALA C 177 11.50 -13.91 0.65
N ALA C 178 11.36 -14.93 1.50
CA ALA C 178 10.24 -15.00 2.43
C ALA C 178 10.48 -14.19 3.69
N ALA C 179 11.70 -13.69 3.90
CA ALA C 179 11.95 -12.81 5.03
C ALA C 179 11.66 -11.36 4.71
N SER C 180 11.62 -11.01 3.44
CA SER C 180 11.18 -9.68 3.04
C SER C 180 9.67 -9.63 2.86
N ILE C 181 8.98 -10.74 3.02
CA ILE C 181 7.52 -10.75 2.93
C ILE C 181 6.89 -10.61 4.33
N THR C 182 7.59 -11.06 5.37
CA THR C 182 7.11 -10.84 6.73
C THR C 182 7.13 -9.35 7.06
N GLN C 183 8.24 -8.68 6.73
CA GLN C 183 8.45 -7.30 7.07
C GLN C 183 7.75 -6.33 6.15
N THR C 184 7.19 -6.80 5.04
CA THR C 184 6.44 -5.94 4.14
C THR C 184 4.93 -6.08 4.33
N ASP C 185 4.44 -7.29 4.55
CA ASP C 185 3.03 -7.48 4.90
C ASP C 185 2.72 -6.88 6.26
N ARG C 186 3.70 -6.83 7.15
CA ARG C 186 3.54 -6.15 8.42
C ARG C 186 3.48 -4.64 8.24
N THR C 187 4.36 -4.09 7.39
CA THR C 187 4.58 -2.65 7.34
C THR C 187 3.73 -1.98 6.27
N ARG C 188 3.95 -2.36 5.01
CA ARG C 188 3.36 -1.64 3.88
C ARG C 188 2.16 -2.33 3.29
N GLY C 189 1.88 -3.57 3.66
CA GLY C 189 0.76 -4.32 3.13
C GLY C 189 1.21 -5.36 2.11
N VAL C 190 0.23 -6.17 1.70
CA VAL C 190 0.53 -7.26 0.79
C VAL C 190 0.65 -6.77 -0.65
N TRP C 191 0.16 -5.58 -0.94
CA TRP C 191 0.15 -5.04 -2.28
C TRP C 191 1.45 -4.36 -2.68
N LYS C 192 2.34 -4.07 -1.73
CA LYS C 192 3.61 -3.43 -2.04
C LYS C 192 4.66 -4.51 -2.26
N ALA C 193 5.54 -4.27 -3.24
CA ALA C 193 6.48 -5.27 -3.70
C ALA C 193 7.52 -5.55 -2.62
N PRO C 194 7.89 -6.80 -2.43
CA PRO C 194 8.77 -7.15 -1.31
C PRO C 194 10.24 -6.81 -1.49
N ALA C 195 10.59 -5.94 -2.44
CA ALA C 195 11.98 -5.88 -2.90
C ALA C 195 12.92 -5.15 -1.94
N ASN C 196 12.74 -3.84 -1.77
CA ASN C 196 13.71 -3.01 -1.05
C ASN C 196 13.74 -3.23 0.44
N GLN C 197 13.00 -4.17 1.01
CA GLN C 197 13.06 -4.42 2.44
C GLN C 197 14.35 -5.13 2.79
N ALA C 198 15.06 -4.61 3.79
CA ALA C 198 16.37 -5.12 4.17
C ALA C 198 16.22 -6.29 5.13
N VAL C 199 16.82 -7.41 4.80
CA VAL C 199 16.87 -8.58 5.66
C VAL C 199 18.24 -8.64 6.32
N ASN C 200 18.24 -8.64 7.65
CA ASN C 200 19.42 -8.40 8.46
C ASN C 200 20.07 -9.70 8.90
N GLY C 201 21.39 -9.70 8.95
CA GLY C 201 22.09 -10.88 9.41
C GLY C 201 22.27 -11.95 8.36
N VAL C 202 22.42 -11.56 7.10
CA VAL C 202 22.75 -12.50 6.04
C VAL C 202 23.52 -11.73 4.98
N THR C 203 24.35 -12.44 4.22
CA THR C 203 25.07 -11.86 3.12
C THR C 203 25.05 -12.85 1.96
N PRO C 204 24.94 -12.37 0.73
CA PRO C 204 24.91 -13.31 -0.40
C PRO C 204 26.25 -13.97 -0.60
N ALA C 205 26.20 -15.17 -1.18
CA ALA C 205 27.44 -15.91 -1.41
C ALA C 205 28.26 -15.28 -2.53
N PHE C 206 27.58 -14.76 -3.54
CA PHE C 206 28.21 -14.30 -4.77
C PHE C 206 27.95 -12.80 -4.91
N ALA C 207 28.25 -12.26 -6.09
CA ALA C 207 27.98 -10.87 -6.40
C ALA C 207 27.37 -10.79 -7.77
N VAL C 208 26.45 -9.84 -7.96
CA VAL C 208 25.71 -9.70 -9.20
C VAL C 208 25.90 -8.28 -9.71
N SER C 209 26.45 -8.14 -10.91
CA SER C 209 26.53 -6.85 -11.56
C SER C 209 25.21 -6.53 -12.23
N ASP C 210 25.03 -5.24 -12.56
CA ASP C 210 23.78 -4.79 -13.18
C ASP C 210 23.58 -5.40 -14.56
N ASP C 211 24.67 -5.68 -15.26
CA ASP C 211 24.57 -6.23 -16.60
C ASP C 211 24.33 -7.74 -16.61
N PHE C 212 24.51 -8.39 -15.46
CA PHE C 212 24.18 -9.81 -15.32
C PHE C 212 22.69 -10.01 -15.08
N GLN C 213 22.07 -9.13 -14.29
CA GLN C 213 20.65 -9.20 -14.00
C GLN C 213 19.79 -8.80 -15.19
N GLY C 214 20.33 -8.03 -16.13
CA GLY C 214 19.52 -7.46 -17.19
C GLY C 214 19.00 -8.46 -18.19
N LYS C 215 19.72 -9.55 -18.42
CA LYS C 215 19.22 -10.60 -19.29
C LYS C 215 18.28 -11.56 -18.58
N TYR C 216 18.39 -11.67 -17.26
CA TYR C 216 17.50 -12.50 -16.45
C TYR C 216 16.30 -11.76 -15.93
N ASN C 217 16.04 -10.55 -16.41
CA ASN C 217 14.91 -9.78 -15.89
C ASN C 217 13.63 -10.11 -16.63
N GLN C 218 13.65 -10.05 -17.95
CA GLN C 218 12.50 -10.42 -18.74
C GLN C 218 12.53 -11.92 -19.06
N GLY C 219 11.35 -12.51 -19.14
CA GLY C 219 11.25 -13.94 -19.36
C GLY C 219 10.80 -14.70 -18.14
N LYS C 220 11.74 -15.36 -17.47
CA LYS C 220 11.43 -16.13 -16.28
C LYS C 220 11.94 -15.50 -15.00
N ALA C 221 12.66 -14.37 -15.09
CA ALA C 221 12.73 -13.36 -14.03
C ALA C 221 13.38 -13.90 -12.75
N LEU C 222 14.71 -14.01 -12.79
CA LEU C 222 15.44 -14.75 -11.78
C LEU C 222 15.57 -14.03 -10.42
N ASN C 223 15.19 -12.75 -10.31
CA ASN C 223 14.90 -12.06 -9.02
C ASN C 223 16.10 -12.02 -8.07
N MET C 224 17.13 -11.26 -8.45
CA MET C 224 18.39 -11.24 -7.73
C MET C 224 18.28 -10.78 -6.28
N ILE C 225 19.18 -11.30 -5.45
CA ILE C 225 19.45 -10.81 -4.10
C ILE C 225 20.77 -10.06 -4.17
N ARG C 226 20.73 -8.77 -3.86
CA ARG C 226 21.89 -7.92 -4.04
C ARG C 226 22.12 -7.07 -2.80
N THR C 227 23.37 -6.82 -2.48
CA THR C 227 23.71 -5.94 -1.37
C THR C 227 23.97 -4.53 -1.88
N PHE C 228 23.67 -3.55 -1.01
CA PHE C 228 23.85 -2.15 -1.32
C PHE C 228 24.44 -1.45 -0.12
N SER C 229 25.08 -0.32 -0.37
CA SER C 229 25.53 0.56 0.70
C SER C 229 24.34 1.43 1.12
N GLY C 230 23.83 1.19 2.32
CA GLY C 230 22.56 1.78 2.71
C GLY C 230 21.55 0.71 3.05
N GLN C 231 20.53 0.54 2.21
CA GLN C 231 19.64 -0.61 2.35
C GLN C 231 20.42 -1.85 1.94
N GLY C 232 21.03 -2.53 2.90
CA GLY C 232 21.90 -3.65 2.59
C GLY C 232 21.15 -4.95 2.38
N THR C 233 21.72 -5.81 1.54
CA THR C 233 21.27 -7.16 1.14
C THR C 233 19.75 -7.30 1.00
N VAL C 234 19.17 -6.39 0.25
CA VAL C 234 17.76 -6.48 -0.13
C VAL C 234 17.60 -7.52 -1.24
N VAL C 235 16.37 -7.92 -1.53
CA VAL C 235 16.11 -8.64 -2.77
C VAL C 235 15.78 -7.61 -3.84
N TRP C 236 16.22 -7.86 -5.07
CA TRP C 236 16.24 -6.81 -6.08
C TRP C 236 15.56 -7.33 -7.34
N GLY C 237 14.25 -7.17 -7.39
CA GLY C 237 13.44 -7.69 -8.48
C GLY C 237 12.19 -8.33 -7.90
N ALA C 238 11.03 -8.05 -8.48
CA ALA C 238 9.78 -8.48 -7.87
C ALA C 238 8.84 -9.10 -8.92
N ARG C 239 9.35 -10.01 -9.74
CA ARG C 239 8.59 -10.57 -10.85
C ARG C 239 8.40 -12.07 -10.69
N THR C 240 7.26 -12.57 -11.16
CA THR C 240 6.93 -13.99 -11.08
C THR C 240 7.51 -14.74 -12.27
N LEU C 241 7.08 -15.98 -12.46
CA LEU C 241 7.56 -16.83 -13.54
C LEU C 241 6.73 -16.71 -14.82
N GLU C 242 6.09 -15.56 -15.05
CA GLU C 242 5.30 -15.34 -16.25
C GLU C 242 5.32 -13.85 -16.57
N ASP C 243 5.81 -13.47 -17.74
CA ASP C 243 5.77 -12.07 -18.17
C ASP C 243 4.58 -11.81 -19.09
N SER C 244 3.39 -11.98 -18.53
CA SER C 244 2.17 -11.45 -19.11
C SER C 244 1.81 -10.20 -18.36
N ASP C 245 1.04 -9.33 -19.01
CA ASP C 245 0.87 -7.97 -18.51
C ASP C 245 -0.07 -7.87 -17.32
N ASN C 246 -0.71 -8.95 -16.92
CA ASN C 246 -1.45 -8.93 -15.66
C ASN C 246 -0.85 -9.78 -14.56
N TRP C 247 -0.08 -10.82 -14.87
CA TRP C 247 0.50 -11.60 -13.80
C TRP C 247 2.01 -11.55 -13.75
N ARG C 248 2.63 -10.57 -14.41
CA ARG C 248 3.93 -10.05 -14.00
C ARG C 248 3.76 -9.43 -12.60
N TYR C 249 4.90 -9.14 -11.94
CA TYR C 249 4.92 -8.44 -10.65
C TYR C 249 4.30 -9.20 -9.49
N ILE C 250 5.17 -9.93 -8.77
CA ILE C 250 4.78 -10.59 -7.50
C ILE C 250 3.71 -9.90 -6.64
N PRO C 251 3.75 -8.58 -6.35
CA PRO C 251 2.73 -8.04 -5.43
C PRO C 251 1.29 -8.07 -5.92
N VAL C 252 1.03 -7.94 -7.23
CA VAL C 252 -0.37 -7.92 -7.67
C VAL C 252 -0.94 -9.33 -7.68
N ARG C 253 -0.09 -10.34 -7.68
CA ARG C 253 -0.59 -11.70 -7.56
C ARG C 253 -1.02 -12.00 -6.13
N ARG C 254 -0.18 -11.67 -5.15
CA ARG C 254 -0.53 -11.83 -3.75
C ARG C 254 -1.63 -10.86 -3.32
N LEU C 255 -1.80 -9.75 -4.03
CA LEU C 255 -2.94 -8.88 -3.77
C LEU C 255 -4.24 -9.51 -4.23
N PHE C 256 -4.20 -10.41 -5.20
CA PHE C 256 -5.44 -11.06 -5.61
C PHE C 256 -5.63 -12.41 -4.96
N ASN C 257 -4.58 -12.99 -4.37
CA ASN C 257 -4.78 -14.12 -3.48
C ASN C 257 -5.57 -13.71 -2.26
N ALA C 258 -5.14 -12.64 -1.60
CA ALA C 258 -5.76 -12.23 -0.35
C ALA C 258 -7.13 -11.59 -0.55
N VAL C 259 -7.38 -11.02 -1.72
CA VAL C 259 -8.72 -10.55 -2.02
C VAL C 259 -9.66 -11.73 -2.24
N GLU C 260 -9.22 -12.73 -3.01
CA GLU C 260 -10.07 -13.87 -3.32
C GLU C 260 -10.33 -14.74 -2.10
N ARG C 261 -9.47 -14.65 -1.09
CA ARG C 261 -9.62 -15.43 0.13
C ARG C 261 -10.30 -14.68 1.25
N ASP C 262 -10.15 -13.36 1.33
CA ASP C 262 -10.90 -12.63 2.34
C ASP C 262 -12.35 -12.43 1.96
N ILE C 263 -12.69 -12.57 0.69
CA ILE C 263 -14.08 -12.58 0.29
C ILE C 263 -14.64 -13.99 0.37
N GLN C 264 -13.79 -15.01 0.30
CA GLN C 264 -14.27 -16.37 0.42
C GLN C 264 -14.56 -16.73 1.88
N LYS C 265 -13.82 -16.15 2.82
CA LYS C 265 -14.03 -16.38 4.24
C LYS C 265 -15.04 -15.43 4.85
N SER C 266 -15.39 -14.34 4.18
CA SER C 266 -16.42 -13.43 4.65
C SER C 266 -17.80 -13.77 4.12
N LEU C 267 -17.88 -14.63 3.12
CA LEU C 267 -19.17 -14.93 2.50
C LEU C 267 -19.55 -16.39 2.64
N ASN C 268 -18.74 -17.22 3.30
CA ASN C 268 -19.22 -18.54 3.68
C ASN C 268 -20.18 -18.48 4.87
N LYS C 269 -20.22 -17.35 5.57
CA LYS C 269 -21.16 -17.09 6.66
C LYS C 269 -22.50 -16.59 6.17
N LEU C 270 -22.81 -16.91 4.92
CA LEU C 270 -24.05 -16.57 4.26
C LEU C 270 -24.61 -17.79 3.55
N VAL C 271 -24.03 -18.96 3.78
CA VAL C 271 -24.62 -20.21 3.30
C VAL C 271 -25.87 -20.54 4.12
N PHE C 272 -26.76 -21.35 3.53
CA PHE C 272 -28.10 -21.74 3.96
C PHE C 272 -29.12 -20.60 3.94
N GLU C 273 -28.73 -19.42 3.49
CA GLU C 273 -29.66 -18.36 3.17
C GLU C 273 -30.45 -18.76 1.92
N PRO C 274 -31.62 -18.16 1.68
CA PRO C 274 -32.33 -18.44 0.42
C PRO C 274 -31.57 -17.84 -0.74
N ASN C 275 -31.47 -18.58 -1.85
CA ASN C 275 -30.69 -18.10 -3.00
C ASN C 275 -31.57 -17.18 -3.86
N SER C 276 -31.94 -16.05 -3.27
CA SER C 276 -32.83 -15.11 -3.93
C SER C 276 -32.27 -13.70 -3.87
N GLN C 277 -33.09 -12.74 -4.24
CA GLN C 277 -32.65 -11.37 -4.43
C GLN C 277 -32.24 -10.62 -3.16
N PRO C 278 -32.82 -10.84 -1.97
CA PRO C 278 -32.19 -10.26 -0.77
C PRO C 278 -30.82 -10.80 -0.45
N THR C 279 -30.52 -12.05 -0.81
CA THR C 279 -29.19 -12.60 -0.56
C THR C 279 -28.16 -12.01 -1.51
N TRP C 280 -28.56 -11.75 -2.75
CA TRP C 280 -27.68 -11.17 -3.74
C TRP C 280 -27.38 -9.73 -3.43
N GLN C 281 -28.20 -9.08 -2.59
CA GLN C 281 -27.91 -7.75 -2.08
C GLN C 281 -26.86 -7.80 -0.99
N ARG C 282 -27.09 -8.59 0.05
CA ARG C 282 -26.16 -8.61 1.15
C ARG C 282 -24.86 -9.34 0.83
N VAL C 283 -24.78 -10.03 -0.30
CA VAL C 283 -23.49 -10.33 -0.90
C VAL C 283 -22.86 -9.05 -1.43
N LYS C 284 -23.61 -8.28 -2.20
CA LYS C 284 -23.07 -7.17 -2.96
C LYS C 284 -22.67 -6.00 -2.07
N ALA C 285 -23.25 -5.87 -0.88
CA ALA C 285 -22.84 -4.88 0.09
C ALA C 285 -21.83 -5.39 1.10
N ALA C 286 -21.54 -6.70 1.11
CA ALA C 286 -20.46 -7.22 1.93
C ALA C 286 -19.14 -7.22 1.17
N VAL C 287 -19.17 -7.50 -0.13
CA VAL C 287 -18.00 -7.34 -0.97
C VAL C 287 -17.62 -5.86 -1.07
N ASP C 288 -18.63 -5.00 -1.23
CA ASP C 288 -18.40 -3.58 -1.44
C ASP C 288 -17.87 -2.90 -0.19
N SER C 289 -18.23 -3.41 0.99
CA SER C 289 -17.71 -2.82 2.21
C SER C 289 -16.28 -3.24 2.46
N TYR C 290 -15.90 -4.44 2.02
CA TYR C 290 -14.54 -4.90 2.20
C TYR C 290 -13.57 -4.15 1.30
N LEU C 291 -13.93 -3.98 0.03
CA LEU C 291 -13.03 -3.34 -0.92
C LEU C 291 -12.95 -1.83 -0.71
N HIS C 292 -13.90 -1.23 0.00
CA HIS C 292 -13.76 0.18 0.32
C HIS C 292 -12.86 0.36 1.53
N SER C 293 -12.74 -0.63 2.39
CA SER C 293 -11.69 -0.61 3.39
C SER C 293 -10.33 -0.82 2.78
N LEU C 294 -10.29 -1.44 1.59
CA LEU C 294 -9.06 -1.78 0.90
C LEU C 294 -8.63 -0.67 -0.05
N TRP C 295 -9.58 -0.03 -0.71
CA TRP C 295 -9.28 1.15 -1.51
C TRP C 295 -8.80 2.30 -0.64
N GLN C 296 -9.31 2.41 0.58
CA GLN C 296 -8.99 3.54 1.44
C GLN C 296 -7.56 3.49 1.93
N GLN C 297 -7.01 2.30 2.17
CA GLN C 297 -5.63 2.16 2.61
C GLN C 297 -4.66 1.99 1.46
N GLY C 298 -4.98 2.50 0.29
CA GLY C 298 -4.01 2.66 -0.77
C GLY C 298 -3.64 1.41 -1.54
N ALA C 299 -4.58 0.48 -1.70
CA ALA C 299 -4.28 -0.79 -2.33
C ALA C 299 -4.80 -0.93 -3.74
N LEU C 300 -5.73 -0.09 -4.15
CA LEU C 300 -6.26 -0.13 -5.50
C LEU C 300 -5.85 1.13 -6.25
N ALA C 301 -6.24 1.22 -7.50
CA ALA C 301 -5.87 2.33 -8.36
C ALA C 301 -7.12 3.08 -8.79
N GLY C 302 -6.94 4.34 -9.14
CA GLY C 302 -8.09 5.16 -9.46
C GLY C 302 -8.51 5.91 -8.21
N ASN C 303 -9.07 7.10 -8.39
CA ASN C 303 -9.33 8.00 -7.27
C ASN C 303 -10.80 8.17 -6.96
N THR C 304 -11.66 7.28 -7.44
CA THR C 304 -13.02 7.13 -6.97
C THR C 304 -13.24 5.65 -6.76
N PRO C 305 -14.17 5.25 -5.90
CA PRO C 305 -14.50 3.82 -5.80
C PRO C 305 -15.16 3.24 -7.05
N ALA C 306 -15.68 4.06 -7.96
CA ALA C 306 -16.11 3.56 -9.25
C ALA C 306 -14.92 3.28 -10.16
N ASP C 307 -13.81 3.99 -9.95
CA ASP C 307 -12.57 3.71 -10.68
C ASP C 307 -11.92 2.40 -10.25
N ALA C 308 -12.18 1.95 -9.02
CA ALA C 308 -11.40 0.88 -8.44
C ALA C 308 -11.99 -0.51 -8.71
N TRP C 309 -13.21 -0.77 -8.24
CA TRP C 309 -13.74 -2.11 -8.35
C TRP C 309 -15.14 -2.09 -8.96
N PHE C 310 -15.61 -3.28 -9.32
CA PHE C 310 -17.03 -3.53 -9.54
C PHE C 310 -17.35 -4.92 -9.03
N VAL C 311 -18.63 -5.22 -8.90
CA VAL C 311 -19.09 -6.53 -8.49
C VAL C 311 -20.46 -6.75 -9.11
N GLN C 312 -20.73 -7.99 -9.53
CA GLN C 312 -22.05 -8.33 -10.02
C GLN C 312 -22.42 -9.73 -9.55
N VAL C 313 -23.67 -9.86 -9.09
CA VAL C 313 -24.25 -11.13 -8.69
C VAL C 313 -25.77 -11.03 -8.85
N GLY C 314 -26.38 -12.01 -9.50
CA GLY C 314 -27.80 -11.87 -9.72
C GLY C 314 -28.33 -12.85 -10.75
N LYS C 315 -29.48 -12.48 -11.32
CA LYS C 315 -30.31 -13.38 -12.11
C LYS C 315 -29.90 -13.44 -13.57
N ASP C 316 -29.80 -12.30 -14.23
CA ASP C 316 -29.32 -12.25 -15.60
C ASP C 316 -27.91 -11.70 -15.69
N LEU C 317 -27.28 -11.40 -14.55
CA LEU C 317 -25.94 -10.85 -14.57
C LEU C 317 -24.91 -11.94 -14.77
N THR C 318 -24.87 -12.91 -13.85
CA THR C 318 -23.84 -13.92 -13.83
C THR C 318 -24.32 -15.33 -13.58
N MET C 319 -25.59 -15.55 -13.24
CA MET C 319 -26.12 -16.88 -13.01
C MET C 319 -27.24 -17.16 -13.98
N THR C 320 -27.74 -18.39 -13.93
CA THR C 320 -28.90 -18.83 -14.70
C THR C 320 -29.86 -19.54 -13.76
N GLN C 321 -31.09 -19.76 -14.22
CA GLN C 321 -32.08 -20.47 -13.43
C GLN C 321 -31.72 -21.96 -13.30
N GLU C 322 -30.92 -22.50 -14.23
CA GLU C 322 -30.35 -23.83 -14.07
C GLU C 322 -29.38 -23.89 -12.89
N GLU C 323 -28.78 -22.77 -12.51
CA GLU C 323 -27.77 -22.73 -11.46
C GLU C 323 -28.30 -22.23 -10.13
N ILE C 324 -29.41 -21.49 -10.12
CA ILE C 324 -30.05 -21.14 -8.86
C ILE C 324 -30.65 -22.40 -8.23
N ASN C 325 -31.23 -23.25 -9.05
CA ASN C 325 -31.97 -24.40 -8.55
C ASN C 325 -31.07 -25.53 -8.08
N GLN C 326 -29.79 -25.52 -8.44
CA GLN C 326 -28.82 -26.43 -7.86
C GLN C 326 -27.90 -25.74 -6.86
N GLY C 327 -28.18 -24.48 -6.53
CA GLY C 327 -27.55 -23.81 -5.41
C GLY C 327 -26.52 -22.76 -5.80
N LYS C 328 -25.80 -22.98 -6.90
CA LYS C 328 -24.54 -22.29 -7.22
C LYS C 328 -24.64 -20.77 -7.26
N MET C 329 -23.97 -20.11 -6.33
CA MET C 329 -23.84 -18.66 -6.32
C MET C 329 -22.51 -18.28 -6.96
N ILE C 330 -22.56 -17.43 -7.97
CA ILE C 330 -21.36 -17.01 -8.69
C ILE C 330 -21.23 -15.50 -8.50
N ILE C 331 -20.07 -15.06 -8.00
CA ILE C 331 -19.84 -13.68 -7.62
C ILE C 331 -18.60 -13.23 -8.37
N LYS C 332 -18.77 -12.44 -9.42
CA LYS C 332 -17.66 -12.04 -10.27
C LYS C 332 -17.26 -10.59 -9.99
N ILE C 333 -16.03 -10.40 -9.53
CA ILE C 333 -15.50 -9.12 -9.11
C ILE C 333 -14.39 -8.74 -10.08
N GLY C 334 -14.25 -7.45 -10.37
CA GLY C 334 -13.11 -6.98 -11.12
C GLY C 334 -12.50 -5.76 -10.49
N LEU C 335 -11.19 -5.73 -10.29
CA LEU C 335 -10.61 -4.64 -9.52
C LEU C 335 -9.20 -4.31 -10.01
N ALA C 336 -8.87 -3.02 -9.97
CA ALA C 336 -7.63 -2.50 -10.54
C ALA C 336 -6.61 -2.23 -9.44
N ALA C 337 -5.45 -2.85 -9.55
CA ALA C 337 -4.37 -2.72 -8.58
C ALA C 337 -3.27 -1.81 -9.13
N VAL C 338 -2.35 -1.43 -8.25
CA VAL C 338 -1.29 -0.49 -8.58
C VAL C 338 -0.09 -1.26 -9.10
N ARG C 339 0.82 -0.54 -9.76
CA ARG C 339 2.05 -1.14 -10.25
C ARG C 339 3.27 -0.46 -9.63
N PRO C 340 4.37 -1.18 -9.45
CA PRO C 340 5.59 -0.55 -8.96
C PRO C 340 6.29 0.23 -10.06
N ALA C 341 7.01 1.26 -9.65
CA ALA C 341 7.87 2.01 -10.55
C ALA C 341 9.21 1.29 -10.61
N GLU C 342 9.47 0.62 -11.72
CA GLU C 342 10.59 -0.30 -11.75
C GLU C 342 11.85 0.35 -12.30
N PHE C 343 11.72 1.27 -13.23
CA PHE C 343 12.86 1.89 -13.90
C PHE C 343 12.78 3.40 -13.73
N ILE C 344 13.82 4.00 -13.19
CA ILE C 344 13.86 5.45 -13.00
C ILE C 344 14.93 5.99 -13.93
N ILE C 345 14.51 6.55 -15.07
CA ILE C 345 15.43 7.05 -16.08
C ILE C 345 15.76 8.50 -15.78
N LEU C 346 17.03 8.75 -15.48
CA LEU C 346 17.56 10.10 -15.28
C LEU C 346 18.23 10.52 -16.58
N GLN C 347 17.74 11.56 -17.20
CA GLN C 347 18.39 12.06 -18.42
C GLN C 347 18.88 13.49 -18.17
N PHE C 348 20.20 13.67 -18.20
CA PHE C 348 20.80 14.94 -17.80
C PHE C 348 21.11 15.76 -19.03
N SER C 349 21.39 17.04 -18.81
CA SER C 349 21.75 17.92 -19.91
C SER C 349 22.70 18.98 -19.39
N GLN C 350 22.88 20.04 -20.17
CA GLN C 350 23.92 21.03 -19.97
C GLN C 350 23.29 22.40 -20.07
N ASP C 351 22.14 22.48 -20.72
CA ASP C 351 21.46 23.75 -20.91
C ASP C 351 20.34 23.96 -19.90
N ILE C 352 20.15 25.21 -19.51
CA ILE C 352 19.07 25.56 -18.61
C ILE C 352 18.04 26.37 -19.38
N VAL D 4 55.33 -12.69 18.82
CA VAL D 4 56.21 -13.34 19.79
C VAL D 4 56.15 -12.59 21.12
N THR D 5 55.18 -11.69 21.25
CA THR D 5 55.00 -10.94 22.47
C THR D 5 54.34 -11.83 23.53
N SER D 6 55.04 -12.08 24.63
CA SER D 6 54.49 -12.82 25.75
C SER D 6 54.62 -12.12 27.09
N VAL D 7 55.69 -11.36 27.31
CA VAL D 7 55.89 -10.63 28.55
C VAL D 7 55.01 -9.39 28.46
N PRO D 8 54.30 -9.00 29.51
CA PRO D 8 53.38 -7.86 29.38
C PRO D 8 54.03 -6.49 29.48
N GLY D 9 55.33 -6.38 29.25
CA GLY D 9 55.99 -5.09 29.30
C GLY D 9 55.89 -4.26 28.03
N VAL D 10 57.00 -3.62 27.65
CA VAL D 10 57.10 -2.78 26.46
C VAL D 10 58.24 -3.31 25.61
N TYR D 11 57.97 -3.54 24.32
CA TYR D 11 58.94 -4.12 23.40
C TYR D 11 59.56 -3.03 22.53
N ILE D 12 60.77 -3.32 22.04
CA ILE D 12 61.57 -2.36 21.28
C ILE D 12 62.09 -3.03 20.02
N GLU D 13 61.79 -2.45 18.85
CA GLU D 13 62.41 -2.82 17.59
C GLU D 13 63.13 -1.60 17.03
N GLU D 14 64.10 -1.82 16.14
CA GLU D 14 65.01 -0.73 15.79
C GLU D 14 65.21 -0.47 14.31
N ASP D 15 64.66 -1.28 13.41
CA ASP D 15 64.82 -1.02 11.98
C ASP D 15 63.49 -1.05 11.28
N ALA D 16 62.52 -0.33 11.83
CA ALA D 16 61.21 -0.21 11.22
C ALA D 16 61.23 0.83 10.10
N SER D 17 60.23 0.77 9.27
CA SER D 17 59.98 1.75 8.23
C SER D 17 58.89 2.71 8.68
N PRO D 18 58.92 3.98 8.26
CA PRO D 18 57.85 4.90 8.67
C PRO D 18 56.54 4.59 7.98
N ALA D 19 55.46 4.66 8.78
CA ALA D 19 54.12 4.38 8.30
C ALA D 19 53.61 5.52 7.42
N MET D 20 52.53 5.24 6.72
CA MET D 20 51.98 6.16 5.74
C MET D 20 50.51 6.42 6.06
N SER D 21 50.13 7.68 5.96
CA SER D 21 48.76 8.11 6.23
C SER D 21 47.89 7.92 5.00
N VAL D 22 46.60 7.76 5.24
CA VAL D 22 45.61 7.60 4.19
C VAL D 22 44.47 8.56 4.44
N SER D 23 43.93 9.13 3.36
CA SER D 23 42.82 10.06 3.46
C SER D 23 41.52 9.34 3.16
N ALA D 24 40.42 10.08 3.22
CA ALA D 24 39.09 9.54 2.95
C ALA D 24 38.47 10.37 1.83
N SER D 25 38.01 9.69 0.78
CA SER D 25 37.35 10.35 -0.33
C SER D 25 36.34 9.39 -0.95
N ALA D 26 35.32 9.95 -1.58
CA ALA D 26 34.28 9.16 -2.21
C ALA D 26 34.17 9.39 -3.70
N THR D 27 34.90 10.35 -4.26
CA THR D 27 34.81 10.67 -5.68
C THR D 27 36.01 10.21 -6.47
N ALA D 28 37.08 9.75 -5.82
CA ALA D 28 38.28 9.28 -6.51
C ALA D 28 38.67 7.94 -5.86
N VAL D 29 38.13 6.86 -6.39
CA VAL D 29 38.46 5.50 -5.97
C VAL D 29 38.97 4.74 -7.19
N PRO D 30 40.28 4.57 -7.31
CA PRO D 30 40.86 4.01 -8.52
C PRO D 30 41.00 2.48 -8.48
N LEU D 31 41.34 1.92 -9.65
CA LEU D 31 41.56 0.48 -9.82
C LEU D 31 42.89 0.29 -10.54
N PHE D 32 43.97 0.16 -9.77
CA PHE D 32 45.29 0.07 -10.37
C PHE D 32 45.50 -1.34 -10.92
N VAL D 33 45.63 -1.44 -12.24
CA VAL D 33 45.92 -2.70 -12.91
C VAL D 33 47.41 -2.72 -13.20
N ALA D 34 48.16 -3.48 -12.41
CA ALA D 34 49.60 -3.57 -12.57
C ALA D 34 50.06 -4.95 -12.15
N ARG D 35 51.37 -5.15 -12.09
CA ARG D 35 51.96 -6.45 -11.77
C ARG D 35 52.18 -6.56 -10.26
N PHE D 36 51.07 -6.73 -9.55
CA PHE D 36 51.13 -6.92 -8.11
C PHE D 36 51.30 -8.41 -7.80
N THR D 37 52.19 -8.70 -6.87
CA THR D 37 52.49 -10.09 -6.53
C THR D 37 51.86 -10.42 -5.19
N PRO D 38 50.84 -11.28 -5.13
CA PRO D 38 50.22 -11.60 -3.85
C PRO D 38 51.10 -12.48 -2.99
N LEU D 39 50.76 -12.53 -1.70
CA LEU D 39 51.40 -13.47 -0.79
C LEU D 39 50.61 -14.77 -0.72
N LYS D 40 49.34 -14.69 -0.36
CA LYS D 40 48.48 -15.87 -0.43
C LYS D 40 47.74 -15.89 -1.76
N PRO D 41 47.80 -16.99 -2.50
CA PRO D 41 47.44 -16.96 -3.92
C PRO D 41 45.94 -17.04 -4.22
N GLU D 42 45.05 -16.86 -3.24
CA GLU D 42 43.63 -16.87 -3.59
C GLU D 42 43.20 -15.57 -4.25
N LEU D 43 43.90 -14.47 -3.98
CA LEU D 43 43.57 -13.18 -4.57
C LEU D 43 44.46 -12.89 -5.79
N ALA D 44 44.42 -13.83 -6.73
CA ALA D 44 45.24 -13.73 -7.93
C ALA D 44 44.50 -13.16 -9.13
N GLY D 45 43.22 -13.48 -9.29
CA GLY D 45 42.47 -13.00 -10.42
C GLY D 45 41.25 -12.18 -10.05
N VAL D 46 41.20 -11.72 -8.80
CA VAL D 46 40.05 -10.95 -8.32
C VAL D 46 40.50 -9.55 -7.95
N ILE D 47 39.54 -8.70 -7.59
CA ILE D 47 39.80 -7.33 -7.20
C ILE D 47 39.70 -7.22 -5.68
N THR D 48 40.75 -6.71 -5.04
CA THR D 48 40.79 -6.57 -3.60
C THR D 48 40.86 -5.11 -3.20
N ARG D 49 40.29 -4.80 -2.05
CA ARG D 49 40.29 -3.44 -1.51
C ARG D 49 41.49 -3.27 -0.58
N ILE D 50 42.23 -2.18 -0.79
CA ILE D 50 43.45 -1.90 -0.03
C ILE D 50 43.24 -0.56 0.67
N GLY D 51 42.76 -0.63 1.92
CA GLY D 51 42.34 0.58 2.61
C GLY D 51 43.47 1.50 3.02
N SER D 52 44.67 0.97 3.20
CA SER D 52 45.82 1.76 3.58
C SER D 52 47.08 1.06 3.07
N TRP D 53 48.23 1.68 3.32
CA TRP D 53 49.49 1.05 2.95
C TRP D 53 49.79 -0.16 3.83
N LEU D 54 49.28 -0.15 5.06
CA LEU D 54 49.45 -1.30 5.95
C LEU D 54 48.68 -2.51 5.44
N ASP D 55 47.56 -2.28 4.76
CA ASP D 55 46.80 -3.38 4.19
C ASP D 55 47.52 -3.96 2.97
N TYR D 56 48.31 -3.14 2.28
CA TYR D 56 49.06 -3.63 1.12
C TYR D 56 50.21 -4.53 1.55
N THR D 57 50.88 -4.18 2.65
CA THR D 57 52.03 -4.97 3.09
C THR D 57 51.65 -6.33 3.66
N ILE D 58 50.40 -6.49 4.10
CA ILE D 58 49.97 -7.78 4.64
C ILE D 58 49.45 -8.68 3.53
N LEU D 59 48.69 -8.13 2.59
CA LEU D 59 48.08 -8.96 1.56
C LEU D 59 49.05 -9.22 0.41
N PHE D 60 49.81 -8.20 0.00
CA PHE D 60 50.70 -8.31 -1.14
C PHE D 60 52.15 -8.24 -0.69
N ASP D 61 53.03 -8.81 -1.52
CA ASP D 61 54.46 -8.71 -1.28
C ASP D 61 54.92 -7.32 -1.64
N SER D 62 55.47 -6.59 -0.67
CA SER D 62 55.85 -5.20 -0.88
C SER D 62 57.34 -5.00 -1.10
N ASN D 63 58.15 -6.05 -0.97
CA ASN D 63 59.59 -5.92 -1.23
C ASN D 63 59.91 -6.29 -2.68
N VAL D 64 59.70 -7.56 -3.02
CA VAL D 64 59.85 -8.16 -4.36
C VAL D 64 61.22 -7.82 -4.95
N PRO D 65 62.28 -8.51 -4.54
CA PRO D 65 63.64 -8.11 -4.96
C PRO D 65 63.86 -8.29 -6.46
N SER D 66 64.55 -7.30 -7.05
CA SER D 66 64.74 -7.23 -8.48
C SER D 66 65.76 -8.25 -8.96
N SER D 67 65.81 -8.42 -10.28
CA SER D 67 66.73 -9.36 -10.89
C SER D 67 67.41 -8.74 -12.11
N VAL D 106 67.92 -7.17 -15.13
CA VAL D 106 67.86 -5.71 -15.21
C VAL D 106 66.44 -5.22 -15.01
N VAL D 107 65.50 -6.16 -14.92
CA VAL D 107 64.10 -5.83 -14.70
C VAL D 107 63.91 -5.41 -13.25
N ASP D 108 62.96 -4.50 -13.00
CA ASP D 108 62.75 -3.96 -11.68
C ASP D 108 61.26 -3.90 -11.38
N PRO D 109 60.80 -4.44 -10.24
CA PRO D 109 59.38 -4.35 -9.90
C PRO D 109 59.00 -2.94 -9.47
N THR D 110 57.98 -2.39 -10.13
CA THR D 110 57.58 -1.01 -9.92
C THR D 110 56.13 -0.86 -9.48
N ALA D 111 55.41 -1.96 -9.27
CA ALA D 111 54.02 -1.87 -8.87
C ALA D 111 53.87 -1.48 -7.41
N SER D 112 54.77 -1.93 -6.55
CA SER D 112 54.73 -1.53 -5.15
C SER D 112 55.26 -0.12 -4.93
N VAL D 113 56.13 0.37 -5.81
CA VAL D 113 56.62 1.74 -5.71
C VAL D 113 55.52 2.72 -6.13
N ALA D 114 54.70 2.33 -7.11
CA ALA D 114 53.66 3.22 -7.62
C ALA D 114 52.53 3.43 -6.61
N LEU D 115 52.30 2.46 -5.71
CA LEU D 115 51.29 2.68 -4.68
C LEU D 115 51.78 3.54 -3.54
N ARG D 116 53.09 3.50 -3.23
CA ARG D 116 53.60 4.39 -2.19
C ARG D 116 53.52 5.84 -2.62
N LEU D 117 53.71 6.11 -3.91
CA LEU D 117 53.50 7.46 -4.41
C LEU D 117 52.03 7.82 -4.51
N TYR D 118 51.14 6.83 -4.50
CA TYR D 118 49.71 7.13 -4.46
C TYR D 118 49.29 7.63 -3.08
N PHE D 119 49.74 6.97 -2.02
CA PHE D 119 49.30 7.35 -0.69
C PHE D 119 50.05 8.59 -0.19
N GLN D 120 51.23 8.87 -0.76
CA GLN D 120 51.92 10.12 -0.42
C GLN D 120 51.24 11.34 -1.04
N ASN D 121 50.48 11.14 -2.11
CA ASN D 121 49.83 12.24 -2.80
C ASN D 121 48.34 12.34 -2.50
N GLY D 122 47.86 11.63 -1.48
CA GLY D 122 46.44 11.58 -1.22
C GLY D 122 45.87 10.19 -1.45
N GLY D 123 45.65 9.44 -0.38
CA GLY D 123 45.27 8.05 -0.48
C GLY D 123 43.81 7.85 -0.81
N GLY D 124 43.35 6.62 -0.57
CA GLY D 124 41.99 6.24 -0.84
C GLY D 124 41.74 4.77 -0.58
N PRO D 125 40.52 4.31 -0.86
CA PRO D 125 40.23 2.87 -0.67
C PRO D 125 40.95 1.95 -1.64
N CYS D 126 41.32 2.45 -2.82
CA CYS D 126 42.39 1.90 -3.67
C CYS D 126 42.24 0.43 -4.05
N TYR D 127 41.27 0.09 -4.90
CA TYR D 127 41.12 -1.27 -5.39
C TYR D 127 42.28 -1.65 -6.30
N LEU D 128 42.70 -2.92 -6.21
CA LEU D 128 43.79 -3.43 -7.01
C LEU D 128 43.35 -4.67 -7.80
N TYR D 129 43.88 -4.81 -9.00
CA TYR D 129 43.66 -6.02 -9.81
C TYR D 129 45.01 -6.54 -10.29
N PRO D 130 45.58 -7.56 -9.65
CA PRO D 130 46.86 -8.10 -10.10
C PRO D 130 46.76 -8.86 -11.42
N LEU D 131 47.45 -8.35 -12.44
CA LEU D 131 47.41 -8.91 -13.78
C LEU D 131 48.85 -9.06 -14.25
N GLU D 132 49.32 -10.30 -14.35
CA GLU D 132 50.75 -10.56 -14.38
C GLU D 132 51.39 -10.23 -15.73
N LYS D 133 50.99 -10.93 -16.78
CA LYS D 133 51.54 -10.68 -18.11
C LYS D 133 50.46 -10.02 -18.96
N ALA D 134 50.87 -9.46 -20.10
CA ALA D 134 49.96 -8.62 -20.87
C ALA D 134 49.06 -9.44 -21.77
N ASP D 135 49.61 -10.44 -22.45
CA ASP D 135 48.92 -11.09 -23.57
C ASP D 135 47.89 -12.13 -23.15
N ASP D 136 47.60 -12.31 -21.87
CA ASP D 136 46.56 -13.26 -21.46
C ASP D 136 45.19 -12.61 -21.63
N ASN D 137 44.57 -12.88 -22.78
CA ASN D 137 43.29 -12.29 -23.14
C ASN D 137 42.12 -12.92 -22.40
N GLY D 138 42.36 -13.91 -21.55
CA GLY D 138 41.35 -14.45 -20.66
C GLY D 138 40.95 -13.50 -19.55
N PRO D 139 41.89 -13.17 -18.64
CA PRO D 139 41.56 -12.22 -17.56
C PRO D 139 41.28 -10.80 -18.02
N LEU D 140 41.76 -10.39 -19.19
CA LEU D 140 41.41 -9.05 -19.67
C LEU D 140 39.99 -9.02 -20.25
N ALA D 141 39.50 -10.14 -20.76
CA ALA D 141 38.11 -10.17 -21.22
C ALA D 141 37.15 -10.22 -20.04
N ALA D 142 37.57 -10.79 -18.92
CA ALA D 142 36.76 -10.85 -17.72
C ALA D 142 36.92 -9.63 -16.83
N LEU D 143 37.71 -8.65 -17.25
CA LEU D 143 37.95 -7.48 -16.41
C LEU D 143 36.76 -6.52 -16.32
N PRO D 144 36.08 -6.09 -17.40
CA PRO D 144 34.97 -5.14 -17.20
C PRO D 144 33.75 -5.72 -16.51
N ASP D 145 33.63 -7.05 -16.41
CA ASP D 145 32.54 -7.66 -15.66
C ASP D 145 32.84 -7.71 -14.17
N LEU D 146 34.12 -7.73 -13.79
CA LEU D 146 34.49 -7.69 -12.39
C LEU D 146 34.46 -6.28 -11.82
N ILE D 147 34.57 -5.26 -12.67
CA ILE D 147 34.53 -3.88 -12.19
C ILE D 147 33.09 -3.51 -11.81
N ASP D 148 32.12 -4.01 -12.57
CA ASP D 148 30.72 -3.69 -12.28
C ASP D 148 30.21 -4.39 -11.03
N GLU D 149 30.84 -5.48 -10.62
CA GLU D 149 30.40 -6.17 -9.41
C GLU D 149 30.76 -5.38 -8.15
N VAL D 150 31.84 -4.64 -8.18
CA VAL D 150 32.20 -3.75 -7.09
C VAL D 150 31.56 -2.40 -7.36
N GLY D 151 30.98 -1.79 -6.34
CA GLY D 151 30.08 -0.67 -6.58
C GLY D 151 30.77 0.64 -6.88
N GLU D 152 31.98 0.83 -6.37
CA GLU D 152 32.48 2.18 -6.12
C GLU D 152 33.76 2.57 -6.87
N ILE D 153 34.08 1.93 -8.00
CA ILE D 153 35.23 2.38 -8.78
C ILE D 153 34.85 3.62 -9.59
N THR D 154 35.67 4.67 -9.49
CA THR D 154 35.50 5.89 -10.28
C THR D 154 36.61 6.11 -11.28
N LEU D 155 37.86 5.92 -10.89
CA LEU D 155 39.02 6.09 -11.76
C LEU D 155 39.60 4.73 -12.14
N LEU D 156 40.29 4.68 -13.29
CA LEU D 156 40.94 3.44 -13.70
C LEU D 156 42.44 3.48 -13.50
N ALA D 157 43.19 4.25 -14.30
CA ALA D 157 44.59 4.64 -14.06
C ALA D 157 45.54 3.45 -13.83
N SER D 158 45.81 2.67 -14.88
CA SER D 158 46.72 1.52 -14.74
C SER D 158 48.19 1.96 -14.72
N PRO D 159 48.93 1.75 -13.60
CA PRO D 159 50.30 2.29 -13.43
C PRO D 159 51.44 1.35 -13.82
N ASP D 160 51.63 1.11 -15.11
CA ASP D 160 52.66 0.15 -15.46
C ASP D 160 53.64 0.75 -16.47
N PRO D 161 54.95 0.52 -16.29
CA PRO D 161 55.93 1.17 -17.18
C PRO D 161 56.00 0.57 -18.58
N ASP D 162 55.49 -0.65 -18.78
CA ASP D 162 55.51 -1.25 -20.12
C ASP D 162 54.49 -0.57 -21.01
N GLU D 163 54.79 -0.48 -22.30
CA GLU D 163 53.92 0.24 -23.22
C GLU D 163 52.84 -0.67 -23.79
N THR D 164 53.19 -1.89 -24.19
CA THR D 164 52.22 -2.82 -24.73
C THR D 164 51.33 -3.43 -23.65
N TYR D 165 51.74 -3.34 -22.39
CA TYR D 165 50.90 -3.79 -21.29
C TYR D 165 49.68 -2.89 -21.13
N ARG D 166 49.89 -1.57 -21.23
CA ARG D 166 48.81 -0.61 -21.03
C ARG D 166 47.85 -0.58 -22.20
N THR D 167 48.36 -0.82 -23.41
CA THR D 167 47.52 -0.85 -24.60
C THR D 167 46.54 -2.02 -24.56
N ALA D 168 46.94 -3.15 -24.00
CA ALA D 168 46.00 -4.25 -23.79
C ALA D 168 44.98 -3.92 -22.71
N VAL D 169 45.36 -3.11 -21.72
CA VAL D 169 44.43 -2.72 -20.68
C VAL D 169 43.51 -1.61 -21.16
N TYR D 170 44.04 -0.63 -21.88
CA TYR D 170 43.24 0.50 -22.35
C TYR D 170 42.25 0.08 -23.43
N GLY D 171 42.58 -0.97 -24.19
CA GLY D 171 41.64 -1.48 -25.18
C GLY D 171 40.54 -2.32 -24.56
N ALA D 172 40.84 -3.01 -23.46
CA ALA D 172 39.83 -3.81 -22.78
C ALA D 172 38.86 -2.96 -21.98
N LEU D 173 39.27 -1.76 -21.59
CA LEU D 173 38.43 -0.87 -20.81
C LEU D 173 37.76 0.22 -21.64
N ALA D 174 38.01 0.26 -22.93
CA ALA D 174 37.47 1.33 -23.77
C ALA D 174 35.98 1.16 -24.02
N ALA D 175 35.48 -0.07 -23.99
CA ALA D 175 34.05 -0.31 -24.23
C ALA D 175 33.21 0.01 -23.02
N SER D 176 33.81 0.09 -21.83
CA SER D 176 33.06 0.37 -20.62
C SER D 176 32.99 1.85 -20.29
N LEU D 177 33.68 2.70 -21.06
CA LEU D 177 33.69 4.13 -20.77
C LEU D 177 32.50 4.87 -21.35
N ASP D 178 31.93 4.38 -22.45
CA ASP D 178 30.77 5.01 -23.08
C ASP D 178 29.45 4.35 -22.70
N GLN D 179 29.37 3.72 -21.53
CA GLN D 179 28.17 3.02 -21.09
C GLN D 179 27.51 3.71 -19.90
N HIS D 180 27.80 5.00 -19.70
CA HIS D 180 27.16 5.86 -18.69
C HIS D 180 27.35 5.35 -17.26
N LYS D 181 28.43 4.62 -17.02
CA LYS D 181 28.69 4.06 -15.70
C LYS D 181 29.53 4.97 -14.81
N GLY D 182 30.05 6.06 -15.36
CA GLY D 182 30.75 7.04 -14.57
C GLY D 182 32.22 6.79 -14.34
N TYR D 183 32.84 5.90 -15.12
CA TYR D 183 34.27 5.68 -14.94
C TYR D 183 35.05 6.79 -15.63
N PHE D 184 36.32 6.91 -15.26
CA PHE D 184 37.17 7.95 -15.82
C PHE D 184 38.57 7.37 -15.95
N LEU D 185 39.03 7.20 -17.18
CA LEU D 185 40.34 6.61 -17.44
C LEU D 185 41.43 7.67 -17.37
N LEU D 186 42.54 7.33 -16.73
CA LEU D 186 43.72 8.17 -16.67
C LEU D 186 44.81 7.49 -17.50
N ALA D 187 44.85 7.79 -18.78
CA ALA D 187 45.81 7.20 -19.68
C ALA D 187 47.14 7.95 -19.63
N ASP D 188 48.14 7.40 -20.29
CA ASP D 188 49.48 7.95 -20.29
C ASP D 188 50.02 7.97 -21.71
N SER D 189 50.51 9.13 -22.14
CA SER D 189 51.08 9.23 -23.46
C SER D 189 52.45 8.57 -23.49
N VAL D 190 52.89 8.21 -24.68
CA VAL D 190 54.16 7.54 -24.88
C VAL D 190 55.22 8.49 -25.42
N ASN D 191 54.88 9.21 -26.50
CA ASN D 191 55.80 10.20 -27.05
C ASN D 191 55.09 11.52 -27.39
N GLY D 192 53.88 11.74 -26.86
CA GLY D 192 53.23 13.01 -27.05
C GLY D 192 51.90 12.93 -27.77
N ASP D 193 51.22 11.80 -27.67
CA ASP D 193 49.93 11.63 -28.32
C ASP D 193 49.10 10.62 -27.54
N ALA D 194 47.81 10.60 -27.85
CA ALA D 194 46.89 9.68 -27.19
C ALA D 194 47.21 8.24 -27.59
N PRO D 195 46.99 7.26 -26.69
CA PRO D 195 47.35 5.87 -26.99
C PRO D 195 46.43 5.15 -27.96
N SER D 196 45.44 5.86 -28.52
CA SER D 196 44.62 5.51 -29.69
C SER D 196 43.63 4.39 -29.43
N ALA D 197 43.68 3.75 -28.27
CA ALA D 197 42.59 2.87 -27.87
C ALA D 197 41.42 3.68 -27.36
N VAL D 198 41.71 4.86 -26.81
CA VAL D 198 40.70 5.80 -26.35
C VAL D 198 40.94 7.16 -27.01
N GLY D 199 40.31 7.37 -28.16
CA GLY D 199 40.68 8.50 -28.99
C GLY D 199 40.10 9.82 -28.52
N GLY D 200 38.79 9.96 -28.57
CA GLY D 200 38.17 11.24 -28.30
C GLY D 200 36.98 11.18 -27.38
N SER D 201 36.98 10.24 -26.45
CA SER D 201 35.90 10.17 -25.48
C SER D 201 36.16 11.13 -24.33
N ALA D 202 35.09 11.64 -23.74
CA ALA D 202 35.20 12.62 -22.68
C ALA D 202 35.56 12.02 -21.33
N GLN D 203 35.74 10.71 -21.25
CA GLN D 203 36.02 10.02 -20.00
C GLN D 203 37.51 9.75 -19.79
N VAL D 204 38.37 10.35 -20.61
CA VAL D 204 39.79 9.99 -20.66
C VAL D 204 40.62 11.25 -20.47
N ALA D 205 41.59 11.20 -19.57
CA ALA D 205 42.58 12.25 -19.39
C ALA D 205 43.96 11.64 -19.51
N VAL D 206 44.71 12.08 -20.51
CA VAL D 206 46.05 11.57 -20.79
C VAL D 206 47.04 12.46 -20.05
N TYR D 207 48.16 11.89 -19.59
CA TYR D 207 49.21 12.63 -18.90
C TYR D 207 50.55 12.18 -19.43
N TYR D 208 51.29 13.08 -20.08
CA TYR D 208 52.42 12.65 -20.90
C TYR D 208 53.70 12.26 -20.18
N PRO D 209 54.37 13.11 -19.38
CA PRO D 209 55.77 12.79 -19.03
C PRO D 209 55.87 11.71 -17.97
N ASN D 210 56.72 10.71 -18.25
CA ASN D 210 57.07 9.74 -17.23
C ASN D 210 57.87 10.41 -16.14
N VAL D 211 57.63 9.95 -14.91
CA VAL D 211 58.14 10.62 -13.73
C VAL D 211 59.14 9.69 -13.04
N GLU D 212 60.32 10.21 -12.73
CA GLU D 212 61.43 9.38 -12.28
C GLU D 212 61.58 9.43 -10.76
N VAL D 213 61.87 8.27 -10.17
CA VAL D 213 61.93 8.08 -8.73
C VAL D 213 63.33 7.59 -8.40
N PRO D 214 64.01 8.14 -7.38
CA PRO D 214 65.32 7.65 -6.95
C PRO D 214 65.29 6.23 -6.39
N PRO D 265 67.69 5.46 -11.36
CA PRO D 265 66.37 6.10 -11.22
C PRO D 265 65.33 5.45 -12.11
N LEU D 266 64.31 4.84 -11.51
CA LEU D 266 63.27 4.16 -12.26
C LEU D 266 62.18 5.15 -12.67
N SER D 267 61.72 5.02 -13.91
CA SER D 267 60.75 5.94 -14.49
C SER D 267 59.36 5.33 -14.40
N LEU D 268 58.44 6.03 -13.76
CA LEU D 268 57.08 5.58 -13.59
C LEU D 268 56.12 6.36 -14.48
N PRO D 269 55.09 5.71 -15.00
CA PRO D 269 54.00 6.47 -15.61
C PRO D 269 53.22 7.23 -14.56
N PRO D 270 52.78 8.44 -14.86
CA PRO D 270 52.29 9.35 -13.82
C PRO D 270 50.89 9.06 -13.32
N SER D 271 50.21 8.01 -13.78
CA SER D 271 48.80 7.81 -13.45
C SER D 271 48.58 7.42 -12.00
N ALA D 272 49.57 6.81 -11.35
CA ALA D 272 49.44 6.47 -9.94
C ALA D 272 49.53 7.72 -9.07
N LEU D 273 50.22 8.75 -9.56
CA LEU D 273 50.35 9.98 -8.80
C LEU D 273 49.17 10.91 -9.04
N ILE D 274 48.66 10.95 -10.28
CA ILE D 274 47.55 11.82 -10.60
C ILE D 274 46.25 11.31 -9.99
N ALA D 275 46.14 9.98 -9.84
CA ALA D 275 45.01 9.41 -9.11
C ALA D 275 45.07 9.79 -7.63
N GLY D 276 46.27 10.04 -7.11
CA GLY D 276 46.39 10.56 -5.77
C GLY D 276 45.96 12.00 -5.65
N VAL D 277 46.33 12.84 -6.63
CA VAL D 277 46.06 14.27 -6.48
C VAL D 277 44.62 14.60 -6.84
N TYR D 278 43.88 13.66 -7.42
CA TYR D 278 42.44 13.86 -7.56
C TYR D 278 41.76 13.75 -6.20
N GLY D 279 42.17 12.77 -5.39
CA GLY D 279 41.58 12.63 -4.07
C GLY D 279 41.97 13.74 -3.13
N LYS D 280 43.16 14.32 -3.32
CA LYS D 280 43.57 15.45 -2.52
C LYS D 280 42.80 16.70 -2.90
N THR D 281 42.56 16.90 -4.20
CA THR D 281 41.88 18.11 -4.66
C THR D 281 40.39 18.06 -4.33
N ASP D 282 39.78 16.89 -4.48
CA ASP D 282 38.34 16.77 -4.24
C ASP D 282 38.02 16.87 -2.76
N GLY D 283 38.94 16.42 -1.90
CA GLY D 283 38.70 16.53 -0.47
C GLY D 283 38.86 17.95 0.03
N GLU D 284 39.76 18.71 -0.58
CA GLU D 284 40.06 20.07 -0.14
C GLU D 284 39.28 21.14 -0.89
N ARG D 285 38.94 20.90 -2.15
CA ARG D 285 38.30 21.93 -2.98
C ARG D 285 37.03 21.48 -3.67
N GLY D 286 36.81 20.18 -3.86
CA GLY D 286 35.65 19.68 -4.55
C GLY D 286 35.98 19.22 -5.97
N VAL D 287 35.04 18.49 -6.56
CA VAL D 287 35.24 17.94 -7.90
C VAL D 287 35.10 19.00 -8.97
N TRP D 288 34.52 20.15 -8.66
CA TRP D 288 34.36 21.22 -9.62
C TRP D 288 35.62 22.07 -9.75
N LYS D 289 36.64 21.80 -8.96
CA LYS D 289 37.92 22.49 -9.05
C LYS D 289 38.85 21.72 -9.99
N ALA D 290 39.55 22.46 -10.84
CA ALA D 290 40.49 21.85 -11.77
C ALA D 290 41.70 21.29 -11.02
N PRO D 291 42.00 20.01 -11.16
CA PRO D 291 43.16 19.41 -10.45
C PRO D 291 44.47 19.66 -11.18
N ALA D 292 44.86 20.93 -11.28
CA ALA D 292 45.99 21.26 -12.15
C ALA D 292 46.89 22.35 -11.57
N ASN D 293 47.04 22.45 -10.25
CA ASN D 293 48.14 23.19 -9.66
C ASN D 293 48.72 22.46 -8.46
N VAL D 294 48.59 21.16 -8.41
CA VAL D 294 49.06 20.39 -7.27
C VAL D 294 50.51 20.01 -7.49
N VAL D 295 51.34 20.28 -6.50
CA VAL D 295 52.74 19.91 -6.53
C VAL D 295 52.87 18.45 -6.12
N LEU D 296 53.54 17.66 -6.94
CA LEU D 296 53.62 16.21 -6.73
C LEU D 296 54.62 15.92 -5.62
N ASN D 297 54.16 15.28 -4.55
CA ASN D 297 55.04 14.87 -3.47
C ASN D 297 55.80 13.62 -3.86
N GLY D 298 56.86 13.33 -3.10
CA GLY D 298 57.62 12.14 -3.42
C GLY D 298 58.72 12.42 -4.42
N VAL D 299 58.38 12.24 -5.69
CA VAL D 299 59.27 12.27 -6.85
C VAL D 299 60.07 13.55 -6.99
N SER D 300 61.18 13.47 -7.73
CA SER D 300 62.11 14.57 -7.89
C SER D 300 62.01 15.25 -9.24
N ASP D 301 62.11 14.49 -10.34
CA ASP D 301 62.19 15.08 -11.66
C ASP D 301 61.51 14.19 -12.68
N VAL D 302 60.98 14.81 -13.73
CA VAL D 302 60.36 14.10 -14.84
C VAL D 302 61.44 13.57 -15.78
N SER D 303 61.05 12.69 -16.70
CA SER D 303 62.01 12.11 -17.63
C SER D 303 62.30 13.05 -18.80
N VAL D 304 61.32 13.84 -19.21
CA VAL D 304 61.47 14.80 -20.32
C VAL D 304 61.01 16.15 -19.83
N ARG D 305 61.89 17.15 -19.89
CA ARG D 305 61.51 18.52 -19.53
C ARG D 305 60.84 19.15 -20.73
N VAL D 306 59.54 19.43 -20.60
CA VAL D 306 58.71 19.84 -21.73
C VAL D 306 58.69 21.37 -21.82
N THR D 307 58.98 21.90 -23.00
CA THR D 307 58.97 23.33 -23.22
C THR D 307 57.54 23.83 -23.44
N ASN D 308 57.40 25.14 -23.66
CA ASN D 308 56.09 25.71 -23.97
C ASN D 308 55.69 25.39 -25.40
N GLU D 309 56.65 25.38 -26.33
CA GLU D 309 56.32 25.30 -27.75
C GLU D 309 55.82 23.92 -28.14
N GLN D 310 56.27 22.87 -27.43
CA GLN D 310 55.72 21.55 -27.68
C GLN D 310 54.47 21.30 -26.84
N GLN D 311 54.28 22.05 -25.75
CA GLN D 311 52.99 21.99 -25.09
C GLN D 311 51.93 22.76 -25.86
N ALA D 312 52.32 23.76 -26.66
CA ALA D 312 51.40 24.52 -27.49
C ALA D 312 50.80 23.69 -28.62
N GLU D 313 51.44 22.59 -29.02
CA GLU D 313 50.86 21.67 -29.97
C GLU D 313 50.21 20.47 -29.29
N LEU D 314 50.42 20.32 -27.99
CA LEU D 314 49.83 19.26 -27.19
C LEU D 314 48.60 19.67 -26.42
N ASN D 315 48.55 20.87 -25.87
CA ASN D 315 47.40 21.28 -25.08
C ASN D 315 46.11 21.50 -25.87
N PRO D 316 46.12 21.80 -27.21
CA PRO D 316 44.88 21.58 -27.98
C PRO D 316 44.68 20.14 -28.43
N LYS D 317 45.07 19.22 -27.56
CA LYS D 317 44.60 17.86 -27.41
C LYS D 317 44.57 17.66 -25.90
N GLY D 318 44.00 16.55 -25.45
CA GLY D 318 44.10 16.36 -24.01
C GLY D 318 45.37 15.62 -23.68
N ILE D 319 46.47 16.34 -23.38
CA ILE D 319 47.74 15.71 -23.10
C ILE D 319 48.23 16.01 -21.68
N ASN D 320 47.97 17.21 -21.17
CA ASN D 320 48.03 17.55 -19.74
C ASN D 320 49.43 17.32 -19.15
N VAL D 321 50.36 18.14 -19.61
CA VAL D 321 51.78 17.94 -19.33
C VAL D 321 52.09 18.19 -17.86
N ILE D 322 52.87 17.29 -17.28
CA ILE D 322 53.52 17.52 -15.97
C ILE D 322 54.72 18.41 -16.20
N ARG D 323 54.66 19.64 -15.70
CA ARG D 323 55.70 20.63 -15.91
C ARG D 323 56.58 20.76 -14.67
N HIS D 324 57.78 21.28 -14.87
CA HIS D 324 58.70 21.60 -13.79
C HIS D 324 58.85 23.09 -13.68
N PHE D 325 58.55 23.63 -12.50
CA PHE D 325 58.79 25.02 -12.16
C PHE D 325 59.85 25.07 -11.07
N SER D 326 60.78 26.03 -11.19
CA SER D 326 61.96 26.01 -10.34
C SER D 326 61.62 26.38 -8.90
N ASP D 327 60.65 27.28 -8.71
CA ASP D 327 60.29 27.69 -7.36
C ASP D 327 59.36 26.68 -6.69
N ARG D 328 58.61 25.92 -7.48
CA ARG D 328 57.58 25.06 -6.92
C ARG D 328 57.93 23.57 -6.97
N GLY D 329 58.50 23.08 -8.06
CA GLY D 329 58.81 21.67 -8.18
C GLY D 329 58.14 21.04 -9.39
N LEU D 330 57.44 19.94 -9.19
CA LEU D 330 56.72 19.26 -10.27
C LEU D 330 55.23 19.54 -10.09
N VAL D 331 54.67 20.30 -11.02
CA VAL D 331 53.28 20.73 -10.96
C VAL D 331 52.53 20.10 -12.12
N VAL D 332 51.41 19.45 -11.84
CA VAL D 332 50.53 19.00 -12.90
C VAL D 332 49.89 20.22 -13.55
N TRP D 333 49.91 20.24 -14.89
CA TRP D 333 49.69 21.51 -15.60
C TRP D 333 48.84 21.21 -16.83
N GLY D 334 47.54 21.32 -16.68
CA GLY D 334 46.60 20.99 -17.74
C GLY D 334 45.41 20.22 -17.20
N SER D 335 44.21 20.59 -17.63
CA SER D 335 42.99 19.96 -17.12
C SER D 335 41.99 19.72 -18.25
N ARG D 336 42.45 19.18 -19.37
CA ARG D 336 41.58 18.87 -20.49
C ARG D 336 41.39 17.38 -20.66
N THR D 337 40.23 17.03 -21.22
CA THR D 337 39.91 15.65 -21.61
C THR D 337 40.20 15.46 -23.09
N GLN D 338 39.92 14.25 -23.58
CA GLN D 338 40.11 13.94 -24.99
C GLN D 338 39.02 14.53 -25.88
N LYS D 339 37.89 14.92 -25.32
CA LYS D 339 36.80 15.46 -26.11
C LYS D 339 37.07 16.91 -26.46
N ASP D 340 36.95 17.26 -27.74
CA ASP D 340 37.20 18.61 -28.21
C ASP D 340 35.94 19.45 -28.24
N ASP D 341 34.84 18.94 -27.69
CA ASP D 341 33.59 19.68 -27.67
C ASP D 341 33.68 20.82 -26.65
N ASP D 342 32.84 21.84 -26.85
CA ASP D 342 32.82 22.97 -25.94
C ASP D 342 32.21 22.58 -24.60
N ASP D 343 31.37 21.55 -24.59
CA ASP D 343 30.73 21.13 -23.35
C ASP D 343 31.69 20.36 -22.45
N TRP D 344 32.33 19.32 -22.98
CA TRP D 344 33.09 18.38 -22.17
C TRP D 344 34.59 18.53 -22.38
N ARG D 345 35.04 19.77 -22.52
CA ARG D 345 36.46 20.03 -22.78
C ARG D 345 37.32 19.81 -21.55
N TYR D 346 36.83 20.20 -20.38
CA TYR D 346 37.64 20.25 -19.18
C TYR D 346 37.36 19.06 -18.27
N ILE D 347 38.40 18.67 -17.53
CA ILE D 347 38.22 17.64 -16.49
C ILE D 347 37.25 18.04 -15.39
N PRO D 348 37.32 19.23 -14.75
CA PRO D 348 36.39 19.47 -13.62
C PRO D 348 34.94 19.64 -14.01
N VAL D 349 34.66 20.01 -15.26
CA VAL D 349 33.27 20.04 -15.72
C VAL D 349 32.75 18.63 -15.94
N ARG D 350 33.61 17.74 -16.45
CA ARG D 350 33.21 16.36 -16.73
C ARG D 350 33.02 15.57 -15.45
N ARG D 351 33.95 15.68 -14.49
CA ARG D 351 33.84 14.92 -13.26
C ARG D 351 32.85 15.50 -12.27
N LEU D 352 32.39 16.74 -12.48
CA LEU D 352 31.27 17.25 -11.69
C LEU D 352 29.98 16.54 -12.08
N PHE D 353 29.73 16.41 -13.38
CA PHE D 353 28.56 15.69 -13.86
C PHE D 353 28.63 14.20 -13.58
N ASP D 354 29.82 13.60 -13.58
CA ASP D 354 29.91 12.19 -13.22
C ASP D 354 29.67 11.97 -11.74
N ALA D 355 30.06 12.92 -10.89
CA ALA D 355 29.86 12.77 -9.46
C ALA D 355 28.45 13.12 -9.04
N ALA D 356 27.80 14.04 -9.75
CA ALA D 356 26.42 14.39 -9.42
C ALA D 356 25.46 13.30 -9.86
N GLU D 357 25.72 12.68 -11.02
CA GLU D 357 24.91 11.57 -11.48
C GLU D 357 25.09 10.34 -10.60
N ARG D 358 26.27 10.21 -9.99
CA ARG D 358 26.53 9.05 -9.12
C ARG D 358 25.82 9.21 -7.78
N ASP D 359 25.74 10.44 -7.27
CA ASP D 359 25.14 10.66 -5.97
C ASP D 359 23.62 10.78 -6.05
N ILE D 360 23.09 11.25 -7.17
CA ILE D 360 21.65 11.21 -7.38
C ILE D 360 21.18 9.76 -7.54
N LYS D 361 21.97 8.93 -8.21
CA LYS D 361 21.63 7.52 -8.40
C LYS D 361 21.61 6.77 -7.07
N LYS D 362 22.53 7.10 -6.17
CA LYS D 362 22.52 6.47 -4.85
C LYS D 362 21.39 6.97 -3.96
N ALA D 363 20.80 8.12 -4.30
CA ALA D 363 19.71 8.67 -3.51
C ALA D 363 18.34 8.19 -3.97
N LEU D 364 18.21 7.81 -5.23
CA LEU D 364 16.92 7.41 -5.78
C LEU D 364 16.68 5.91 -5.75
N GLN D 365 17.71 5.12 -5.46
CA GLN D 365 17.51 3.67 -5.34
C GLN D 365 16.62 3.22 -4.19
N PRO D 366 16.48 3.93 -3.06
CA PRO D 366 15.34 3.63 -2.18
C PRO D 366 13.97 3.89 -2.80
N MET D 367 13.86 4.74 -3.81
CA MET D 367 12.59 5.00 -4.46
C MET D 367 12.32 4.09 -5.67
N VAL D 368 12.96 2.93 -5.73
CA VAL D 368 12.68 1.95 -6.77
C VAL D 368 11.71 0.93 -6.18
N PHE D 369 10.80 0.44 -7.03
CA PHE D 369 9.67 -0.45 -6.70
C PHE D 369 8.65 0.23 -5.79
N GLU D 370 8.63 1.56 -5.80
CA GLU D 370 7.55 2.34 -5.23
C GLU D 370 6.37 2.34 -6.19
N PRO D 371 5.16 2.68 -5.72
CA PRO D 371 4.06 2.86 -6.66
C PRO D 371 4.30 4.03 -7.59
N ASN D 372 4.17 3.78 -8.90
CA ASN D 372 4.47 4.78 -9.93
C ASN D 372 3.29 5.73 -10.03
N SER D 373 3.21 6.63 -9.06
CA SER D 373 2.14 7.60 -8.97
C SER D 373 2.73 9.00 -8.86
N GLN D 374 1.84 10.00 -8.83
CA GLN D 374 2.29 11.39 -8.80
C GLN D 374 2.85 11.78 -7.45
N LEU D 375 2.48 11.05 -6.39
CA LEU D 375 3.07 11.27 -5.07
C LEU D 375 4.53 10.82 -5.04
N THR D 376 4.88 9.76 -5.75
CA THR D 376 6.26 9.30 -5.81
C THR D 376 7.11 10.23 -6.66
N TRP D 377 6.54 10.79 -7.72
CA TRP D 377 7.28 11.65 -8.64
C TRP D 377 7.69 12.95 -7.96
N LYS D 378 6.90 13.41 -6.98
CA LYS D 378 7.27 14.59 -6.22
C LYS D 378 8.27 14.27 -5.12
N ARG D 379 8.25 13.04 -4.61
CA ARG D 379 9.27 12.63 -3.64
C ARG D 379 10.62 12.45 -4.30
N VAL D 380 10.63 12.11 -5.59
CA VAL D 380 11.88 11.97 -6.32
C VAL D 380 12.39 13.33 -6.77
N GLN D 381 11.48 14.23 -7.13
CA GLN D 381 11.87 15.58 -7.55
C GLN D 381 12.48 16.37 -6.41
N THR D 382 11.98 16.19 -5.20
CA THR D 382 12.50 16.92 -4.05
C THR D 382 13.86 16.38 -3.61
N ALA D 383 14.06 15.06 -3.74
CA ALA D 383 15.33 14.46 -3.38
C ALA D 383 16.45 14.88 -4.32
N ILE D 384 16.12 15.20 -5.57
CA ILE D 384 17.12 15.73 -6.49
C ILE D 384 17.29 17.23 -6.26
N ASP D 385 16.20 17.93 -5.96
CA ASP D 385 16.26 19.37 -5.74
C ASP D 385 16.99 19.71 -4.45
N ASN D 386 16.92 18.85 -3.44
CA ASN D 386 17.69 19.08 -2.23
C ASN D 386 19.17 18.83 -2.45
N TYR D 387 19.50 17.90 -3.35
CA TYR D 387 20.91 17.64 -3.64
C TYR D 387 21.51 18.75 -4.47
N LEU D 388 20.79 19.22 -5.49
CA LEU D 388 21.32 20.26 -6.37
C LEU D 388 21.35 21.62 -5.69
N TYR D 389 20.55 21.83 -4.65
CA TYR D 389 20.64 23.09 -3.92
C TYR D 389 21.91 23.15 -3.08
N ARG D 390 22.30 22.04 -2.47
CA ARG D 390 23.50 22.06 -1.63
C ARG D 390 24.78 21.86 -2.42
N LEU D 391 24.69 21.67 -3.74
CA LEU D 391 25.86 21.88 -4.59
C LEU D 391 26.00 23.35 -4.96
N TRP D 392 24.88 24.02 -5.21
CA TRP D 392 24.92 25.42 -5.59
C TRP D 392 25.41 26.31 -4.45
N GLN D 393 25.02 26.00 -3.22
CA GLN D 393 25.40 26.86 -2.11
C GLN D 393 26.78 26.56 -1.57
N GLN D 394 27.49 25.58 -2.13
CA GLN D 394 28.90 25.39 -1.80
C GLN D 394 29.79 25.70 -2.99
N GLY D 395 29.25 26.29 -4.05
CA GLY D 395 30.05 26.83 -5.13
C GLY D 395 30.24 25.95 -6.34
N ALA D 396 29.54 24.81 -6.42
CA ALA D 396 29.77 23.89 -7.52
C ALA D 396 29.15 24.39 -8.82
N LEU D 397 27.92 24.91 -8.75
CA LEU D 397 27.19 25.28 -9.95
C LEU D 397 27.34 26.77 -10.22
N ALA D 398 27.35 27.11 -11.50
CA ALA D 398 27.57 28.48 -11.95
C ALA D 398 26.23 29.18 -12.08
N GLY D 399 25.77 29.73 -10.97
CA GLY D 399 24.53 30.47 -10.95
C GLY D 399 24.60 31.62 -9.95
N ASN D 400 23.57 32.46 -10.00
CA ASN D 400 23.45 33.58 -9.11
C ASN D 400 22.08 33.67 -8.46
N LYS D 401 21.15 32.78 -8.82
CA LYS D 401 19.77 32.89 -8.40
C LYS D 401 19.21 31.55 -7.91
N ALA D 402 19.86 30.43 -8.25
CA ALA D 402 19.50 29.02 -8.06
C ALA D 402 18.38 28.56 -8.99
N GLU D 403 17.79 29.48 -9.75
CA GLU D 403 17.02 29.13 -10.92
C GLU D 403 17.83 29.25 -12.20
N GLU D 404 19.01 29.84 -12.11
CA GLU D 404 19.96 29.86 -13.21
C GLU D 404 20.99 28.75 -13.09
N ALA D 405 21.02 28.05 -11.96
CA ALA D 405 22.00 26.98 -11.78
C ALA D 405 21.46 25.64 -12.25
N TYR D 406 20.21 25.32 -11.93
CA TYR D 406 19.70 23.97 -12.18
C TYR D 406 18.19 24.02 -12.37
N PHE D 407 17.64 22.87 -12.75
CA PHE D 407 16.20 22.65 -12.79
C PHE D 407 15.95 21.15 -12.73
N VAL D 408 14.82 20.77 -12.11
CA VAL D 408 14.35 19.39 -12.09
C VAL D 408 12.91 19.39 -12.60
N ARG D 409 12.61 18.52 -13.56
CA ARG D 409 11.29 18.45 -14.17
C ARG D 409 10.80 17.01 -14.19
N VAL D 410 9.57 16.81 -13.74
CA VAL D 410 8.90 15.51 -13.81
C VAL D 410 7.40 15.77 -13.82
N GLY D 411 6.67 14.92 -14.53
CA GLY D 411 5.23 15.06 -14.61
C GLY D 411 4.66 14.02 -15.54
N LYS D 412 3.38 14.14 -15.86
CA LYS D 412 2.79 13.23 -16.83
C LYS D 412 2.59 13.87 -18.19
N GLY D 413 2.15 15.13 -18.24
CA GLY D 413 2.18 15.84 -19.51
C GLY D 413 3.58 16.25 -19.89
N ILE D 414 4.43 16.50 -18.89
CA ILE D 414 5.81 16.90 -19.07
C ILE D 414 6.68 15.67 -18.84
N THR D 415 7.64 15.43 -19.72
CA THR D 415 8.71 14.40 -19.69
C THR D 415 8.21 12.97 -19.83
N MET D 416 6.91 12.70 -19.84
CA MET D 416 6.42 11.34 -19.97
C MET D 416 5.17 11.31 -20.85
N THR D 417 4.76 10.09 -21.19
CA THR D 417 3.46 9.81 -21.78
C THR D 417 2.83 8.68 -20.97
N GLN D 418 1.51 8.53 -21.11
CA GLN D 418 0.77 7.54 -20.33
C GLN D 418 1.17 6.11 -20.70
N ASP D 419 1.63 5.89 -21.93
CA ASP D 419 2.14 4.58 -22.32
C ASP D 419 3.45 4.23 -21.63
N GLU D 420 4.18 5.24 -21.14
CA GLU D 420 5.45 5.00 -20.46
C GLU D 420 5.28 4.73 -18.97
N ILE D 421 4.25 5.28 -18.34
CA ILE D 421 3.93 4.90 -16.97
C ILE D 421 3.47 3.44 -16.91
N ASN D 422 2.70 3.02 -17.92
CA ASN D 422 2.11 1.68 -17.92
C ASN D 422 3.16 0.59 -18.08
N GLN D 423 4.29 0.89 -18.70
CA GLN D 423 5.40 -0.05 -18.76
C GLN D 423 6.38 0.13 -17.61
N GLY D 424 6.05 0.98 -16.64
CA GLY D 424 6.69 0.96 -15.33
C GLY D 424 7.94 1.80 -15.18
N LYS D 425 7.99 2.98 -15.78
CA LYS D 425 9.17 3.82 -15.70
C LYS D 425 8.77 5.27 -15.47
N MET D 426 9.66 6.02 -14.81
CA MET D 426 9.53 7.46 -14.68
C MET D 426 10.73 8.13 -15.32
N ILE D 427 10.49 9.26 -15.97
CA ILE D 427 11.51 9.97 -16.74
C ILE D 427 11.67 11.36 -16.17
N ILE D 428 12.90 11.72 -15.81
CA ILE D 428 13.22 12.95 -15.10
C ILE D 428 14.23 13.71 -15.94
N GLN D 429 14.01 15.01 -16.10
CA GLN D 429 14.95 15.88 -16.80
C GLN D 429 15.66 16.77 -15.80
N VAL D 430 16.96 16.58 -15.66
CA VAL D 430 17.80 17.34 -14.75
C VAL D 430 18.83 18.10 -15.57
N GLY D 431 18.99 19.38 -15.29
CA GLY D 431 20.00 20.18 -15.94
C GLY D 431 20.82 20.92 -14.91
N MET D 432 22.07 21.21 -15.28
CA MET D 432 22.98 21.96 -14.42
C MET D 432 23.80 22.93 -15.25
N ALA D 433 24.52 23.81 -14.55
CA ALA D 433 25.36 24.81 -15.20
C ALA D 433 26.65 24.93 -14.41
N ALA D 434 27.76 24.48 -15.00
CA ALA D 434 29.05 24.48 -14.34
C ALA D 434 29.88 25.68 -14.79
N VAL D 435 30.92 25.99 -14.02
CA VAL D 435 31.82 27.09 -14.29
C VAL D 435 33.13 26.53 -14.83
N ARG D 436 33.74 27.25 -15.80
CA ARG D 436 34.94 26.83 -16.48
C ARG D 436 36.17 27.54 -15.91
N PRO D 437 37.31 26.86 -15.82
CA PRO D 437 38.49 27.48 -15.22
C PRO D 437 39.16 28.49 -16.14
N ALA D 438 39.93 29.38 -15.50
CA ALA D 438 40.75 30.36 -16.21
C ALA D 438 42.13 29.76 -16.44
N GLU D 439 42.44 29.43 -17.68
CA GLU D 439 43.71 28.82 -18.00
C GLU D 439 44.63 29.72 -18.81
N PHE D 440 44.20 30.92 -19.19
CA PHE D 440 45.08 31.84 -19.90
C PHE D 440 45.03 33.19 -19.22
N ILE D 441 46.20 33.72 -18.86
CA ILE D 441 46.32 35.04 -18.25
C ILE D 441 47.26 35.87 -19.10
N ILE D 442 46.74 36.97 -19.66
CA ILE D 442 47.51 37.85 -20.52
C ILE D 442 47.77 39.14 -19.75
N LEU D 443 49.03 39.57 -19.69
CA LEU D 443 49.43 40.65 -18.79
C LEU D 443 49.45 42.03 -19.43
N LYS D 444 49.97 42.18 -20.65
CA LYS D 444 49.89 43.41 -21.45
C LYS D 444 50.52 44.62 -20.74
N PHE D 445 51.84 44.57 -20.57
CA PHE D 445 52.47 45.67 -19.85
C PHE D 445 52.64 46.89 -20.72
N THR D 446 52.90 48.03 -20.07
CA THR D 446 53.21 49.28 -20.74
C THR D 446 53.96 50.17 -19.76
N GLN D 447 54.40 51.33 -20.24
CA GLN D 447 54.96 52.35 -19.36
C GLN D 447 54.51 53.74 -19.75
N ASP D 448 53.33 53.85 -20.37
CA ASP D 448 52.72 55.12 -20.72
C ASP D 448 51.57 55.39 -19.77
N MET D 449 51.56 56.58 -19.17
CA MET D 449 50.48 56.98 -18.27
C MET D 449 50.37 58.50 -18.16
N SER E 4 -48.30 -23.19 14.32
CA SER E 4 -47.79 -23.44 15.66
C SER E 4 -48.45 -22.51 16.67
N ASN E 5 -47.96 -21.28 16.72
CA ASN E 5 -48.48 -20.30 17.67
C ASN E 5 -49.55 -19.41 17.06
N TYR E 6 -49.84 -19.57 15.77
CA TYR E 6 -50.79 -18.68 15.10
C TYR E 6 -52.20 -19.09 15.47
N GLN E 7 -52.81 -18.41 16.44
CA GLN E 7 -54.18 -18.67 16.80
C GLN E 7 -55.10 -17.77 15.99
N THR E 8 -56.06 -18.38 15.31
CA THR E 8 -57.03 -17.64 14.52
C THR E 8 -58.09 -17.00 15.41
N LEU E 9 -59.10 -16.41 14.80
CA LEU E 9 -59.97 -15.53 15.55
C LEU E 9 -61.13 -16.27 16.21
N VAL E 10 -61.56 -17.41 15.65
CA VAL E 10 -62.51 -18.26 16.35
C VAL E 10 -61.82 -18.95 17.53
N ASP E 11 -60.50 -19.14 17.44
CA ASP E 11 -59.74 -19.73 18.53
C ASP E 11 -59.59 -18.78 19.71
N VAL E 12 -59.93 -17.50 19.54
CA VAL E 12 -59.91 -16.57 20.67
C VAL E 12 -61.25 -16.58 21.40
N ASN E 13 -62.35 -16.71 20.66
CA ASN E 13 -63.67 -16.86 21.27
C ASN E 13 -63.77 -18.14 22.10
N ASN E 14 -63.19 -19.23 21.61
CA ASN E 14 -63.14 -20.46 22.40
C ASN E 14 -62.20 -20.30 23.58
N ALA E 15 -61.22 -19.41 23.49
CA ALA E 15 -60.36 -19.12 24.63
C ALA E 15 -61.04 -18.24 25.65
N MET E 16 -62.03 -17.46 25.24
CA MET E 16 -62.83 -16.63 26.14
C MET E 16 -63.98 -17.39 26.77
N ASN E 17 -64.32 -18.57 26.28
CA ASN E 17 -65.37 -19.38 26.88
C ASN E 17 -64.82 -20.37 27.89
N LYS E 18 -63.58 -20.84 27.72
CA LYS E 18 -63.01 -21.74 28.70
C LYS E 18 -62.57 -21.00 29.96
N MET E 19 -62.10 -19.76 29.79
CA MET E 19 -61.65 -18.99 30.94
C MET E 19 -62.79 -18.50 31.80
N LEU E 20 -63.99 -18.40 31.24
CA LEU E 20 -65.08 -17.66 31.86
C LEU E 20 -66.21 -18.58 32.30
N ARG E 21 -66.26 -19.80 31.78
CA ARG E 21 -67.19 -20.79 32.29
C ARG E 21 -66.76 -21.27 33.66
N ALA E 22 -65.46 -21.22 33.94
CA ALA E 22 -64.90 -21.78 35.17
C ALA E 22 -65.24 -20.97 36.42
N TYR E 23 -65.58 -19.70 36.27
CA TYR E 23 -65.89 -18.83 37.40
C TYR E 23 -67.34 -18.41 37.46
N VAL E 24 -67.96 -18.13 36.30
CA VAL E 24 -69.38 -17.85 36.24
C VAL E 24 -70.16 -19.11 36.58
N ASN E 25 -71.28 -18.96 37.28
CA ASN E 25 -72.10 -20.08 37.74
C ASN E 25 -72.60 -20.92 36.57
N GLU E 26 -72.88 -22.19 36.87
CA GLU E 26 -73.07 -23.19 35.84
C GLU E 26 -74.38 -23.04 35.09
N ALA E 27 -75.31 -22.25 35.60
CA ALA E 27 -76.63 -22.12 35.00
C ALA E 27 -76.98 -20.66 34.72
N VAL E 28 -76.05 -19.91 34.12
CA VAL E 28 -76.42 -18.55 33.77
C VAL E 28 -76.63 -18.47 32.26
N ALA E 29 -75.52 -18.29 31.50
CA ALA E 29 -75.23 -18.62 30.10
C ALA E 29 -73.92 -17.93 29.77
N ILE E 30 -73.29 -18.28 28.65
CA ILE E 30 -72.23 -17.47 28.07
C ILE E 30 -72.65 -17.20 26.62
N ARG E 31 -73.05 -15.99 26.34
CA ARG E 31 -73.67 -15.63 25.08
C ARG E 31 -72.69 -14.78 24.27
N PHE E 32 -72.79 -14.82 22.95
CA PHE E 32 -71.84 -14.13 22.09
C PHE E 32 -72.51 -13.19 21.10
N ASP E 33 -73.66 -12.65 21.43
CA ASP E 33 -74.25 -11.58 20.63
C ASP E 33 -74.96 -10.62 21.56
N LEU E 34 -75.52 -9.58 20.98
CA LEU E 34 -76.41 -8.73 21.74
C LEU E 34 -77.83 -9.26 21.61
N PRO E 35 -78.62 -9.27 22.68
CA PRO E 35 -79.95 -9.86 22.60
C PRO E 35 -80.93 -8.96 21.86
N ASP E 36 -81.84 -9.59 21.12
CA ASP E 36 -82.84 -8.83 20.40
C ASP E 36 -83.94 -8.38 21.35
N THR E 40 -88.32 -11.28 24.68
CA THR E 40 -88.48 -12.42 25.58
C THR E 40 -87.21 -13.28 25.56
N GLN E 41 -86.29 -12.97 26.47
CA GLN E 41 -85.00 -13.64 26.48
C GLN E 41 -85.02 -14.90 27.34
N ALA E 42 -85.71 -14.84 28.49
CA ALA E 42 -85.99 -15.97 29.38
C ALA E 42 -84.74 -16.64 29.96
N ASP E 43 -83.60 -15.96 29.92
CA ASP E 43 -82.37 -16.48 30.51
C ASP E 43 -81.41 -15.30 30.67
N ALA E 44 -80.40 -15.48 31.53
CA ALA E 44 -79.63 -14.34 32.03
C ALA E 44 -78.59 -13.85 31.01
N ALA E 45 -77.67 -14.74 30.59
CA ALA E 45 -76.86 -14.55 29.38
C ALA E 45 -75.94 -13.32 29.34
N ILE E 46 -74.80 -13.38 30.02
CA ILE E 46 -73.88 -12.26 30.20
C ILE E 46 -73.32 -11.62 28.91
N SER E 47 -73.37 -12.32 27.78
CA SER E 47 -73.22 -11.72 26.44
C SER E 47 -71.85 -11.05 26.22
N VAL E 48 -70.82 -11.89 26.11
CA VAL E 48 -69.51 -11.44 25.62
C VAL E 48 -69.63 -10.91 24.21
N PHE E 49 -69.15 -9.70 23.98
CA PHE E 49 -69.37 -9.01 22.71
C PHE E 49 -68.06 -8.41 22.22
N LEU E 50 -67.69 -8.75 20.99
CA LEU E 50 -66.49 -8.26 20.31
C LEU E 50 -66.91 -7.08 19.44
N TYR E 51 -66.14 -5.99 19.46
CA TYR E 51 -66.61 -4.81 18.74
C TYR E 51 -65.62 -4.14 17.77
N ASP E 52 -64.30 -4.38 17.85
CA ASP E 52 -63.42 -4.04 16.74
C ASP E 52 -62.15 -4.88 16.77
N ILE E 53 -61.58 -5.13 15.58
CA ILE E 53 -60.45 -6.03 15.38
C ILE E 53 -59.30 -5.25 14.74
N HIS E 54 -59.06 -4.01 15.15
CA HIS E 54 -58.02 -3.22 14.50
C HIS E 54 -56.63 -3.81 14.72
N GLU E 55 -55.76 -3.60 13.74
CA GLU E 55 -54.40 -4.11 13.78
C GLU E 55 -53.56 -3.35 14.78
N ASP E 56 -52.93 -4.07 15.70
CA ASP E 56 -52.10 -3.43 16.74
C ASP E 56 -50.76 -3.06 16.13
N LEU E 57 -50.53 -1.77 15.95
CA LEU E 57 -49.30 -1.33 15.32
C LEU E 57 -48.12 -1.41 16.28
N GLN E 58 -48.37 -1.25 17.58
CA GLN E 58 -47.30 -1.09 18.56
C GLN E 58 -46.52 -2.37 18.84
N LEU E 59 -47.02 -3.52 18.40
CA LEU E 59 -46.35 -4.79 18.64
C LEU E 59 -45.73 -5.40 17.40
N ARG E 60 -45.78 -4.74 16.26
CA ARG E 60 -45.17 -5.30 15.08
C ARG E 60 -43.73 -4.81 14.97
N THR E 61 -42.90 -5.63 14.33
CA THR E 61 -41.46 -5.37 14.24
C THR E 61 -41.00 -5.41 12.80
N ALA E 62 -39.69 -5.40 12.60
CA ALA E 62 -39.09 -5.57 11.28
C ALA E 62 -38.67 -7.03 11.10
N GLU E 63 -39.67 -7.89 11.04
CA GLU E 63 -39.42 -9.32 10.84
C GLU E 63 -38.98 -9.56 9.40
N SER E 64 -38.29 -10.68 9.17
CA SER E 64 -37.51 -10.85 7.96
C SER E 64 -37.90 -12.08 7.14
N ARG E 65 -39.12 -12.59 7.27
CA ARG E 65 -39.73 -13.55 6.32
C ARG E 65 -38.92 -14.85 6.23
N GLY E 66 -39.07 -15.65 7.28
CA GLY E 66 -38.18 -16.79 7.48
C GLY E 66 -38.31 -17.87 6.43
N PHE E 67 -37.25 -18.65 6.33
CA PHE E 67 -36.96 -19.63 5.30
C PHE E 67 -37.09 -21.02 5.92
N ASN E 68 -37.02 -22.08 5.12
CA ASN E 68 -37.12 -23.42 5.68
C ASN E 68 -35.81 -24.20 5.60
N ALA E 69 -35.19 -24.23 4.42
CA ALA E 69 -33.87 -24.78 4.10
C ALA E 69 -33.77 -26.30 4.24
N GLY E 70 -34.83 -26.99 4.66
CA GLY E 70 -34.86 -28.43 4.60
C GLY E 70 -35.81 -28.83 3.49
N ALA E 71 -36.92 -28.11 3.39
CA ALA E 71 -37.79 -28.24 2.24
C ALA E 71 -37.66 -27.07 1.27
N GLY E 72 -36.92 -26.03 1.64
CA GLY E 72 -36.67 -24.92 0.76
C GLY E 72 -37.91 -24.14 0.45
N ARG E 73 -38.48 -23.44 1.44
CA ARG E 73 -39.73 -22.73 1.26
C ARG E 73 -39.77 -21.54 2.19
N LEU E 74 -40.33 -20.43 1.72
CA LEU E 74 -40.53 -19.27 2.58
C LEU E 74 -41.86 -19.39 3.31
N LEU E 75 -41.84 -19.08 4.60
CA LEU E 75 -42.84 -19.15 5.65
C LEU E 75 -43.70 -17.89 5.64
N PRO E 76 -45.01 -17.99 5.84
CA PRO E 76 -45.88 -16.81 5.72
C PRO E 76 -45.74 -15.85 6.90
N GLY E 77 -45.52 -14.58 6.59
CA GLY E 77 -45.22 -13.58 7.61
C GLY E 77 -46.43 -12.87 8.20
N TRP E 78 -46.75 -13.20 9.45
CA TRP E 78 -48.06 -13.00 10.06
C TRP E 78 -48.39 -11.53 10.27
N VAL E 79 -49.58 -11.30 10.81
CA VAL E 79 -49.99 -10.01 11.35
C VAL E 79 -50.66 -10.29 12.68
N ASN E 80 -50.75 -9.27 13.52
CA ASN E 80 -51.28 -9.45 14.87
C ASN E 80 -52.26 -8.34 15.24
N VAL E 81 -53.53 -8.72 15.38
CA VAL E 81 -54.62 -7.80 15.56
C VAL E 81 -55.08 -7.87 17.01
N LYS E 82 -55.88 -6.89 17.42
CA LYS E 82 -56.30 -6.69 18.80
C LYS E 82 -57.82 -6.75 18.86
N CYS E 83 -58.36 -7.54 19.78
CA CYS E 83 -59.71 -8.08 19.64
C CYS E 83 -60.81 -7.32 20.38
N ASN E 84 -60.55 -6.76 21.58
CA ASN E 84 -61.40 -5.76 22.24
C ASN E 84 -62.82 -6.28 22.54
N TYR E 85 -62.92 -7.22 23.47
CA TYR E 85 -64.24 -7.68 23.91
C TYR E 85 -64.84 -6.68 24.89
N LEU E 86 -66.14 -6.82 25.17
CA LEU E 86 -66.72 -6.21 26.37
C LEU E 86 -67.86 -7.07 26.88
N ILE E 87 -67.90 -7.28 28.19
CA ILE E 87 -68.80 -8.23 28.84
C ILE E 87 -69.82 -7.47 29.67
N THR E 88 -71.10 -7.80 29.51
CA THR E 88 -72.21 -7.15 30.17
C THR E 88 -72.99 -8.17 31.00
N TYR E 89 -74.27 -7.89 31.23
CA TYR E 89 -75.18 -8.77 31.97
C TYR E 89 -76.63 -8.40 31.72
N TRP E 90 -77.21 -8.96 30.67
CA TRP E 90 -78.59 -8.71 30.23
C TRP E 90 -79.78 -9.12 31.11
N GLU E 91 -79.68 -10.27 31.78
CA GLU E 91 -80.75 -10.81 32.64
C GLU E 91 -82.04 -11.05 31.87
N SER E 92 -83.15 -10.52 32.38
CA SER E 92 -84.47 -10.67 31.77
C SER E 92 -84.78 -12.13 31.46
N PRO E 102 -88.43 -6.61 42.96
CA PRO E 102 -87.29 -6.42 42.05
C PRO E 102 -85.99 -7.00 42.59
N ASP E 103 -84.94 -6.91 41.78
CA ASP E 103 -83.62 -7.40 42.17
C ASP E 103 -82.87 -6.45 43.09
N SER E 104 -83.41 -5.25 43.30
CA SER E 104 -82.65 -4.07 43.73
C SER E 104 -82.25 -4.18 45.19
N GLN E 105 -81.11 -4.81 45.43
CA GLN E 105 -80.48 -4.95 46.73
C GLN E 105 -78.99 -4.75 46.51
N PRO E 106 -78.22 -4.43 47.56
CA PRO E 106 -76.76 -4.38 47.39
C PRO E 106 -76.14 -5.71 47.03
N ASP E 107 -76.76 -6.82 47.44
CA ASP E 107 -76.39 -8.15 46.98
C ASP E 107 -77.35 -8.55 45.88
N ASN E 108 -77.14 -7.96 44.69
CA ASN E 108 -77.91 -8.25 43.51
C ASN E 108 -77.70 -9.69 43.04
N GLN E 109 -78.62 -10.14 42.20
CA GLN E 109 -78.30 -11.26 41.32
C GLN E 109 -77.43 -10.78 40.16
N ALA E 110 -77.61 -9.52 39.77
CA ALA E 110 -76.89 -8.95 38.63
C ALA E 110 -75.46 -8.60 38.95
N ILE E 111 -75.09 -8.46 40.23
CA ILE E 111 -73.74 -8.07 40.58
C ILE E 111 -72.98 -9.18 41.29
N GLN E 112 -73.66 -10.24 41.73
CA GLN E 112 -72.91 -11.42 42.11
C GLN E 112 -72.58 -12.29 40.89
N VAL E 113 -73.10 -11.94 39.72
CA VAL E 113 -72.62 -12.50 38.47
C VAL E 113 -71.51 -11.64 37.89
N MET E 114 -71.63 -10.32 37.98
CA MET E 114 -70.53 -9.46 37.53
C MET E 114 -69.38 -9.42 38.52
N SER E 115 -69.53 -10.04 39.69
CA SER E 115 -68.39 -10.22 40.60
C SER E 115 -67.57 -11.43 40.22
N GLN E 116 -68.15 -12.41 39.57
CA GLN E 116 -67.43 -13.58 39.12
C GLN E 116 -67.11 -13.52 37.64
N VAL E 117 -67.53 -12.46 36.95
CA VAL E 117 -66.99 -12.18 35.63
C VAL E 117 -65.62 -11.53 35.74
N LEU E 118 -65.50 -10.47 36.55
CA LEU E 118 -64.21 -9.82 36.66
C LEU E 118 -63.23 -10.66 37.46
N ALA E 119 -63.70 -11.52 38.35
CA ALA E 119 -62.80 -12.46 39.02
C ALA E 119 -62.20 -13.45 38.04
N ALA E 120 -62.92 -13.77 36.96
CA ALA E 120 -62.34 -14.57 35.89
C ALA E 120 -61.34 -13.79 35.07
N LEU E 121 -61.57 -12.49 34.90
CA LEU E 121 -60.67 -11.67 34.11
C LEU E 121 -59.39 -11.37 34.89
N ILE E 122 -59.54 -11.12 36.19
CA ILE E 122 -58.42 -10.79 37.07
C ILE E 122 -57.44 -11.94 37.16
N ASN E 123 -57.96 -13.17 37.18
CA ASN E 123 -57.11 -14.35 37.26
C ASN E 123 -56.48 -14.71 35.91
N ASN E 124 -57.13 -14.37 34.80
CA ASN E 124 -56.63 -14.70 33.47
C ASN E 124 -56.01 -13.47 32.82
N ARG E 125 -54.80 -13.12 33.27
CA ARG E 125 -53.94 -12.22 32.52
C ARG E 125 -53.10 -12.97 31.49
N GLN E 126 -53.37 -14.26 31.30
CA GLN E 126 -52.64 -15.10 30.36
C GLN E 126 -53.56 -16.28 30.09
N LEU E 127 -54.08 -16.37 28.87
CA LEU E 127 -55.20 -17.27 28.60
C LEU E 127 -54.77 -18.71 28.33
N ALA E 128 -55.68 -19.50 27.75
CA ALA E 128 -55.27 -20.72 27.04
C ALA E 128 -54.34 -20.38 25.87
N ASP E 129 -54.52 -19.22 25.26
CA ASP E 129 -53.51 -18.64 24.38
C ASP E 129 -52.40 -18.06 25.23
N ILE E 130 -51.39 -18.86 25.58
CA ILE E 130 -50.38 -18.41 26.52
C ILE E 130 -49.38 -17.45 25.90
N GLY E 132 -49.40 -17.24 24.59
CA GLY E 132 -48.51 -16.29 23.96
C GLY E 132 -49.20 -15.06 23.43
N ALA E 133 -50.23 -14.60 24.11
CA ALA E 133 -50.98 -13.42 23.71
C ALA E 133 -50.39 -12.18 24.40
N TYR E 134 -51.12 -11.07 24.36
CA TYR E 134 -50.74 -9.88 25.11
C TYR E 134 -52.02 -9.17 25.50
N THR E 135 -52.35 -9.16 26.79
CA THR E 135 -53.67 -8.80 27.27
C THR E 135 -53.62 -7.55 28.14
N GLN E 136 -54.55 -6.62 27.89
CA GLN E 136 -54.92 -5.58 28.83
C GLN E 136 -56.26 -5.96 29.43
N VAL E 137 -56.34 -6.01 30.76
CA VAL E 137 -57.47 -6.68 31.40
C VAL E 137 -58.69 -5.77 31.46
N MET E 138 -58.61 -4.68 32.21
CA MET E 138 -59.71 -3.72 32.27
C MET E 138 -59.12 -2.32 32.20
N PRO E 139 -58.89 -1.81 30.99
CA PRO E 139 -58.23 -0.52 30.85
C PRO E 139 -59.14 0.62 31.26
N PRO E 140 -58.57 1.77 31.61
CA PRO E 140 -59.40 2.90 32.06
C PRO E 140 -60.01 3.75 30.95
N LYS E 141 -60.11 3.22 29.73
CA LYS E 141 -60.25 4.07 28.55
C LYS E 141 -61.64 4.68 28.38
N GLU E 142 -62.71 4.02 28.83
CA GLU E 142 -64.02 4.56 28.55
C GLU E 142 -64.39 5.69 29.52
N ASN E 143 -65.42 6.45 29.14
CA ASN E 143 -65.80 7.68 29.82
C ASN E 143 -67.32 7.76 29.83
N LEU E 144 -67.86 8.55 30.76
CA LEU E 144 -69.31 8.71 30.87
C LEU E 144 -69.90 9.39 29.65
N ASN E 145 -69.11 10.22 28.95
CA ASN E 145 -69.52 10.69 27.63
C ASN E 145 -69.56 9.54 26.64
N SER E 146 -68.54 8.70 26.64
CA SER E 146 -68.46 7.63 25.66
C SER E 146 -69.36 6.46 26.02
N LEU E 147 -69.53 6.17 27.31
CA LEU E 147 -70.51 5.17 27.73
C LEU E 147 -71.93 5.63 27.44
N GLY E 148 -72.19 6.93 27.53
CA GLY E 148 -73.49 7.45 27.21
C GLY E 148 -73.90 7.33 25.77
N ASN E 149 -72.93 7.23 24.86
CA ASN E 149 -73.28 6.98 23.47
C ASN E 149 -73.59 5.51 23.24
N PHE E 150 -72.81 4.63 23.85
CA PHE E 150 -73.05 3.18 23.72
C PHE E 150 -74.34 2.76 24.38
N TRP E 151 -74.71 3.40 25.49
CA TRP E 151 -75.97 3.09 26.17
C TRP E 151 -77.19 3.53 25.37
N GLN E 152 -77.02 4.41 24.38
CA GLN E 152 -78.12 4.78 23.49
C GLN E 152 -78.24 3.83 22.32
N SER E 153 -77.10 3.39 21.76
CA SER E 153 -77.13 2.46 20.63
C SER E 153 -77.61 1.08 21.02
N LEU E 154 -77.58 0.76 22.30
CA LEU E 154 -78.30 -0.41 22.79
C LEU E 154 -79.81 -0.22 22.74
N GLY E 155 -80.29 1.01 22.74
CA GLY E 155 -81.72 1.25 22.73
C GLY E 155 -82.19 1.90 24.01
N ASN E 156 -81.33 2.75 24.58
CA ASN E 156 -81.56 3.49 25.82
C ASN E 156 -81.81 2.54 26.99
N ARG E 157 -80.79 1.76 27.33
CA ARG E 157 -80.78 1.00 28.56
C ARG E 157 -79.34 0.83 29.07
N PRO E 158 -78.96 1.55 30.11
CA PRO E 158 -77.60 1.46 30.63
C PRO E 158 -77.35 0.19 31.42
N ARG E 159 -76.12 -0.31 31.30
CA ARG E 159 -75.65 -1.47 32.04
C ARG E 159 -74.25 -1.21 32.57
N LEU E 160 -73.72 -2.22 33.23
CA LEU E 160 -72.33 -2.24 33.69
C LEU E 160 -71.55 -3.21 32.81
N SER E 161 -70.58 -2.67 32.05
CA SER E 161 -69.80 -3.46 31.13
C SER E 161 -68.34 -3.50 31.56
N LEU E 162 -67.64 -4.55 31.12
CA LEU E 162 -66.24 -4.76 31.47
C LEU E 162 -65.48 -5.03 30.18
N ASN E 163 -64.68 -4.06 29.73
CA ASN E 163 -63.89 -4.24 28.53
C ASN E 163 -62.67 -5.11 28.81
N TYR E 164 -62.16 -5.74 27.76
CA TYR E 164 -61.09 -6.74 27.89
C TYR E 164 -60.41 -6.89 26.54
N CYS E 165 -59.12 -6.61 26.49
CA CYS E 165 -58.38 -6.48 25.25
C CYS E 165 -57.36 -7.62 25.12
N VAL E 166 -57.29 -8.22 23.94
CA VAL E 166 -56.38 -9.34 23.64
C VAL E 166 -55.81 -9.14 22.25
N THR E 167 -54.49 -9.23 22.11
CA THR E 167 -53.92 -9.36 20.78
C THR E 167 -53.41 -10.78 20.58
N VAL E 168 -53.26 -11.16 19.31
CA VAL E 168 -53.00 -12.54 18.92
C VAL E 168 -52.47 -12.52 17.49
N PRO E 169 -51.50 -13.35 17.12
CA PRO E 169 -51.05 -13.38 15.73
C PRO E 169 -51.96 -14.25 14.86
N ILE E 170 -52.18 -13.79 13.64
CA ILE E 170 -52.94 -14.52 12.64
C ILE E 170 -52.09 -14.63 11.39
N SER E 171 -51.82 -15.85 10.95
CA SER E 171 -50.90 -16.08 9.86
C SER E 171 -51.55 -15.80 8.51
N LEU E 172 -50.71 -15.51 7.53
CA LEU E 172 -51.16 -15.17 6.19
C LEU E 172 -51.61 -16.43 5.46
N SER E 173 -51.86 -16.28 4.17
CA SER E 173 -52.12 -17.45 3.34
C SER E 173 -50.81 -18.20 3.11
N ASP E 174 -50.95 -19.46 2.71
CA ASP E 174 -49.80 -20.35 2.52
C ASP E 174 -49.78 -20.80 1.07
N LYS E 175 -48.72 -20.42 0.36
CA LYS E 175 -48.42 -20.96 -0.95
C LYS E 175 -46.98 -21.44 -0.98
N GLY E 176 -46.67 -22.30 -1.93
CA GLY E 176 -45.32 -22.79 -2.02
C GLY E 176 -44.40 -21.80 -2.71
N GLU E 177 -43.59 -21.11 -1.92
CA GLU E 177 -42.67 -20.13 -2.50
C GLU E 177 -41.53 -20.82 -3.23
N GLU E 178 -40.91 -21.81 -2.59
CA GLU E 178 -39.90 -22.70 -3.16
C GLU E 178 -38.68 -21.94 -3.67
N MET E 179 -37.97 -21.32 -2.75
CA MET E 179 -36.59 -20.93 -3.00
C MET E 179 -35.66 -22.06 -2.63
N THR E 180 -34.42 -21.96 -3.08
CA THR E 180 -33.43 -22.98 -2.80
C THR E 180 -32.32 -22.41 -1.93
N PRO E 181 -31.72 -23.21 -1.06
CA PRO E 181 -30.57 -22.73 -0.28
C PRO E 181 -29.32 -22.59 -1.15
N VAL E 182 -28.30 -21.98 -0.56
CA VAL E 182 -27.14 -21.58 -1.34
C VAL E 182 -26.18 -22.75 -1.57
N LYS E 183 -25.62 -23.32 -0.50
CA LYS E 183 -24.88 -24.57 -0.48
C LYS E 183 -23.54 -24.58 -1.22
N SER E 184 -23.22 -23.52 -1.97
CA SER E 184 -21.96 -23.40 -2.72
C SER E 184 -21.83 -21.97 -3.21
N LEU E 185 -20.59 -21.54 -3.40
CA LEU E 185 -20.33 -20.13 -3.67
C LEU E 185 -19.03 -20.00 -4.43
N SER E 186 -19.07 -19.30 -5.56
CA SER E 186 -17.92 -19.11 -6.43
C SER E 186 -17.56 -17.64 -6.47
N THR E 187 -16.27 -17.35 -6.36
CA THR E 187 -15.77 -15.99 -6.37
C THR E 187 -14.57 -15.93 -7.29
N THR E 188 -14.63 -15.05 -8.30
CA THR E 188 -13.56 -14.90 -9.27
C THR E 188 -13.24 -13.43 -9.42
N VAL E 189 -11.98 -13.07 -9.19
CA VAL E 189 -11.53 -11.69 -9.23
C VAL E 189 -10.51 -11.52 -10.36
N GLU E 190 -10.78 -10.57 -11.26
CA GLU E 190 -10.07 -10.34 -12.49
C GLU E 190 -9.58 -8.90 -12.57
N PRO E 191 -8.48 -8.64 -13.28
CA PRO E 191 -7.99 -7.26 -13.37
C PRO E 191 -8.86 -6.43 -14.28
N LYS E 192 -8.93 -5.14 -13.98
CA LYS E 192 -9.69 -4.22 -14.81
C LYS E 192 -8.88 -2.95 -15.02
N ALA E 193 -9.36 -2.12 -15.93
CA ALA E 193 -8.81 -0.82 -16.16
C ALA E 193 -9.37 0.18 -15.15
N PRO E 194 -8.67 1.29 -14.88
CA PRO E 194 -9.16 2.26 -13.89
C PRO E 194 -10.27 3.19 -14.38
N LEU E 195 -10.95 2.81 -15.45
CA LEU E 195 -12.10 3.57 -15.91
C LEU E 195 -13.29 3.39 -14.97
N SER E 196 -13.94 4.50 -14.61
CA SER E 196 -15.26 4.43 -14.00
C SER E 196 -16.30 4.19 -15.08
N PRO E 197 -17.49 3.72 -14.70
CA PRO E 197 -18.62 3.78 -15.63
C PRO E 197 -19.00 5.20 -16.01
N LEU E 198 -18.69 6.19 -15.18
CA LEU E 198 -18.89 7.58 -15.59
C LEU E 198 -17.89 7.99 -16.66
N VAL E 199 -16.62 7.56 -16.51
CA VAL E 199 -15.60 7.91 -17.48
C VAL E 199 -15.84 7.15 -18.78
N ILE E 200 -16.47 5.98 -18.71
CA ILE E 200 -16.83 5.24 -19.91
C ILE E 200 -17.99 5.92 -20.64
N THR E 201 -19.09 6.23 -19.93
CA THR E 201 -20.29 6.81 -20.55
C THR E 201 -20.01 8.16 -21.19
N ASP E 202 -19.29 9.05 -20.49
CA ASP E 202 -19.05 10.35 -21.08
C ASP E 202 -17.94 10.32 -22.12
N ALA E 203 -17.31 9.17 -22.35
CA ALA E 203 -16.43 9.04 -23.49
C ALA E 203 -17.17 8.52 -24.71
N LEU E 204 -18.20 7.69 -24.49
CA LEU E 204 -19.05 7.23 -25.59
C LEU E 204 -19.96 8.30 -26.14
N ARG E 205 -20.12 9.43 -25.45
CA ARG E 205 -20.98 10.46 -26.01
C ARG E 205 -20.26 11.28 -27.05
N GLU E 206 -19.06 11.80 -26.76
CA GLU E 206 -18.35 12.51 -27.81
C GLU E 206 -17.50 11.60 -28.68
N GLN E 207 -17.71 10.30 -28.50
CA GLN E 207 -17.13 9.30 -29.38
C GLN E 207 -18.21 9.12 -30.44
N LEU E 208 -19.46 9.03 -30.00
CA LEU E 208 -20.63 8.95 -30.86
C LEU E 208 -20.89 10.26 -31.60
N ARG E 209 -20.73 11.38 -30.92
CA ARG E 209 -20.91 12.70 -31.52
C ARG E 209 -20.02 12.87 -32.74
N VAL E 210 -18.80 12.33 -32.69
CA VAL E 210 -17.92 12.40 -33.86
C VAL E 210 -18.30 11.31 -34.86
N ALA E 211 -19.11 10.35 -34.44
CA ALA E 211 -19.55 9.29 -35.33
C ALA E 211 -20.60 9.77 -36.30
N LEU E 212 -21.24 10.90 -36.01
CA LEU E 212 -22.18 11.49 -36.93
C LEU E 212 -21.45 12.32 -37.99
N ASP E 217 -24.90 19.91 -35.79
CA ASP E 217 -26.25 19.67 -35.31
C ASP E 217 -26.38 18.33 -34.59
N ALA E 218 -25.28 17.57 -34.59
CA ALA E 218 -25.28 16.26 -33.96
C ALA E 218 -25.28 16.38 -32.44
N CYS E 219 -24.71 17.46 -31.92
CA CYS E 219 -24.78 17.72 -30.48
C CYS E 219 -26.20 18.02 -30.05
N LEU E 220 -26.99 18.64 -30.94
CA LEU E 220 -28.39 18.89 -30.66
C LEU E 220 -29.20 17.60 -30.80
N ALA E 221 -28.71 16.67 -31.63
CA ALA E 221 -29.48 15.46 -31.91
C ALA E 221 -29.45 14.50 -30.74
N MET E 222 -28.26 14.13 -30.28
CA MET E 222 -28.12 13.14 -29.22
C MET E 222 -28.07 13.79 -27.83
N THR E 223 -28.78 14.89 -27.65
CA THR E 223 -28.85 15.57 -26.37
C THR E 223 -29.60 14.72 -25.34
N HIS E 224 -30.73 14.15 -25.72
CA HIS E 224 -31.60 13.47 -24.76
C HIS E 224 -31.49 11.94 -24.81
N VAL E 225 -30.39 11.41 -25.35
CA VAL E 225 -30.07 10.00 -25.16
C VAL E 225 -29.07 9.91 -24.02
N ASN E 226 -29.09 8.78 -23.31
CA ASN E 226 -28.39 8.73 -22.04
C ASN E 226 -27.33 7.66 -21.97
N LEU E 227 -27.68 6.40 -22.32
CA LEU E 227 -26.75 5.27 -22.50
C LEU E 227 -25.91 5.00 -21.23
N ASP E 228 -26.61 4.51 -20.21
CA ASP E 228 -25.94 4.07 -18.99
C ASP E 228 -25.09 2.82 -19.26
N SER E 229 -24.02 2.68 -18.49
CA SER E 229 -23.09 1.57 -18.64
C SER E 229 -22.93 0.80 -17.34
N SER E 230 -22.69 -0.51 -17.46
CA SER E 230 -22.32 -1.35 -16.35
C SER E 230 -21.24 -2.30 -16.84
N PRO E 231 -20.10 -2.40 -16.15
CA PRO E 231 -18.98 -3.23 -16.63
C PRO E 231 -19.25 -4.72 -16.44
N VAL E 232 -19.24 -5.46 -17.55
CA VAL E 232 -19.30 -6.91 -17.52
C VAL E 232 -17.98 -7.43 -16.97
N ALA E 233 -18.03 -8.64 -16.38
CA ALA E 233 -16.91 -9.17 -15.61
C ALA E 233 -15.68 -9.47 -16.47
N ASN E 234 -15.88 -9.81 -17.75
CA ASN E 234 -14.81 -10.05 -18.72
C ASN E 234 -13.87 -11.17 -18.24
N SER E 235 -14.39 -12.40 -18.30
CA SER E 235 -13.90 -13.64 -17.71
C SER E 235 -12.38 -13.81 -17.66
N ASP E 236 -11.68 -13.36 -18.69
CA ASP E 236 -10.22 -13.22 -18.67
C ASP E 236 -9.89 -11.79 -19.08
N GLY E 237 -9.90 -10.88 -18.09
CA GLY E 237 -9.61 -9.49 -18.34
C GLY E 237 -8.12 -9.23 -18.40
N SER E 238 -7.77 -7.96 -18.29
CA SER E 238 -6.38 -7.55 -18.22
C SER E 238 -6.31 -6.24 -17.45
N ALA E 239 -5.10 -5.66 -17.37
CA ALA E 239 -4.97 -4.36 -16.73
C ALA E 239 -5.57 -3.27 -17.60
N ALA E 240 -5.61 -3.49 -18.90
CA ALA E 240 -6.41 -2.71 -19.83
C ALA E 240 -7.76 -3.41 -19.99
N GLU E 241 -8.51 -3.07 -21.04
CA GLU E 241 -9.60 -3.90 -21.57
C GLU E 241 -10.76 -4.10 -20.58
N ILE E 242 -11.46 -3.01 -20.29
CA ILE E 242 -12.73 -3.14 -19.59
C ILE E 242 -13.79 -3.50 -20.62
N ARG E 243 -14.78 -4.30 -20.20
CA ARG E 243 -15.84 -4.76 -21.08
C ARG E 243 -17.17 -4.40 -20.44
N VAL E 244 -18.08 -3.82 -21.23
CA VAL E 244 -19.19 -3.02 -20.74
C VAL E 244 -20.47 -3.41 -21.47
N SER E 245 -21.55 -3.62 -20.72
CA SER E 245 -22.87 -3.77 -21.33
C SER E 245 -23.61 -2.44 -21.25
N LEU E 246 -24.00 -1.92 -22.40
CA LEU E 246 -24.76 -0.68 -22.48
C LEU E 246 -26.25 -0.96 -22.33
N ARG E 247 -27.00 0.09 -22.03
CA ARG E 247 -28.42 0.18 -22.34
C ARG E 247 -28.70 1.64 -22.69
N VAL E 248 -29.17 1.87 -23.91
CA VAL E 248 -29.41 3.22 -24.40
C VAL E 248 -30.89 3.52 -24.25
N TYR E 249 -31.20 4.66 -23.66
CA TYR E 249 -32.58 5.05 -23.40
C TYR E 249 -32.68 6.56 -23.51
N GLY E 250 -33.88 7.04 -23.84
CA GLY E 250 -34.05 8.48 -23.93
C GLY E 250 -34.94 8.94 -25.06
N MET E 251 -34.41 9.81 -25.93
CA MET E 251 -35.17 10.42 -27.01
C MET E 251 -34.19 11.02 -28.01
N THR E 252 -34.55 10.94 -29.29
CA THR E 252 -33.73 11.43 -30.38
C THR E 252 -34.66 11.95 -31.45
N PRO E 253 -34.17 12.79 -32.38
CA PRO E 253 -35.01 13.19 -33.52
C PRO E 253 -35.34 12.03 -34.43
N THR E 254 -36.19 12.34 -35.41
CA THR E 254 -36.77 11.33 -36.30
C THR E 254 -35.71 10.71 -37.20
N GLU E 255 -34.89 11.54 -37.83
CA GLU E 255 -33.99 11.04 -38.86
C GLU E 255 -32.73 10.40 -38.27
N TYR E 256 -32.35 10.80 -37.05
CA TYR E 256 -31.04 10.39 -36.54
C TYR E 256 -31.06 9.02 -35.88
N LEU E 257 -32.23 8.42 -35.67
CA LEU E 257 -32.26 7.11 -35.03
C LEU E 257 -31.73 6.04 -35.97
N ALA E 258 -31.84 6.25 -37.27
CA ALA E 258 -31.35 5.25 -38.23
C ALA E 258 -29.83 5.22 -38.37
N PRO E 259 -29.07 6.32 -38.43
CA PRO E 259 -27.61 6.16 -38.44
C PRO E 259 -27.03 5.70 -37.10
N MET E 260 -27.74 5.95 -35.99
CA MET E 260 -27.24 5.53 -34.69
C MET E 260 -27.35 4.02 -34.51
N ASN E 261 -28.24 3.38 -35.27
CA ASN E 261 -28.37 1.93 -35.16
C ASN E 261 -27.19 1.22 -35.80
N THR E 262 -26.50 1.88 -36.73
CA THR E 262 -25.31 1.27 -37.34
C THR E 262 -24.11 1.38 -36.40
N VAL E 263 -23.96 2.51 -35.73
CA VAL E 263 -22.81 2.69 -34.83
C VAL E 263 -23.02 1.90 -33.55
N PHE E 264 -24.27 1.53 -33.25
CA PHE E 264 -24.52 0.59 -32.17
C PHE E 264 -24.14 -0.82 -32.60
N ASN E 265 -24.40 -1.17 -33.85
CA ASN E 265 -24.24 -2.55 -34.30
C ASN E 265 -22.78 -2.87 -34.54
N GLU E 266 -21.96 -1.87 -34.84
CA GLU E 266 -20.54 -2.12 -35.00
C GLU E 266 -19.82 -2.14 -33.66
N TRP E 267 -20.38 -1.47 -32.67
CA TRP E 267 -19.83 -1.53 -31.32
C TRP E 267 -20.02 -2.92 -30.71
N GLU E 268 -21.18 -3.50 -30.98
CA GLU E 268 -21.54 -4.81 -30.43
C GLU E 268 -20.60 -5.91 -30.85
N LYS E 269 -20.18 -5.90 -32.11
CA LYS E 269 -19.24 -6.90 -32.61
C LYS E 269 -18.11 -6.20 -33.34
N SER E 270 -17.15 -5.68 -32.57
CA SER E 270 -16.03 -4.97 -33.15
C SER E 270 -14.68 -5.61 -32.85
N GLU E 271 -13.85 -5.68 -33.87
CA GLU E 271 -12.52 -6.25 -33.75
C GLU E 271 -11.65 -5.45 -32.79
N ALA E 272 -11.78 -4.13 -32.80
CA ALA E 272 -10.95 -3.34 -31.90
C ALA E 272 -11.74 -2.37 -31.05
N ALA E 273 -12.51 -2.95 -30.14
CA ALA E 273 -13.26 -2.21 -29.15
C ALA E 273 -14.18 -1.10 -29.68
N ALA E 274 -14.08 0.04 -29.03
CA ALA E 274 -14.84 1.25 -29.30
C ALA E 274 -13.94 2.42 -28.91
N VAL E 275 -14.53 3.57 -28.60
CA VAL E 275 -13.71 4.69 -28.22
C VAL E 275 -12.96 4.29 -26.96
N THR E 276 -11.65 4.46 -26.95
CA THR E 276 -10.83 4.12 -25.79
C THR E 276 -10.11 5.36 -25.31
N PRO E 277 -10.15 5.63 -24.00
CA PRO E 277 -9.46 6.82 -23.51
C PRO E 277 -8.11 6.44 -22.96
N ASP E 278 -7.05 7.02 -23.51
CA ASP E 278 -5.66 6.81 -23.07
C ASP E 278 -5.19 5.36 -22.90
N GLY E 279 -5.53 4.52 -23.88
CA GLY E 279 -5.13 3.12 -23.90
C GLY E 279 -5.96 2.08 -23.16
N TYR E 280 -7.03 2.52 -22.51
CA TYR E 280 -7.89 1.57 -21.79
C TYR E 280 -8.68 0.54 -22.65
N ARG E 281 -9.20 1.00 -23.79
CA ARG E 281 -9.95 0.13 -24.69
C ARG E 281 -11.29 -0.42 -24.22
N VAL E 282 -12.27 0.43 -23.96
CA VAL E 282 -13.56 -0.08 -23.52
C VAL E 282 -14.20 -0.96 -24.60
N TYR E 283 -14.78 -2.09 -24.20
CA TYR E 283 -15.43 -3.05 -25.11
C TYR E 283 -16.92 -3.11 -24.81
N ILE E 284 -17.72 -3.54 -25.78
CA ILE E 284 -19.17 -3.53 -25.64
C ILE E 284 -19.74 -4.88 -26.06
N ASN E 285 -20.65 -5.40 -25.25
CA ASN E 285 -21.34 -6.63 -25.57
C ASN E 285 -22.75 -6.36 -26.12
N ALA E 286 -23.54 -5.56 -25.41
CA ALA E 286 -24.90 -5.27 -25.88
C ALA E 286 -25.32 -3.81 -25.87
N VAL E 287 -25.64 -3.29 -27.05
CA VAL E 287 -26.11 -1.91 -27.19
C VAL E 287 -27.47 -1.70 -26.56
N ASP E 288 -28.31 -2.73 -26.69
CA ASP E 288 -29.69 -2.85 -26.20
C ASP E 288 -30.72 -1.94 -26.90
N LYS E 289 -30.61 -0.62 -26.70
CA LYS E 289 -31.43 0.39 -27.37
C LYS E 289 -32.97 0.21 -27.38
N THR E 290 -33.55 -0.30 -26.31
CA THR E 290 -35.00 -0.50 -26.26
C THR E 290 -35.85 0.78 -26.23
N ASP E 291 -35.37 1.74 -25.46
CA ASP E 291 -36.05 3.00 -25.18
C ASP E 291 -35.73 4.28 -25.96
N LEU E 292 -35.04 4.19 -27.09
CA LEU E 292 -34.72 5.42 -27.80
C LEU E 292 -35.97 6.20 -28.24
N THR E 293 -36.95 5.51 -28.81
CA THR E 293 -38.22 6.15 -29.17
C THR E 293 -38.13 7.46 -29.97
N GLY E 294 -37.48 7.45 -31.13
CA GLY E 294 -37.41 8.66 -31.93
C GLY E 294 -38.79 9.20 -32.25
N ILE E 295 -38.95 10.50 -32.09
CA ILE E 295 -40.25 11.15 -32.15
C ILE E 295 -40.81 11.14 -33.58
#